data_1BDX
# 
_entry.id   1BDX 
# 
_audit_conform.dict_name       mmcif_pdbx.dic 
_audit_conform.dict_version    5.375 
_audit_conform.dict_location   http://mmcif.pdb.org/dictionaries/ascii/mmcif_pdbx.dic 
# 
loop_
_database_2.database_id 
_database_2.database_code 
_database_2.pdbx_database_accession 
_database_2.pdbx_DOI 
PDB   1BDX         pdb_00001bdx 10.2210/pdb1bdx/pdb 
RCSB  PD0098       ?            ?                   
WWPDB D_1000171639 ?            ?                   
# 
_pdbx_database_status.status_code                     REL 
_pdbx_database_status.entry_id                        1BDX 
_pdbx_database_status.recvd_initial_deposition_date   1998-05-11 
_pdbx_database_status.deposit_site                    RCSB 
_pdbx_database_status.process_site                    RCSB 
_pdbx_database_status.SG_entry                        . 
_pdbx_database_status.pdb_format_compatible           Y 
_pdbx_database_status.status_code_mr                  ? 
_pdbx_database_status.status_code_sf                  ? 
_pdbx_database_status.status_code_cs                  ? 
_pdbx_database_status.methods_development_category    ? 
_pdbx_database_status.status_code_nmr_data            ? 
# 
loop_
_audit_author.name 
_audit_author.pdbx_ordinal 
'Hargreaves, D.'    1 
'Rice, D.W.'        2 
'Sedelnikova, S.E.' 3 
'Artymiuk, P.J.'    4 
'Lloyd, R.G.'       5 
'Rafferty, J.B.'    6 
# 
loop_
_citation.id 
_citation.title 
_citation.journal_abbrev 
_citation.journal_volume 
_citation.page_first 
_citation.page_last 
_citation.year 
_citation.journal_id_ASTM 
_citation.country 
_citation.journal_id_ISSN 
_citation.journal_id_CSD 
_citation.book_publisher 
_citation.pdbx_database_id_PubMed 
_citation.pdbx_database_id_DOI 
primary 'Crystal structure of E.coli RuvA with bound DNA Holliday junction at 6 A resolution.'                     
Nat.Struct.Biol. 5   441 446 1998 NSBIEW US 1072-8368 2024 ? 9628481 10.1038/nsb0698-441 
1       'Crystal Structure of DNA Recombination Protein Ruva and a Model for its Binding to the Holliday Junction' Science 274 415 
?   1996 SCIEAS US 0036-8075 0038 ? ?       ?                   
# 
loop_
_citation_author.citation_id 
_citation_author.name 
_citation_author.ordinal 
_citation_author.identifier_ORCID 
primary 'Hargreaves, D.'    1  ? 
primary 'Rice, D.W.'        2  ? 
primary 'Sedelnikova, S.E.' 3  ? 
primary 'Artymiuk, P.J.'    4  ? 
primary 'Lloyd, R.G.'       5  ? 
primary 'Rafferty, J.B.'    6  ? 
1       'Rafferty, J.B.'    7  ? 
1       'Sedelnikova, S.E.' 8  ? 
1       'Hargreaves, D.'    9  ? 
1       'Artymiuk, P.J.'    10 ? 
1       'Baker, P.J.'       11 ? 
1       'Sharples, G.J.'    12 ? 
1       'Mahdi, A.A.'       13 ? 
1       'Lloyd, R.G.'       14 ? 
1       'Rice, D.W.'        15 ? 
# 
_cell.entry_id           1BDX 
_cell.length_a           148.000 
_cell.length_b           148.000 
_cell.length_c           105.600 
_cell.angle_alpha        90.00 
_cell.angle_beta         123.00 
_cell.angle_gamma        90.00 
_cell.Z_PDB              16 
_cell.pdbx_unique_axis   ? 
# 
_symmetry.entry_id                         1BDX 
_symmetry.space_group_name_H-M             'C 1 2 1' 
_symmetry.pdbx_full_space_group_name_H-M   ? 
_symmetry.cell_setting                     monoclinic 
_symmetry.Int_Tables_number                5 
# 
loop_
_entity.id 
_entity.type 
_entity.src_method 
_entity.pdbx_description 
_entity.formula_weight 
_entity.pdbx_number_of_molecules 
_entity.pdbx_ec 
_entity.pdbx_mutation 
_entity.pdbx_fragment 
_entity.details 
1 polymer syn 
;DNA (5'-D(P*GP*CP*AP*TP*GP*CP*AP*TP*AP*TP*GP*CP*AP*TP*GP*C)-3')
;
4898.191  4 ? ? ? ? 
2 polymer man 'HOLLIDAY JUNCTION DNA HELICASE RUVA'                             22111.668 4 ? ? ? ? 
# 
loop_
_entity_poly.entity_id 
_entity_poly.type 
_entity_poly.nstd_linkage 
_entity_poly.nstd_monomer 
_entity_poly.pdbx_seq_one_letter_code 
_entity_poly.pdbx_seq_one_letter_code_can 
_entity_poly.pdbx_strand_id 
_entity_poly.pdbx_target_identifier 
1 polydeoxyribonucleotide no no '(DG)(DC)(DA)(DT)(DG)(DC)(DA)(DT)(DA)(DT)(DG)(DC)(DA)(DT)(DG)(DC)' GCATGCATATGCATGC J,K,L,M ? 
2 'polypeptide(L)'        no no 
;MIGRLRGIIIEKQPPLVLIEVGGVGYEVHMPMTCFYELPEAGQEAIVFTHFVVREDAQLLYGFNNKQERTLFKELIKTNG
VGPKLALAILSGMSAQQFVNAVEREEVGALVKLPGIGKKTAERLIVEMKDRFKGLHGDLFTPAADLVLTSPASPATDDAE
QEAVAALVALGYKPQEASRMVSKIARPDASSETLIREALRAAL
;
;MIGRLRGIIIEKQPPLVLIEVGGVGYEVHMPMTCFYELPEAGQEAIVFTHFVVREDAQLLYGFNNKQERTLFKELIKTNG
VGPKLALAILSGMSAQQFVNAVEREEVGALVKLPGIGKKTAERLIVEMKDRFKGLHGDLFTPAADLVLTSPASPATDDAE
QEAVAALVALGYKPQEASRMVSKIARPDASSETLIREALRAAL
;
A,B,C,D ? 
# 
loop_
_entity_poly_seq.entity_id 
_entity_poly_seq.num 
_entity_poly_seq.mon_id 
_entity_poly_seq.hetero 
1 1   DG  n 
1 2   DC  n 
1 3   DA  n 
1 4   DT  n 
1 5   DG  n 
1 6   DC  n 
1 7   DA  n 
1 8   DT  n 
1 9   DA  n 
1 10  DT  n 
1 11  DG  n 
1 12  DC  n 
1 13  DA  n 
1 14  DT  n 
1 15  DG  n 
1 16  DC  n 
2 1   MET n 
2 2   ILE n 
2 3   GLY n 
2 4   ARG n 
2 5   LEU n 
2 6   ARG n 
2 7   GLY n 
2 8   ILE n 
2 9   ILE n 
2 10  ILE n 
2 11  GLU n 
2 12  LYS n 
2 13  GLN n 
2 14  PRO n 
2 15  PRO n 
2 16  LEU n 
2 17  VAL n 
2 18  LEU n 
2 19  ILE n 
2 20  GLU n 
2 21  VAL n 
2 22  GLY n 
2 23  GLY n 
2 24  VAL n 
2 25  GLY n 
2 26  TYR n 
2 27  GLU n 
2 28  VAL n 
2 29  HIS n 
2 30  MET n 
2 31  PRO n 
2 32  MET n 
2 33  THR n 
2 34  CYS n 
2 35  PHE n 
2 36  TYR n 
2 37  GLU n 
2 38  LEU n 
2 39  PRO n 
2 40  GLU n 
2 41  ALA n 
2 42  GLY n 
2 43  GLN n 
2 44  GLU n 
2 45  ALA n 
2 46  ILE n 
2 47  VAL n 
2 48  PHE n 
2 49  THR n 
2 50  HIS n 
2 51  PHE n 
2 52  VAL n 
2 53  VAL n 
2 54  ARG n 
2 55  GLU n 
2 56  ASP n 
2 57  ALA n 
2 58  GLN n 
2 59  LEU n 
2 60  LEU n 
2 61  TYR n 
2 62  GLY n 
2 63  PHE n 
2 64  ASN n 
2 65  ASN n 
2 66  LYS n 
2 67  GLN n 
2 68  GLU n 
2 69  ARG n 
2 70  THR n 
2 71  LEU n 
2 72  PHE n 
2 73  LYS n 
2 74  GLU n 
2 75  LEU n 
2 76  ILE n 
2 77  LYS n 
2 78  THR n 
2 79  ASN n 
2 80  GLY n 
2 81  VAL n 
2 82  GLY n 
2 83  PRO n 
2 84  LYS n 
2 85  LEU n 
2 86  ALA n 
2 87  LEU n 
2 88  ALA n 
2 89  ILE n 
2 90  LEU n 
2 91  SER n 
2 92  GLY n 
2 93  MET n 
2 94  SER n 
2 95  ALA n 
2 96  GLN n 
2 97  GLN n 
2 98  PHE n 
2 99  VAL n 
2 100 ASN n 
2 101 ALA n 
2 102 VAL n 
2 103 GLU n 
2 104 ARG n 
2 105 GLU n 
2 106 GLU n 
2 107 VAL n 
2 108 GLY n 
2 109 ALA n 
2 110 LEU n 
2 111 VAL n 
2 112 LYS n 
2 113 LEU n 
2 114 PRO n 
2 115 GLY n 
2 116 ILE n 
2 117 GLY n 
2 118 LYS n 
2 119 LYS n 
2 120 THR n 
2 121 ALA n 
2 122 GLU n 
2 123 ARG n 
2 124 LEU n 
2 125 ILE n 
2 126 VAL n 
2 127 GLU n 
2 128 MET n 
2 129 LYS n 
2 130 ASP n 
2 131 ARG n 
2 132 PHE n 
2 133 LYS n 
2 134 GLY n 
2 135 LEU n 
2 136 HIS n 
2 137 GLY n 
2 138 ASP n 
2 139 LEU n 
2 140 PHE n 
2 141 THR n 
2 142 PRO n 
2 143 ALA n 
2 144 ALA n 
2 145 ASP n 
2 146 LEU n 
2 147 VAL n 
2 148 LEU n 
2 149 THR n 
2 150 SER n 
2 151 PRO n 
2 152 ALA n 
2 153 SER n 
2 154 PRO n 
2 155 ALA n 
2 156 THR n 
2 157 ASP n 
2 158 ASP n 
2 159 ALA n 
2 160 GLU n 
2 161 GLN n 
2 162 GLU n 
2 163 ALA n 
2 164 VAL n 
2 165 ALA n 
2 166 ALA n 
2 167 LEU n 
2 168 VAL n 
2 169 ALA n 
2 170 LEU n 
2 171 GLY n 
2 172 TYR n 
2 173 LYS n 
2 174 PRO n 
2 175 GLN n 
2 176 GLU n 
2 177 ALA n 
2 178 SER n 
2 179 ARG n 
2 180 MET n 
2 181 VAL n 
2 182 SER n 
2 183 LYS n 
2 184 ILE n 
2 185 ALA n 
2 186 ARG n 
2 187 PRO n 
2 188 ASP n 
2 189 ALA n 
2 190 SER n 
2 191 SER n 
2 192 GLU n 
2 193 THR n 
2 194 LEU n 
2 195 ILE n 
2 196 ARG n 
2 197 GLU n 
2 198 ALA n 
2 199 LEU n 
2 200 ARG n 
2 201 ALA n 
2 202 ALA n 
2 203 LEU n 
# 
_entity_src_gen.entity_id                          2 
_entity_src_gen.pdbx_src_id                        1 
_entity_src_gen.pdbx_alt_source_flag               sample 
_entity_src_gen.pdbx_seq_type                      ? 
_entity_src_gen.pdbx_beg_seq_num                   ? 
_entity_src_gen.pdbx_end_seq_num                   ? 
_entity_src_gen.gene_src_common_name               ? 
_entity_src_gen.gene_src_genus                     Escherichia 
_entity_src_gen.pdbx_gene_src_gene                 ? 
_entity_src_gen.gene_src_species                   'Escherichia coli' 
_entity_src_gen.gene_src_strain                    BL21 
_entity_src_gen.gene_src_tissue                    ? 
_entity_src_gen.gene_src_tissue_fraction           ? 
_entity_src_gen.gene_src_details                   ? 
_entity_src_gen.pdbx_gene_src_fragment             ? 
_entity_src_gen.pdbx_gene_src_scientific_name      'Escherichia coli BL21(DE3)' 
_entity_src_gen.pdbx_gene_src_ncbi_taxonomy_id     469008 
_entity_src_gen.pdbx_gene_src_variant              DE3 
_entity_src_gen.pdbx_gene_src_cell_line            ? 
_entity_src_gen.pdbx_gene_src_atcc                 ? 
_entity_src_gen.pdbx_gene_src_organ                ? 
_entity_src_gen.pdbx_gene_src_organelle            ? 
_entity_src_gen.pdbx_gene_src_cell                 ? 
_entity_src_gen.pdbx_gene_src_cellular_location    ? 
_entity_src_gen.host_org_common_name               ? 
_entity_src_gen.pdbx_host_org_scientific_name      'Escherichia coli BL21(DE3)' 
_entity_src_gen.pdbx_host_org_ncbi_taxonomy_id     469008 
_entity_src_gen.host_org_genus                     Escherichia 
_entity_src_gen.pdbx_host_org_gene                 RUVA 
_entity_src_gen.pdbx_host_org_organ                ? 
_entity_src_gen.host_org_species                   'Escherichia coli' 
_entity_src_gen.pdbx_host_org_tissue               ? 
_entity_src_gen.pdbx_host_org_tissue_fraction      ? 
_entity_src_gen.pdbx_host_org_strain               BL21 
_entity_src_gen.pdbx_host_org_variant              DE3 
_entity_src_gen.pdbx_host_org_cell_line            ? 
_entity_src_gen.pdbx_host_org_atcc                 ? 
_entity_src_gen.pdbx_host_org_culture_collection   ? 
_entity_src_gen.pdbx_host_org_cell                 ? 
_entity_src_gen.pdbx_host_org_organelle            ? 
_entity_src_gen.pdbx_host_org_cellular_location    ? 
_entity_src_gen.pdbx_host_org_vector_type          ? 
_entity_src_gen.pdbx_host_org_vector               ? 
_entity_src_gen.host_org_details                   ? 
_entity_src_gen.expression_system_id               ? 
_entity_src_gen.plasmid_name                       PAM159 
_entity_src_gen.plasmid_details                    ? 
_entity_src_gen.pdbx_description                   ? 
# 
loop_
_struct_ref.id 
_struct_ref.db_name 
_struct_ref.db_code 
_struct_ref.entity_id 
_struct_ref.pdbx_seq_one_letter_code 
_struct_ref.pdbx_align_begin 
_struct_ref.pdbx_db_accession 
_struct_ref.pdbx_db_isoform 
1 UNP RUVA_ECOLI 2 ? ? P0A809 ? 
2 PDB 1BDX       1 ? ? 1BDX   ? 
# 
loop_
_struct_ref_seq.align_id 
_struct_ref_seq.ref_id 
_struct_ref_seq.pdbx_PDB_id_code 
_struct_ref_seq.pdbx_strand_id 
_struct_ref_seq.seq_align_beg 
_struct_ref_seq.pdbx_seq_align_beg_ins_code 
_struct_ref_seq.seq_align_end 
_struct_ref_seq.pdbx_seq_align_end_ins_code 
_struct_ref_seq.pdbx_db_accession 
_struct_ref_seq.db_align_beg 
_struct_ref_seq.pdbx_db_align_beg_ins_code 
_struct_ref_seq.db_align_end 
_struct_ref_seq.pdbx_db_align_end_ins_code 
_struct_ref_seq.pdbx_auth_seq_align_beg 
_struct_ref_seq.pdbx_auth_seq_align_end 
1 1 1BDX A 1 ? 203 ? P0A809 1 ? 203 ? 1 203 
2 1 1BDX B 1 ? 203 ? P0A809 1 ? 203 ? 1 203 
3 1 1BDX C 1 ? 203 ? P0A809 1 ? 203 ? 1 203 
4 1 1BDX D 1 ? 203 ? P0A809 1 ? 203 ? 1 203 
5 2 1BDX J 1 ? 16  ? 1BDX   2 ? 17  ? 2 17  
6 2 1BDX K 1 ? 16  ? 1BDX   2 ? 17  ? 2 17  
7 2 1BDX L 1 ? 16  ? 1BDX   2 ? 17  ? 2 17  
8 2 1BDX M 1 ? 16  ? 1BDX   2 ? 17  ? 2 17  
# 
loop_
_chem_comp.id 
_chem_comp.type 
_chem_comp.mon_nstd_flag 
_chem_comp.name 
_chem_comp.pdbx_synonyms 
_chem_comp.formula 
_chem_comp.formula_weight 
ALA 'L-peptide linking' y ALANINE                              ? 'C3 H7 N O2'      89.093  
ARG 'L-peptide linking' y ARGININE                             ? 'C6 H15 N4 O2 1'  175.209 
ASN 'L-peptide linking' y ASPARAGINE                           ? 'C4 H8 N2 O3'     132.118 
ASP 'L-peptide linking' y 'ASPARTIC ACID'                      ? 'C4 H7 N O4'      133.103 
CYS 'L-peptide linking' y CYSTEINE                             ? 'C3 H7 N O2 S'    121.158 
DA  'DNA linking'       y "2'-DEOXYADENOSINE-5'-MONOPHOSPHATE" ? 'C10 H14 N5 O6 P' 331.222 
DC  'DNA linking'       y "2'-DEOXYCYTIDINE-5'-MONOPHOSPHATE"  ? 'C9 H14 N3 O7 P'  307.197 
DG  'DNA linking'       y "2'-DEOXYGUANOSINE-5'-MONOPHOSPHATE" ? 'C10 H14 N5 O7 P' 347.221 
DT  'DNA linking'       y "THYMIDINE-5'-MONOPHOSPHATE"         ? 'C10 H15 N2 O8 P' 322.208 
GLN 'L-peptide linking' y GLUTAMINE                            ? 'C5 H10 N2 O3'    146.144 
GLU 'L-peptide linking' y 'GLUTAMIC ACID'                      ? 'C5 H9 N O4'      147.129 
GLY 'peptide linking'   y GLYCINE                              ? 'C2 H5 N O2'      75.067  
HIS 'L-peptide linking' y HISTIDINE                            ? 'C6 H10 N3 O2 1'  156.162 
ILE 'L-peptide linking' y ISOLEUCINE                           ? 'C6 H13 N O2'     131.173 
LEU 'L-peptide linking' y LEUCINE                              ? 'C6 H13 N O2'     131.173 
LYS 'L-peptide linking' y LYSINE                               ? 'C6 H15 N2 O2 1'  147.195 
MET 'L-peptide linking' y METHIONINE                           ? 'C5 H11 N O2 S'   149.211 
PHE 'L-peptide linking' y PHENYLALANINE                        ? 'C9 H11 N O2'     165.189 
PRO 'L-peptide linking' y PROLINE                              ? 'C5 H9 N O2'      115.130 
SER 'L-peptide linking' y SERINE                               ? 'C3 H7 N O3'      105.093 
THR 'L-peptide linking' y THREONINE                            ? 'C4 H9 N O3'      119.119 
TYR 'L-peptide linking' y TYROSINE                             ? 'C9 H11 N O3'     181.189 
VAL 'L-peptide linking' y VALINE                               ? 'C5 H11 N O2'     117.146 
# 
_exptl.entry_id          1BDX 
_exptl.method            'X-RAY DIFFRACTION' 
_exptl.crystals_number   1 
# 
_exptl_crystal.id                    1 
_exptl_crystal.density_meas          ? 
_exptl_crystal.density_Matthews      4.46 
_exptl_crystal.density_percent_sol   48 
_exptl_crystal.description           
;MOLECULAR REPLACEMENT PHASES WERE ONLY GOOD ENOUGH TO USE IN LOCATING HEAVY ATOMS BY DIFFERENCE FOURIER AND WERE THEN ABANDONED IN FAVOUR OF MIR PHASES.
;
# 
_exptl_crystal_grow.crystal_id      1 
_exptl_crystal_grow.method          'VAPOR DIFFUSION, HANGING DROP' 
_exptl_crystal_grow.temp            ? 
_exptl_crystal_grow.temp_details    ? 
_exptl_crystal_grow.pH              6.5 
_exptl_crystal_grow.pdbx_details    
;PROTEIN/DNA COMPLEX WAS CRYSTALLISED FROM 0.85M SODIUM ACETATE BUFFERED WITH 100MM IMIDAZOLE AT PH 6.5, VAPOR DIFFUSION, HANGING DROP
;
_exptl_crystal_grow.pdbx_pH_range   ? 
# 
loop_
_exptl_crystal_grow_comp.crystal_id 
_exptl_crystal_grow_comp.id 
_exptl_crystal_grow_comp.sol_id 
_exptl_crystal_grow_comp.name 
_exptl_crystal_grow_comp.volume 
_exptl_crystal_grow_comp.conc 
_exptl_crystal_grow_comp.details 
1 1 1 'SODIUM ACETATE' ? ? ? 
1 2 1 IMIDAZOLE        ? ? ? 
1 3 2 'SODIUM ACETATE' ? ? ? 
1 4 2 IMIDAZOLE        ? ? ? 
# 
_diffrn.id                     1 
_diffrn.ambient_temp           100 
_diffrn.ambient_temp_details   ? 
_diffrn.crystal_id             1 
# 
_diffrn_detector.diffrn_id              1 
_diffrn_detector.detector               'IMAGE PLATE' 
_diffrn_detector.type                   MARRESEARCH 
_diffrn_detector.pdbx_collection_date   1997-12-15 
_diffrn_detector.details                MIRRORS 
# 
_diffrn_radiation.diffrn_id                        1 
_diffrn_radiation.wavelength_id                    1 
_diffrn_radiation.pdbx_monochromatic_or_laue_m_l   M 
_diffrn_radiation.monochromator                    'SI CRYSTAL' 
_diffrn_radiation.pdbx_diffrn_protocol             'SINGLE WAVELENGTH' 
_diffrn_radiation.pdbx_scattering_type             x-ray 
# 
_diffrn_radiation_wavelength.id           1 
_diffrn_radiation_wavelength.wavelength   0.87 
_diffrn_radiation_wavelength.wt           1.0 
# 
_diffrn_source.diffrn_id                   1 
_diffrn_source.source                      SYNCHROTRON 
_diffrn_source.type                        'SRS BEAMLINE PX9.6' 
_diffrn_source.pdbx_synchrotron_site       SRS 
_diffrn_source.pdbx_synchrotron_beamline   PX9.6 
_diffrn_source.pdbx_wavelength             0.87 
_diffrn_source.pdbx_wavelength_list        ? 
# 
_reflns.entry_id                     1BDX 
_reflns.observed_criterion_sigma_I   2 
_reflns.observed_criterion_sigma_F   ? 
_reflns.d_resolution_low             17.6 
_reflns.d_resolution_high            5.7 
_reflns.number_obs                   5263 
_reflns.number_all                   ? 
_reflns.percent_possible_obs         94 
_reflns.pdbx_Rmerge_I_obs            0.0430000 
_reflns.pdbx_Rsym_value              0.0430000 
_reflns.pdbx_netI_over_sigmaI        6.8 
_reflns.B_iso_Wilson_estimate        ? 
_reflns.pdbx_redundancy              2.1 
_reflns.pdbx_ordinal                 1 
_reflns.pdbx_diffrn_id               1 
# 
_reflns_shell.d_res_high             5.70 
_reflns_shell.d_res_low              6.01 
_reflns_shell.percent_possible_all   94.2 
_reflns_shell.Rmerge_I_obs           0.2240000 
_reflns_shell.pdbx_Rsym_value        0.2240000 
_reflns_shell.meanI_over_sigI_obs    3.3 
_reflns_shell.pdbx_redundancy        2.1 
_reflns_shell.pdbx_ordinal           1 
_reflns_shell.pdbx_diffrn_id         1 
# 
_refine.entry_id                                 1BDX 
_refine.ls_number_reflns_obs                     ? 
_refine.ls_number_reflns_all                     ? 
_refine.pdbx_ls_sigma_I                          ? 
_refine.pdbx_ls_sigma_F                          ? 
_refine.pdbx_data_cutoff_high_absF               ? 
_refine.pdbx_data_cutoff_low_absF                ? 
_refine.pdbx_data_cutoff_high_rms_absF           ? 
_refine.ls_d_res_low                             ? 
_refine.ls_d_res_high                            6.0 
_refine.ls_percent_reflns_obs                    ? 
_refine.ls_R_factor_obs                          ? 
_refine.ls_R_factor_all                          ? 
_refine.ls_R_factor_R_work                       ? 
_refine.ls_R_factor_R_free                       ? 
_refine.ls_R_factor_R_free_error                 ? 
_refine.ls_R_factor_R_free_error_details         ? 
_refine.ls_percent_reflns_R_free                 ? 
_refine.ls_number_reflns_R_free                  ? 
_refine.ls_number_parameters                     ? 
_refine.ls_number_restraints                     ? 
_refine.occupancy_min                            ? 
_refine.occupancy_max                            ? 
_refine.B_iso_mean                               ? 
_refine.aniso_B[1][1]                            ? 
_refine.aniso_B[2][2]                            ? 
_refine.aniso_B[3][3]                            ? 
_refine.aniso_B[1][2]                            ? 
_refine.aniso_B[1][3]                            ? 
_refine.aniso_B[2][3]                            ? 
_refine.solvent_model_details                    ? 
_refine.solvent_model_param_ksol                 ? 
_refine.solvent_model_param_bsol                 ? 
_refine.pdbx_ls_cross_valid_method               ? 
_refine.details                                  
'OWING TO THE LOW RESOLUTION OF THE DATA, NO POSITIONAL REFINEMENT OF THE PROTEIN RESIDUES OR DNA WAS PERFORMED' 
_refine.pdbx_starting_model                      1CUK 
_refine.pdbx_method_to_determine_struct          'MOLECULAR REPLACEMENT, MIR' 
_refine.pdbx_isotropic_thermal_model             ? 
_refine.pdbx_stereochemistry_target_values       ? 
_refine.pdbx_stereochem_target_val_spec_case     ? 
_refine.pdbx_R_Free_selection_details            ? 
_refine.pdbx_overall_ESU_R                       ? 
_refine.pdbx_overall_ESU_R_Free                  ? 
_refine.overall_SU_ML                            ? 
_refine.overall_SU_B                             ? 
_refine.pdbx_refine_id                           'X-RAY DIFFRACTION' 
_refine.pdbx_diffrn_id                           1 
_refine.pdbx_TLS_residual_ADP_flag               ? 
_refine.correlation_coeff_Fo_to_Fc               ? 
_refine.correlation_coeff_Fo_to_Fc_free          ? 
_refine.pdbx_solvent_vdw_probe_radii             ? 
_refine.pdbx_solvent_ion_probe_radii             ? 
_refine.pdbx_solvent_shrinkage_radii             ? 
_refine.pdbx_overall_phase_error                 ? 
_refine.overall_SU_R_Cruickshank_DPI             ? 
_refine.pdbx_overall_SU_R_free_Cruickshank_DPI   ? 
_refine.pdbx_overall_SU_R_Blow_DPI               ? 
_refine.pdbx_overall_SU_R_free_Blow_DPI          ? 
# 
_refine_hist.pdbx_refine_id                   'X-RAY DIFFRACTION' 
_refine_hist.cycle_id                         LAST 
_refine_hist.pdbx_number_atoms_protein        760 
_refine_hist.pdbx_number_atoms_nucleic_acid   64 
_refine_hist.pdbx_number_atoms_ligand         0 
_refine_hist.number_atoms_solvent             0 
_refine_hist.number_atoms_total               824 
_refine_hist.d_res_high                       6.0 
_refine_hist.d_res_low                        . 
# 
loop_
_struct_ncs_oper.id 
_struct_ncs_oper.code 
_struct_ncs_oper.details 
_struct_ncs_oper.matrix[1][1] 
_struct_ncs_oper.matrix[1][2] 
_struct_ncs_oper.matrix[1][3] 
_struct_ncs_oper.matrix[2][1] 
_struct_ncs_oper.matrix[2][2] 
_struct_ncs_oper.matrix[2][3] 
_struct_ncs_oper.matrix[3][1] 
_struct_ncs_oper.matrix[3][2] 
_struct_ncs_oper.matrix[3][3] 
_struct_ncs_oper.vector[1] 
_struct_ncs_oper.vector[2] 
_struct_ncs_oper.vector[3] 
1 given ? -0.40797086 -0.02708697 0.91259596 -0.02708697 -0.99876115 -0.04175757 0.91259596 -0.04175757 0.40673201 -0.00020 -0.00007 0.00006  
2 given ? 0.29601749  -0.85221475 0.43140103 0.82512315  0.00061513  -0.56495580 0.48119082 0.52320023  0.70336738 0.00008  0.00001  -0.00007 
3 given ? 0.29601957  0.82513075  0.48119031 -0.85221244 0.00062355  0.52319966  0.43140310 -0.56494829 0.70336688 -0.00016 -0.00006 -0.00009 
# 
_struct.entry_id                  1BDX 
_struct.title                     
'E. COLI DNA HELICASE RUVA WITH BOUND DNA HOLLIDAY JUNCTION, ALPHA CARBONS AND PHOSPHATE ATOMS ONLY' 
_struct.pdbx_model_details        ? 
_struct.pdbx_CASP_flag            ? 
_struct.pdbx_model_type_details   ? 
# 
_struct_keywords.entry_id        1BDX 
_struct_keywords.pdbx_keywords   TRANSFERASE/DNA 
_struct_keywords.text            
'DNA-BINDING, BRANCH MIGRATION, HOLLIDAY JUNCTION, RUV, COMPLEX DNA-BINDING PROTEIN-DNA, TRANSFERASE-DNA COMPLEX' 
# 
loop_
_struct_asym.id 
_struct_asym.pdbx_blank_PDB_chainid_flag 
_struct_asym.pdbx_modified 
_struct_asym.entity_id 
_struct_asym.details 
A N N 1 ? 
B N N 1 ? 
C N N 1 ? 
D N N 1 ? 
E N N 2 ? 
F N N 2 ? 
G N N 2 ? 
H N N 2 ? 
# 
_struct_biol.id   1 
# 
_atom_sites.entry_id                    1BDX 
_atom_sites.fract_transf_matrix[1][1]   0.00777067 
_atom_sites.fract_transf_matrix[1][2]   -0.00212353 
_atom_sites.fract_transf_matrix[1][3]   0.00013773 
_atom_sites.fract_transf_matrix[2][1]   0.00178468 
_atom_sites.fract_transf_matrix[2][2]   0.00650223 
_atom_sites.fract_transf_matrix[2][3]   -0.00043924 
_atom_sites.fract_transf_matrix[3][1]   0.00593757 
_atom_sites.fract_transf_matrix[3][2]   -0.00098436 
_atom_sites.fract_transf_matrix[3][3]   0.00955317 
_atom_sites.fract_transf_vector[1]      0.355911 
_atom_sites.fract_transf_vector[2]      -0.000040 
_atom_sites.fract_transf_vector[3]      0.273915 
# 
loop_
_atom_type.symbol 
C 
P 
# 
loop_
_atom_site.group_PDB 
_atom_site.id 
_atom_site.type_symbol 
_atom_site.label_atom_id 
_atom_site.label_alt_id 
_atom_site.label_comp_id 
_atom_site.label_asym_id 
_atom_site.label_entity_id 
_atom_site.label_seq_id 
_atom_site.pdbx_PDB_ins_code 
_atom_site.Cartn_x 
_atom_site.Cartn_y 
_atom_site.Cartn_z 
_atom_site.occupancy 
_atom_site.B_iso_or_equiv 
_atom_site.pdbx_formal_charge 
_atom_site.auth_seq_id 
_atom_site.auth_comp_id 
_atom_site.auth_asym_id 
_atom_site.auth_atom_id 
_atom_site.pdbx_PDB_model_num 
ATOM 1   P P  . DG  A 1 1   ? -9.233  33.560  -32.189 1.00 30.00 ? 2   DG  J P  1 
ATOM 2   P P  . DC  A 1 2   ? -4.695  28.835  -33.176 1.00 30.00 ? 3   DC  J P  1 
ATOM 3   P P  . DA  A 1 3   ? 0.150   25.005  -30.774 1.00 30.00 ? 4   DA  J P  1 
ATOM 4   P P  . DT  A 1 4   ? 3.215   22.317  -25.551 1.00 30.00 ? 5   DT  J P  1 
ATOM 5   P P  . DG  A 1 5   ? 3.103   20.574  -19.163 1.00 30.00 ? 6   DG  J P  1 
ATOM 6   P P  . DC  A 1 6   ? -0.385  19.220  -13.701 1.00 30.00 ? 7   DC  J P  1 
ATOM 7   P P  . DA  A 1 7   ? -6.157  17.551  -10.904 1.00 30.00 ? 8   DA  J P  1 
ATOM 8   P P  . DT  A 1 8   ? -12.234 14.984  -11.499 1.00 30.00 ? 9   DT  J P  1 
ATOM 9   P P  . DA  A 1 9   ? -15.447 12.530  -16.519 1.00 30.00 ? 10  DA  J P  1 
ATOM 10  P P  . DT  A 1 10  ? -21.414 10.108  -17.748 1.00 30.00 ? 11  DT  J P  1 
ATOM 11  P P  . DG  A 1 11  ? -26.607 5.999   -17.590 1.00 30.00 ? 12  DG  J P  1 
ATOM 12  P P  . DC  A 1 12  ? -30.398 1.751   -14.204 1.00 30.00 ? 13  DC  J P  1 
ATOM 13  P P  . DA  A 1 13  ? -32.462 -0.641  -8.381  1.00 30.00 ? 14  DA  J P  1 
ATOM 14  P P  . DT  A 1 14  ? -33.138 0.121   -1.839  1.00 30.00 ? 15  DT  J P  1 
ATOM 15  P P  . DG  A 1 15  ? -33.289 4.130   3.434   1.00 30.00 ? 16  DG  J P  1 
ATOM 16  P P  . DC  A 1 16  ? -33.983 10.228  5.931   1.00 30.00 ? 17  DC  J P  1 
ATOM 17  P P  . DG  B 1 1   ? -45.010 10.736  -9.255  1.00 30.00 ? 2   DG  K P  1 
ATOM 18  P P  . DC  B 1 2   ? -40.094 15.076  -10.206 1.00 30.00 ? 3   DC  K P  1 
ATOM 19  P P  . DA  B 1 3   ? -34.388 17.752  -8.158  1.00 30.00 ? 4   DA  K P  1 
ATOM 20  P P  . DT  B 1 4   ? -28.949 17.359  -4.398  1.00 30.00 ? 5   DT  K P  1 
ATOM 21  P P  . DG  B 1 5   ? -24.725 13.677  -0.868  1.00 30.00 ? 6   DG  K P  1 
ATOM 22  P P  . DC  B 1 6   ? -22.205 7.727   0.576   1.00 30.00 ? 7   DC  K P  1 
ATOM 23  P P  . DA  B 1 7   ? -21.230 1.397   -1.125  1.00 30.00 ? 8   DA  K P  1 
ATOM 24  P P  . DT  B 1 8   ? -21.045 -3.267  -5.824  1.00 30.00 ? 9   DT  K P  1 
ATOM 25  P P  . DA  B 1 9   ? -22.316 -3.538  -12.451 1.00 30.00 ? 10  DA  K P  1 
ATOM 26  P P  . DT  B 1 10  ? -22.799 -6.983  -17.831 1.00 30.00 ? 11  DT  K P  1 
ATOM 27  P P  . DG  B 1 11  ? -20.659 -11.338 -22.337 1.00 30.00 ? 12  DG  K P  1 
ATOM 28  P P  . DC  B 1 12  ? -16.570 -16.287 -23.972 1.00 30.00 ? 13  DC  K P  1 
ATOM 29  P P  . DA  B 1 13  ? -12.496 -21.159 -22.089 1.00 30.00 ? 14  DA  K P  1 
ATOM 30  P P  . DT  B 1 14  ? -10.403 -25.325 -17.384 1.00 30.00 ? 15  DT  K P  1 
ATOM 31  P P  . DG  B 1 15  ? -11.498 -28.411 -11.627 1.00 30.00 ? 16  DG  K P  1 
ATOM 32  P P  . DC  B 1 16  ? -15.762 -30.471 -6.992  1.00 30.00 ? 17  DC  K P  1 
ATOM 33  P P  . DG  C 1 1   ? -26.017 -31.382 -22.692 1.00 30.00 ? 2   DG  L P  1 
ATOM 34  P P  . DC  C 1 2   ? -28.786 -26.828 -18.754 1.00 30.00 ? 3   DC  L P  1 
ATOM 35  P P  . DA  C 1 3   ? -28.580 -23.227 -13.196 1.00 30.00 ? 4   DA  L P  1 
ATOM 36  P P  . DT  C 1 4   ? -25.070 -20.731 -8.163  1.00 30.00 ? 5   DT  L P  1 
ATOM 37  P P  . DG  C 1 5   ? -19.197 -19.065 -5.596  1.00 30.00 ? 6   DG  L P  1 
ATOM 38  P P  . DC  C 1 6   ? -12.793 -17.641 -6.501  1.00 30.00 ? 7   DC  L P  1 
ATOM 39  P P  . DA  C 1 7   ? -7.899  -15.779 -10.562 1.00 30.00 ? 8   DA  L P  1 
ATOM 40  P P  . DT  C 1 8   ? -5.980  -12.965 -16.243 1.00 30.00 ? 9   DT  L P  1 
ATOM 41  P P  . DA  C 1 9   ? -8.473  -11.334 -21.877 1.00 30.00 ? 10  DA  L P  1 
ATOM 42  P P  . DT  C 1 10  ? -7.887  -8.989  -28.016 1.00 30.00 ? 11  DT  L P  1 
ATOM 43  P P  . DG  C 1 11  ? -5.322  -4.767  -32.429 1.00 30.00 ? 12  DG  L P  1 
ATOM 44  P P  . DC  C 1 12  ? -0.549  -0.489  -34.098 1.00 30.00 ? 13  DC  L P  1 
ATOM 45  P P  . DA  C 1 13  ? 5.575   1.857   -33.160 1.00 30.00 ? 14  DA  L P  1 
ATOM 46  P P  . DT  C 1 14  ? 11.682  1.007   -30.744 1.00 30.00 ? 15  DT  L P  1 
ATOM 47  P P  . DG  C 1 15  ? 16.408  -3.080  -28.540 1.00 30.00 ? 16  DG  L P  1 
ATOM 48  P P  . DC  C 1 16  ? 18.920  -9.199  -28.161 1.00 30.00 ? 17  DC  L P  1 
ATOM 49  P P  . DG  D 1 1   ? 10.587  -9.220  -44.985 1.00 30.00 ? 2   DG  M P  1 
ATOM 50  P P  . DC  D 1 2   ? 7.448   -13.654 -41.191 1.00 30.00 ? 3   DC  M P  1 
ATOM 51  P P  . DA  D 1 3   ? 6.604   -16.490 -35.262 1.00 30.00 ? 4   DA  M P  1 
ATOM 52  P P  . DT  D 1 4   ? 7.411   -16.278 -28.691 1.00 30.00 ? 5   DT  M P  1 
ATOM 53  P P  . DG  D 1 5   ? 8.589   -12.748 -23.213 1.00 30.00 ? 6   DG  M P  1 
ATOM 54  P P  . DC  D 1 6   ? 8.719   -6.879  -20.150 1.00 30.00 ? 7   DC  M P  1 
ATOM 55  P P  . DA  D 1 7   ? 6.782   -0.547  -19.903 1.00 30.00 ? 8   DA  M P  1 
ATOM 56  P P  . DT  D 1 8   ? 2.549   4.185   -21.792 1.00 30.00 ? 9   DT  M P  1 
ATOM 57  P P  . DA  D 1 9   ? -2.626  4.705   -25.640 1.00 30.00 ? 10  DA  M P  1 
ATOM 58  P P  . DT  D 1 10  ? -7.080  8.995   -27.584 1.00 30.00 ? 11  DT  M P  1 
ATOM 59  P P  . DG  D 1 11  ? -11.890 13.545  -27.406 1.00 30.00 ? 12  DG  M P  1 
ATOM 60  P P  . DC  D 1 12  ? -14.847 18.576  -24.271 1.00 30.00 ? 13  DC  M P  1 
ATOM 61  P P  . DA  D 1 13  ? -14.593 23.386  -19.724 1.00 30.00 ? 14  DA  M P  1 
ATOM 62  P P  . DT  D 1 14  ? -10.983 27.359  -15.847 1.00 30.00 ? 15  DT  M P  1 
ATOM 63  P P  . DG  D 1 15  ? -5.160  30.199  -14.464 1.00 30.00 ? 16  DG  M P  1 
ATOM 64  P P  . DC  D 1 16  ? 0.887   32.042  -16.449 1.00 30.00 ? 17  DC  M P  1 
ATOM 65  C CA . MET E 2 1   ? 4.961   7.533   -0.425  1.00 30.00 ? 1   MET A CA 1 
ATOM 66  C CA . ILE E 2 2   ? 8.369   6.000   0.505   1.00 30.00 ? 2   ILE A CA 1 
ATOM 67  C CA . GLY E 2 3   ? 11.335  8.209   -0.366  1.00 30.00 ? 3   GLY A CA 1 
ATOM 68  C CA . ARG E 2 4   ? 14.073  6.531   1.730   1.00 30.00 ? 4   ARG A CA 1 
ATOM 69  C CA . LEU E 2 5   ? 14.902  3.387   3.487   1.00 30.00 ? 5   LEU A CA 1 
ATOM 70  C CA . ARG E 2 6   ? 17.403  2.840   6.268   1.00 30.00 ? 6   ARG A CA 1 
ATOM 71  C CA . GLY E 2 7   ? 18.185  -0.733  7.172   1.00 30.00 ? 7   GLY A CA 1 
ATOM 72  C CA . ILE E 2 8   ? 20.325  -3.805  7.028   1.00 30.00 ? 8   ILE A CA 1 
ATOM 73  C CA . ILE E 2 9   ? 21.320  -5.497  3.730   1.00 30.00 ? 9   ILE A CA 1 
ATOM 74  C CA . ILE E 2 10  ? 19.943  -9.095  3.936   1.00 30.00 ? 10  ILE A CA 1 
ATOM 75  C CA . GLU E 2 11  ? 20.735  -10.344 0.422   1.00 30.00 ? 11  GLU A CA 1 
ATOM 76  C CA . LYS E 2 12  ? 21.989  -9.155  -2.809  1.00 30.00 ? 12  LYS A CA 1 
ATOM 77  C CA . GLN E 2 13  ? 20.744  -10.599 -6.038  1.00 30.00 ? 13  GLN A CA 1 
ATOM 78  C CA . PRO E 2 14  ? 21.650  -8.063  -8.779  1.00 30.00 ? 14  PRO A CA 1 
ATOM 79  C CA . PRO E 2 15  ? 19.842  -6.006  -9.643  1.00 30.00 ? 15  PRO A CA 1 
ATOM 80  C CA . LEU E 2 16  ? 17.665  -6.706  -6.565  1.00 30.00 ? 16  LEU A CA 1 
ATOM 81  C CA . VAL E 2 17  ? 18.573  -6.040  -2.940  1.00 30.00 ? 17  VAL A CA 1 
ATOM 82  C CA . LEU E 2 18  ? 16.550  -7.031  0.162   1.00 30.00 ? 18  LEU A CA 1 
ATOM 83  C CA . ILE E 2 19  ? 16.798  -4.436  2.970   1.00 30.00 ? 19  ILE A CA 1 
ATOM 84  C CA . GLU E 2 20  ? 15.491  -5.311  6.409   1.00 30.00 ? 20  GLU A CA 1 
ATOM 85  C CA . VAL E 2 21  ? 13.752  -2.564  8.133   1.00 30.00 ? 21  VAL A CA 1 
ATOM 86  C CA . GLY E 2 22  ? 12.374  -3.383  11.465  1.00 30.00 ? 22  GLY A CA 1 
ATOM 87  C CA . GLY E 2 23  ? 11.485  -6.836  10.558  1.00 30.00 ? 23  GLY A CA 1 
ATOM 88  C CA . VAL E 2 24  ? 10.083  -5.904  7.144   1.00 30.00 ? 24  VAL A CA 1 
ATOM 89  C CA . GLY E 2 25  ? 12.289  -7.111  4.243   1.00 30.00 ? 25  GLY A CA 1 
ATOM 90  C CA . TYR E 2 26  ? 11.824  -4.587  1.362   1.00 30.00 ? 26  TYR A CA 1 
ATOM 91  C CA . GLU E 2 27  ? 12.829  -5.477  -2.150  1.00 30.00 ? 27  GLU A CA 1 
ATOM 92  C CA . VAL E 2 28  ? 14.598  -2.714  -3.983  1.00 30.00 ? 28  VAL A CA 1 
ATOM 93  C CA . HIS E 2 29  ? 15.525  -2.679  -7.673  1.00 30.00 ? 29  HIS A CA 1 
ATOM 94  C CA . MET E 2 30  ? 18.713  -0.824  -8.382  1.00 30.00 ? 30  MET A CA 1 
ATOM 95  C CA . PRO E 2 31  ? 20.684  0.056   -11.468 1.00 30.00 ? 31  PRO A CA 1 
ATOM 96  C CA . MET E 2 32  ? 23.897  -1.876  -11.452 1.00 30.00 ? 32  MET A CA 1 
ATOM 97  C CA . THR E 2 33  ? 25.949  1.238   -11.241 1.00 30.00 ? 33  THR A CA 1 
ATOM 98  C CA . CYS E 2 34  ? 24.327  1.929   -7.856  1.00 30.00 ? 34  CYS A CA 1 
ATOM 99  C CA . PHE E 2 35  ? 24.515  -1.674  -6.922  1.00 30.00 ? 35  PHE A CA 1 
ATOM 100 C CA . TYR E 2 36  ? 28.161  -1.647  -7.030  1.00 30.00 ? 36  TYR A CA 1 
ATOM 101 C CA . GLU E 2 37  ? 28.234  0.963   -4.263  1.00 30.00 ? 37  GLU A CA 1 
ATOM 102 C CA . LEU E 2 38  ? 26.220  -1.003  -1.821  1.00 30.00 ? 38  LEU A CA 1 
ATOM 103 C CA . PRO E 2 39  ? 27.732  -2.185  1.499   1.00 30.00 ? 39  PRO A CA 1 
ATOM 104 C CA . GLU E 2 40  ? 28.066  -5.784  2.399   1.00 30.00 ? 40  GLU A CA 1 
ATOM 105 C CA . ALA E 2 41  ? 25.262  -7.909  3.535   1.00 30.00 ? 41  ALA A CA 1 
ATOM 106 C CA . GLY E 2 42  ? 24.862  -7.504  7.286   1.00 30.00 ? 42  GLY A CA 1 
ATOM 107 C CA . GLN E 2 43  ? 25.648  -3.952  7.109   1.00 30.00 ? 43  GLN A CA 1 
ATOM 108 C CA . GLU E 2 44  ? 23.543  -0.921  7.278   1.00 30.00 ? 44  GLU A CA 1 
ATOM 109 C CA . ALA E 2 45  ? 22.454  0.878   4.128   1.00 30.00 ? 45  ALA A CA 1 
ATOM 110 C CA . ILE E 2 46  ? 20.616  4.097   3.165   1.00 30.00 ? 46  ILE A CA 1 
ATOM 111 C CA . VAL E 2 47  ? 18.752  4.050   -0.268  1.00 30.00 ? 47  VAL A CA 1 
ATOM 112 C CA . PHE E 2 48  ? 16.728  6.717   -1.990  1.00 30.00 ? 48  PHE A CA 1 
ATOM 113 C CA . THR E 2 49  ? 13.604  5.217   -3.401  1.00 30.00 ? 49  THR A CA 1 
ATOM 114 C CA . HIS E 2 50  ? 11.193  5.719   -6.199  1.00 30.00 ? 50  HIS A CA 1 
ATOM 115 C CA . PHE E 2 51  ? 7.854   4.015   -5.936  1.00 30.00 ? 51  PHE A CA 1 
ATOM 116 C CA . VAL E 2 52  ? 6.246   2.525   -8.921  1.00 30.00 ? 52  VAL A CA 1 
ATOM 117 C CA . VAL E 2 53  ? 2.719   1.300   -9.025  1.00 30.00 ? 53  VAL A CA 1 
ATOM 118 C CA . ARG E 2 54  ? 1.854   -1.313  -11.684 1.00 30.00 ? 54  ARG A CA 1 
ATOM 119 C CA . GLU E 2 55  ? -1.127  -3.370  -12.594 1.00 30.00 ? 55  GLU A CA 1 
ATOM 120 C CA . ASP E 2 56  ? -0.227  -6.442  -10.597 1.00 30.00 ? 56  ASP A CA 1 
ATOM 121 C CA . ALA E 2 57  ? 2.671   -4.974  -8.569  1.00 30.00 ? 57  ALA A CA 1 
ATOM 122 C CA . GLN E 2 58  ? 4.020   -2.220  -6.410  1.00 30.00 ? 58  GLN A CA 1 
ATOM 123 C CA . LEU E 2 59  ? 7.721   -1.648  -6.791  1.00 30.00 ? 59  LEU A CA 1 
ATOM 124 C CA . LEU E 2 60  ? 10.608  0.241   -5.359  1.00 30.00 ? 60  LEU A CA 1 
ATOM 125 C CA . TYR E 2 61  ? 13.554  1.483   -7.433  1.00 30.00 ? 61  TYR A CA 1 
ATOM 126 C CA . GLY E 2 62  ? 16.584  2.541   -5.254  1.00 30.00 ? 62  GLY A CA 1 
ATOM 127 C CA . PHE E 2 63  ? 19.576  4.766   -5.702  1.00 30.00 ? 63  PHE A CA 1 
ATOM 128 C CA . ASN E 2 64  ? 22.461  5.790   -3.652  1.00 30.00 ? 64  ASN A CA 1 
ATOM 129 C CA . ASN E 2 65  ? 21.747  9.470   -3.909  1.00 30.00 ? 65  ASN A CA 1 
ATOM 130 C CA . LYS E 2 66  ? 19.122  11.975  -4.795  1.00 30.00 ? 66  LYS A CA 1 
ATOM 131 C CA . GLN E 2 67  ? 20.716  12.984  -7.901  1.00 30.00 ? 67  GLN A CA 1 
ATOM 132 C CA . GLU E 2 68  ? 20.615  9.649   -9.531  1.00 30.00 ? 68  GLU A CA 1 
ATOM 133 C CA . ARG E 2 69  ? 16.981  9.321   -8.491  1.00 30.00 ? 69  ARG A CA 1 
ATOM 134 C CA . THR E 2 70  ? 16.223  12.545  -10.201 1.00 30.00 ? 70  THR A CA 1 
ATOM 135 C CA . LEU E 2 71  ? 17.822  11.472  -13.392 1.00 30.00 ? 71  LEU A CA 1 
ATOM 136 C CA . PHE E 2 72  ? 15.860  8.295   -13.210 1.00 30.00 ? 72  PHE A CA 1 
ATOM 137 C CA . LYS E 2 73  ? 12.650  10.195  -12.615 1.00 30.00 ? 73  LYS A CA 1 
ATOM 138 C CA . GLU E 2 74  ? 13.342  12.507  -15.481 1.00 30.00 ? 74  GLU A CA 1 
ATOM 139 C CA . LEU E 2 75  ? 14.074  9.603   -17.850 1.00 30.00 ? 75  LEU A CA 1 
ATOM 140 C CA . ILE E 2 76  ? 10.786  7.840   -17.186 1.00 30.00 ? 76  ILE A CA 1 
ATOM 141 C CA . LYS E 2 77  ? 8.710   11.055  -17.681 1.00 30.00 ? 77  LYS A CA 1 
ATOM 142 C CA . THR E 2 78  ? 9.526   10.706  -21.366 1.00 30.00 ? 78  THR A CA 1 
ATOM 143 C CA . ASN E 2 79  ? 7.189   8.850   -23.742 1.00 30.00 ? 79  ASN A CA 1 
ATOM 144 C CA . GLY E 2 80  ? 9.549   6.172   -24.855 1.00 30.00 ? 80  GLY A CA 1 
ATOM 145 C CA . VAL E 2 81  ? 11.167  5.436   -21.472 1.00 30.00 ? 81  VAL A CA 1 
ATOM 146 C CA . GLY E 2 82  ? 9.850   3.160   -18.679 1.00 30.00 ? 82  GLY A CA 1 
ATOM 147 C CA . PRO E 2 83  ? 11.477  2.118   -15.385 1.00 30.00 ? 83  PRO A CA 1 
ATOM 148 C CA . LYS E 2 84  ? 12.638  -1.006  -16.722 1.00 30.00 ? 84  LYS A CA 1 
ATOM 149 C CA . LEU E 2 85  ? 14.581  0.675   -19.469 1.00 30.00 ? 85  LEU A CA 1 
ATOM 150 C CA . ALA E 2 86  ? 15.752  3.470   -17.207 1.00 30.00 ? 86  ALA A CA 1 
ATOM 151 C CA . LEU E 2 87  ? 17.181  0.737   -14.988 1.00 30.00 ? 87  LEU A CA 1 
ATOM 152 C CA . ALA E 2 88  ? 19.098  -0.741  -17.871 1.00 30.00 ? 88  ALA A CA 1 
ATOM 153 C CA . ILE E 2 89  ? 20.296  2.627   -19.133 1.00 30.00 ? 89  ILE A CA 1 
ATOM 154 C CA . LEU E 2 90  ? 21.758  3.142   -15.626 1.00 30.00 ? 90  LEU A CA 1 
ATOM 155 C CA . SER E 2 91  ? 23.183  -0.253  -15.431 1.00 30.00 ? 91  SER A CA 1 
ATOM 156 C CA . GLY E 2 92  ? 25.261  0.181   -18.648 1.00 30.00 ? 92  GLY A CA 1 
ATOM 157 C CA . MET E 2 93  ? 26.496  3.577   -17.690 1.00 30.00 ? 93  MET A CA 1 
ATOM 158 C CA . SER E 2 94  ? 26.668  5.843   -14.643 1.00 30.00 ? 94  SER A CA 1 
ATOM 159 C CA . ALA E 2 95  ? 24.453  8.915   -14.188 1.00 30.00 ? 95  ALA A CA 1 
ATOM 160 C CA . GLN E 2 96  ? 27.554  10.917  -15.031 1.00 30.00 ? 96  GLN A CA 1 
ATOM 161 C CA . GLN E 2 97  ? 28.381  9.094   -18.154 1.00 30.00 ? 97  GLN A CA 1 
ATOM 162 C CA . PHE E 2 98  ? 24.897  9.279   -19.159 1.00 30.00 ? 98  PHE A CA 1 
ATOM 163 C CA . VAL E 2 99  ? 24.681  12.938  -18.645 1.00 30.00 ? 99  VAL A CA 1 
ATOM 164 C CA . ASN E 2 100 ? 27.796  13.391  -20.668 1.00 30.00 ? 100 ASN A CA 1 
ATOM 165 C CA . ALA E 2 101 ? 26.546  11.261  -23.601 1.00 30.00 ? 101 ALA A CA 1 
ATOM 166 C CA . VAL E 2 102 ? 23.455  13.380  -23.760 1.00 30.00 ? 102 VAL A CA 1 
ATOM 167 C CA . GLU E 2 103 ? 25.347  16.661  -23.517 1.00 30.00 ? 103 GLU A CA 1 
ATOM 168 C CA . ARG E 2 104 ? 27.760  15.485  -26.127 1.00 30.00 ? 104 ARG A CA 1 
ATOM 169 C CA . GLU E 2 105 ? 24.991  14.020  -28.042 1.00 30.00 ? 105 GLU A CA 1 
ATOM 170 C CA . GLU E 2 106 ? 26.489  10.677  -28.539 1.00 30.00 ? 106 GLU A CA 1 
ATOM 171 C CA . VAL E 2 107 ? 23.886  8.189   -29.793 1.00 30.00 ? 107 VAL A CA 1 
ATOM 172 C CA . GLY E 2 108 ? 26.352  5.726   -30.770 1.00 30.00 ? 108 GLY A CA 1 
ATOM 173 C CA . ALA E 2 109 ? 26.705  4.846   -27.091 1.00 30.00 ? 109 ALA A CA 1 
ATOM 174 C CA . LEU E 2 110 ? 23.059  4.667   -26.180 1.00 30.00 ? 110 LEU A CA 1 
ATOM 175 C CA . VAL E 2 111 ? 21.905  2.460   -29.118 1.00 30.00 ? 111 VAL A CA 1 
ATOM 176 C CA . LYS E 2 112 ? 24.309  -0.229  -27.866 1.00 30.00 ? 112 LYS A CA 1 
ATOM 177 C CA . LEU E 2 113 ? 21.379  -0.719  -25.475 1.00 30.00 ? 113 LEU A CA 1 
ATOM 178 C CA . PRO E 2 114 ? 19.406  -3.962  -25.426 1.00 30.00 ? 114 PRO A CA 1 
ATOM 179 C CA . GLY E 2 115 ? 15.979  -2.218  -25.866 1.00 30.00 ? 115 GLY A CA 1 
ATOM 180 C CA . ILE E 2 116 ? 17.129  1.166   -27.097 1.00 30.00 ? 116 ILE A CA 1 
ATOM 181 C CA . GLY E 2 117 ? 15.787  2.215   -30.560 1.00 30.00 ? 117 GLY A CA 1 
ATOM 182 C CA . LYS E 2 118 ? 17.265  4.821   -32.914 1.00 30.00 ? 118 LYS A CA 1 
ATOM 183 C CA . LYS E 2 119 ? 14.754  7.610   -33.334 1.00 30.00 ? 119 LYS A CA 1 
ATOM 184 C CA . THR E 2 120 ? 14.362  6.858   -29.663 1.00 30.00 ? 120 THR A CA 1 
ATOM 185 C CA . ALA E 2 121 ? 18.107  7.419   -28.843 1.00 30.00 ? 121 ALA A CA 1 
ATOM 186 C CA . GLU E 2 122 ? 18.048  10.589  -30.876 1.00 30.00 ? 122 GLU A CA 1 
ATOM 187 C CA . ARG E 2 123 ? 14.883  11.652  -29.340 1.00 30.00 ? 123 ARG A CA 1 
ATOM 188 C CA . LEU E 2 124 ? 16.109  11.055  -25.898 1.00 30.00 ? 124 LEU A CA 1 
ATOM 189 C CA . ILE E 2 125 ? 19.204  13.216  -26.274 1.00 30.00 ? 125 ILE A CA 1 
ATOM 190 C CA . VAL E 2 126 ? 17.236  15.864  -27.657 1.00 30.00 ? 126 VAL A CA 1 
ATOM 191 C CA . GLU E 2 127 ? 14.710  15.706  -24.868 1.00 30.00 ? 127 GLU A CA 1 
ATOM 192 C CA . MET E 2 128 ? 16.997  15.180  -22.070 1.00 30.00 ? 128 MET A CA 1 
ATOM 193 C CA . LYS E 2 129 ? 19.364  17.770  -23.238 1.00 30.00 ? 129 LYS A CA 1 
ATOM 194 C CA . ASP E 2 130 ? 16.549  20.119  -22.800 1.00 30.00 ? 130 ASP A CA 1 
ATOM 195 C CA . ARG E 2 131 ? 15.398  18.913  -19.402 1.00 30.00 ? 131 ARG A CA 1 
ATOM 196 C CA . PHE E 2 132 ? 18.806  19.302  -17.831 1.00 30.00 ? 132 PHE A CA 1 
ATOM 197 C CA . LYS E 2 133 ? 18.729  23.031  -18.200 1.00 30.00 ? 133 LYS A CA 1 
ATOM 198 C CA . GLY E 2 134 ? 15.792  23.362  -15.912 1.00 30.00 ? 134 GLY A CA 1 
ATOM 199 C CA . LEU E 2 135 ? 17.755  20.963  -13.694 1.00 30.00 ? 135 LEU A CA 1 
ATOM 200 C CA . HIS E 2 136 ? 20.038  22.213  -10.990 1.00 30.00 ? 136 HIS A CA 1 
ATOM 201 C CA . GLY E 2 137 ? 22.644  20.118  -9.371  1.00 30.00 ? 137 GLY A CA 1 
ATOM 202 C CA . ASP E 2 138 ? 26.268  18.860  -9.516  1.00 30.00 ? 138 ASP A CA 1 
ATOM 203 C CA . LEU E 2 139 ? 25.077  16.324  -12.002 1.00 30.00 ? 139 LEU A CA 1 
ATOM 204 C CA . PHE E 2 140 ? 23.027  18.621  -14.159 1.00 30.00 ? 140 PHE A CA 1 
ATOM 205 C CA . THR E 2 141 ? 25.818  21.219  -13.732 1.00 30.00 ? 141 THR A CA 1 
ATOM 206 C CA . PRO E 2 142 ? 29.068  19.909  -15.408 1.00 30.00 ? 142 PRO A CA 1 
ATOM 207 C CA . THR E 2 156 ? 22.876  30.833  -9.526  1.00 30.00 ? 156 THR A CA 1 
ATOM 208 C CA . ASP E 2 157 ? 22.113  30.719  -5.950  1.00 30.00 ? 157 ASP A CA 1 
ATOM 209 C CA . ASP E 2 158 ? 20.908  27.348  -4.598  1.00 30.00 ? 158 ASP A CA 1 
ATOM 210 C CA . ALA E 2 159 ? 18.004  28.710  -2.406  1.00 30.00 ? 159 ALA A CA 1 
ATOM 211 C CA . GLU E 2 160 ? 16.700  30.889  -5.187  1.00 30.00 ? 160 GLU A CA 1 
ATOM 212 C CA . GLN E 2 161 ? 16.498  27.804  -7.380  1.00 30.00 ? 161 GLN A CA 1 
ATOM 213 C CA . GLU E 2 162 ? 14.900  25.934  -4.593  1.00 30.00 ? 162 GLU A CA 1 
ATOM 214 C CA . ALA E 2 163 ? 12.460  28.840  -4.348  1.00 30.00 ? 163 ALA A CA 1 
ATOM 215 C CA . VAL E 2 164 ? 11.501  28.562  -7.949  1.00 30.00 ? 164 VAL A CA 1 
ATOM 216 C CA . ALA E 2 165 ? 11.302  24.810  -8.005  1.00 30.00 ? 165 ALA A CA 1 
ATOM 217 C CA . ALA E 2 166 ? 8.739   25.064  -5.203  1.00 30.00 ? 166 ALA A CA 1 
ATOM 218 C CA . LEU E 2 167 ? 7.015   28.009  -6.871  1.00 30.00 ? 167 LEU A CA 1 
ATOM 219 C CA . VAL E 2 168 ? 6.856   25.938  -9.878  1.00 30.00 ? 168 VAL A CA 1 
ATOM 220 C CA . ALA E 2 169 ? 5.614   23.017  -7.876  1.00 30.00 ? 169 ALA A CA 1 
ATOM 221 C CA . LEU E 2 170 ? 2.872   25.433  -6.833  1.00 30.00 ? 170 LEU A CA 1 
ATOM 222 C CA . GLY E 2 171 ? 1.505   25.886  -10.299 1.00 30.00 ? 171 GLY A CA 1 
ATOM 223 C CA . TYR E 2 172 ? 3.547   28.842  -11.576 1.00 30.00 ? 172 TYR A CA 1 
ATOM 224 C CA . LYS E 2 173 ? 4.957   28.782  -15.091 1.00 30.00 ? 173 LYS A CA 1 
ATOM 225 C CA . PRO E 2 174 ? 8.640   28.186  -14.639 1.00 30.00 ? 174 PRO A CA 1 
ATOM 226 C CA . GLN E 2 175 ? 9.197   31.642  -15.989 1.00 30.00 ? 175 GLN A CA 1 
ATOM 227 C CA . GLU E 2 176 ? 6.821   33.675  -13.913 1.00 30.00 ? 176 GLU A CA 1 
ATOM 228 C CA . ALA E 2 177 ? 8.487   32.026  -10.980 1.00 30.00 ? 177 ALA A CA 1 
ATOM 229 C CA . SER E 2 178 ? 12.065  32.713  -12.083 1.00 30.00 ? 178 SER A CA 1 
ATOM 230 C CA . ARG E 2 179 ? 11.024  36.272  -12.402 1.00 30.00 ? 179 ARG A CA 1 
ATOM 231 C CA . MET E 2 180 ? 9.011   36.473  -9.222  1.00 30.00 ? 180 MET A CA 1 
ATOM 232 C CA . VAL E 2 181 ? 11.888  35.460  -6.827  1.00 30.00 ? 181 VAL A CA 1 
ATOM 233 C CA . SER E 2 182 ? 14.586  37.137  -8.823  1.00 30.00 ? 182 SER A CA 1 
ATOM 234 C CA . LYS E 2 183 ? 12.644  40.320  -8.707  1.00 30.00 ? 183 LYS A CA 1 
ATOM 235 C CA . ILE E 2 184 ? 12.609  40.000  -5.125  1.00 30.00 ? 184 ILE A CA 1 
ATOM 236 C CA . ALA E 2 185 ? 15.796  38.999  -3.213  1.00 30.00 ? 185 ALA A CA 1 
ATOM 237 C CA . ARG E 2 186 ? 19.251  38.330  -1.664  1.00 30.00 ? 186 ARG A CA 1 
ATOM 238 C CA . PRO E 2 187 ? 21.343  35.398  -0.462  1.00 30.00 ? 187 PRO A CA 1 
ATOM 239 C CA . ASP E 2 188 ? 21.144  36.240  3.275   1.00 30.00 ? 188 ASP A CA 1 
ATOM 240 C CA . ALA E 2 189 ? 17.608  34.861  3.081   1.00 30.00 ? 189 ALA A CA 1 
ATOM 241 C CA . SER E 2 190 ? 15.945  31.427  3.404   1.00 30.00 ? 190 SER A CA 1 
ATOM 242 C CA . SER E 2 191 ? 14.364  29.819  0.337   1.00 30.00 ? 191 SER A CA 1 
ATOM 243 C CA . GLU E 2 192 ? 11.431  29.310  2.640   1.00 30.00 ? 192 GLU A CA 1 
ATOM 244 C CA . THR E 2 193 ? 11.443  33.018  3.087   1.00 30.00 ? 193 THR A CA 1 
ATOM 245 C CA . LEU E 2 194 ? 11.920  33.734  -0.597  1.00 30.00 ? 194 LEU A CA 1 
ATOM 246 C CA . ILE E 2 195 ? 8.961   31.482  -1.484  1.00 30.00 ? 195 ILE A CA 1 
ATOM 247 C CA . ARG E 2 196 ? 7.060   33.264  1.168   1.00 30.00 ? 196 ARG A CA 1 
ATOM 248 C CA . GLU E 2 197 ? 7.950   36.771  0.126   1.00 30.00 ? 197 GLU A CA 1 
ATOM 249 C CA . ALA E 2 198 ? 7.283   35.887  -3.520  1.00 30.00 ? 198 ALA A CA 1 
ATOM 250 C CA . LEU E 2 199 ? 3.803   34.653  -2.737  1.00 30.00 ? 199 LEU A CA 1 
ATOM 251 C CA . ARG E 2 200 ? 2.757   37.719  -0.826  1.00 30.00 ? 200 ARG A CA 1 
ATOM 252 C CA . ALA E 2 201 ? 3.873   39.899  -3.691  1.00 30.00 ? 201 ALA A CA 1 
ATOM 253 C CA . ALA E 2 202 ? 1.918   37.867  -6.115  1.00 30.00 ? 202 ALA A CA 1 
ATOM 254 C CA . LEU E 2 203 ? -1.414  37.540  -4.444  1.00 30.00 ? 203 LEU A CA 1 
ATOM 255 C CA . MET F 2 1   ? -2.615  -7.641  4.041   1.00 30.00 ? 1   MET B CA 1 
ATOM 256 C CA . ILE F 2 2   ? -3.115  -6.240  7.592   1.00 30.00 ? 2   ILE B CA 1 
ATOM 257 C CA . GLY F 2 3   ? -5.181  -8.490  9.852   1.00 30.00 ? 3   GLY B CA 1 
ATOM 258 C CA . ARG F 2 4   ? -4.340  -6.976  13.273  1.00 30.00 ? 4   ARG B CA 1 
ATOM 259 C CA . LEU F 2 5   ? -2.990  -3.933  14.876  1.00 30.00 ? 5   LEU B CA 1 
ATOM 260 C CA . ARG F 2 6   ? -1.457  -3.570  18.313  1.00 30.00 ? 6   ARG B CA 1 
ATOM 261 C CA . GLY F 2 7   ? -0.854  -0.059  19.542  1.00 30.00 ? 7   GLY B CA 1 
ATOM 262 C CA . ILE F 2 8   ? -1.774  2.956   21.565  1.00 30.00 ? 8   ILE B CA 1 
ATOM 263 C CA . ILE F 2 9   ? -5.144  4.757   21.203  1.00 30.00 ? 9   ILE B CA 1 
ATOM 264 C CA . ILE F 2 10  ? -4.297  8.380   20.180  1.00 30.00 ? 10  ILE B CA 1 
ATOM 265 C CA . GLU F 2 11  ? -7.794  9.751   19.526  1.00 30.00 ? 11  GLU B CA 1 
ATOM 266 C CA . LYS F 2 12  ? -11.286 8.666   19.306  1.00 30.00 ? 12  LYS B CA 1 
ATOM 267 C CA . GLN F 2 13  ? -13.686 10.276  16.917  1.00 30.00 ? 13  GLN B CA 1 
ATOM 268 C CA . PRO F 2 14  ? -16.625 7.832   16.524  1.00 30.00 ? 14  PRO B CA 1 
ATOM 269 C CA . PRO F 2 15  ? -16.732 5.864   14.438  1.00 30.00 ? 15  PRO B CA 1 
ATOM 270 C CA . LEU F 2 16  ? -13.017 6.493   13.731  1.00 30.00 ? 16  LEU B CA 1 
ATOM 271 C CA . VAL F 2 17  ? -10.096 5.652   16.006  1.00 30.00 ? 17  VAL B CA 1 
ATOM 272 C CA . LEU F 2 18  ? -6.413  6.568   15.464  1.00 30.00 ? 18  LEU B CA 1 
ATOM 273 C CA . ILE F 2 19  ? -4.022  3.851   16.723  1.00 30.00 ? 19  ILE B CA 1 
ATOM 274 C CA . GLU F 2 20  ? -0.327  4.617   16.965  1.00 30.00 ? 20  GLU B CA 1 
ATOM 275 C CA . VAL F 2 21  ? 1.881   1.849   15.965  1.00 30.00 ? 21  VAL B CA 1 
ATOM 276 C CA . GLY F 2 22  ? 5.507   2.565   16.097  1.00 30.00 ? 22  GLY B CA 1 
ATOM 277 C CA . GLY F 2 23  ? 5.135   6.076   15.061  1.00 30.00 ? 23  GLY B CA 1 
ATOM 278 C CA . VAL F 2 24  ? 2.566   5.326   12.354  1.00 30.00 ? 24  VAL B CA 1 
ATOM 279 C CA . GLY F 2 25  ? -0.948  6.593   13.237  1.00 30.00 ? 25  GLY B CA 1 
ATOM 280 C CA . TYR F 2 26  ? -3.456  4.204   11.536  1.00 30.00 ? 26  TYR B CA 1 
ATOM 281 C CA . GLU F 2 27  ? -7.047  5.213   11.062  1.00 30.00 ? 27  GLU B CA 1 
ATOM 282 C CA . VAL F 2 28  ? -9.516  2.481   11.816  1.00 30.00 ? 28  VAL B CA 1 
ATOM 283 C CA . HIS F 2 29  ? -13.263 2.576   11.159  1.00 30.00 ? 29  HIS B CA 1 
ATOM 284 C CA . MET F 2 30  ? -15.262 0.666   13.702  1.00 30.00 ? 30  MET B CA 1 
ATOM 285 C CA . PRO F 2 31  ? -18.906 -0.137  14.209  1.00 30.00 ? 31  PRO B CA 1 
ATOM 286 C CA . MET F 2 32  ? -20.149 1.704   17.228  1.00 30.00 ? 32  MET B CA 1 
ATOM 287 C CA . THR F 2 33  ? -20.878 -1.470  19.056  1.00 30.00 ? 33  THR B CA 1 
ATOM 288 C CA . CYS F 2 34  ? -17.146 -2.257  18.924  1.00 30.00 ? 34  CYS B CA 1 
ATOM 289 C CA . PHE F 2 35  ? -16.273 1.298   19.627  1.00 30.00 ? 35  PHE B CA 1 
ATOM 290 C CA . TYR F 2 36  ? -17.860 1.176   22.909  1.00 30.00 ? 36  TYR B CA 1 
ATOM 291 C CA . GLU F 2 37  ? -15.436 -1.548  23.992  1.00 30.00 ? 37  GLU B CA 1 
ATOM 292 C CA . LEU F 2 38  ? -12.332 0.367   23.230  1.00 30.00 ? 38  LEU B CA 1 
ATOM 293 C CA . PRO F 2 39  ? -9.885  1.368   26.009  1.00 30.00 ? 39  PRO B CA 1 
ATOM 294 C CA . GLU F 2 40  ? -9.104  4.916   26.831  1.00 30.00 ? 40  GLU B CA 1 
ATOM 295 C CA . ALA F 2 41  ? -6.865  7.067   24.821  1.00 30.00 ? 41  ALA B CA 1 
ATOM 296 C CA . GLY F 2 42  ? -3.290  6.518   25.966  1.00 30.00 ? 42  GLY B CA 1 
ATOM 297 C CA . GLN F 2 43  ? -3.870  2.956   26.463  1.00 30.00 ? 43  GLN B CA 1 
ATOM 298 C CA . GLU F 2 44  ? -2.938  -0.022  24.484  1.00 30.00 ? 44  GLU B CA 1 
ATOM 299 C CA . ALA F 2 45  ? -5.417  -1.657  22.134  1.00 30.00 ? 45  ALA B CA 1 
ATOM 300 C CA . ILE F 2 46  ? -5.633  -4.783  19.930  1.00 30.00 ? 46  ILE B CA 1 
ATOM 301 C CA . VAL F 2 47  ? -8.004  -4.543  16.835  1.00 30.00 ? 47  VAL B CA 1 
ATOM 302 C CA . PHE F 2 48  ? -8.822  -7.078  14.177  1.00 30.00 ? 48  PHE B CA 1 
ATOM 303 C CA . THR F 2 49  ? -8.795  -5.436  10.814  1.00 30.00 ? 49  THR B CA 1 
ATOM 304 C CA . HIS F 2 50  ? -10.379 -5.756  7.455   1.00 30.00 ? 50  HIS B CA 1 
ATOM 305 C CA . PHE F 2 51  ? -8.730  -3.975  4.587   1.00 30.00 ? 51  PHE B CA 1 
ATOM 306 C CA . VAL F 2 52  ? -10.758 -2.318  1.966   1.00 30.00 ? 52  VAL B CA 1 
ATOM 307 C CA . VAL F 2 53  ? -9.381  -0.996  -1.244  1.00 30.00 ? 53  VAL B CA 1 
ATOM 308 C CA . ARG F 2 54  ? -11.384 1.748   -3.005  1.00 30.00 ? 54  ARG B CA 1 
ATOM 309 C CA . GLU F 2 55  ? -10.942 3.922   -6.011  1.00 30.00 ? 55  GLU B CA 1 
ATOM 310 C CA . ASP F 2 56  ? -9.405  6.882   -4.248  1.00 30.00 ? 56  ASP B CA 1 
ATOM 311 C CA . ALA F 2 57  ? -8.774  5.253   -0.841  1.00 30.00 ? 57  ALA B CA 1 
ATOM 312 C CA . GLN F 2 58  ? -7.429  2.377   1.154   1.00 30.00 ? 58  GLN B CA 1 
ATOM 313 C CA . LEU F 2 59  ? -9.303  1.720   4.353   1.00 30.00 ? 59  LEU B CA 1 
ATOM 314 C CA . LEU F 2 60  ? -9.224  -0.304  7.491   1.00 30.00 ? 60  LEU B CA 1 
ATOM 315 C CA . TYR F 2 61  ? -12.353 -1.538  9.285   1.00 30.00 ? 61  TYR B CA 1 
ATOM 316 C CA . GLY F 2 62  ? -11.629 -2.768  12.892  1.00 30.00 ? 62  GLY B CA 1 
ATOM 317 C CA . PHE F 2 63  ? -13.320 -5.052  15.346  1.00 30.00 ? 63  PHE B CA 1 
ATOM 318 C CA . ASN F 2 64  ? -12.653 -6.239  18.770  1.00 30.00 ? 64  ASN B CA 1 
ATOM 319 C CA . ASN F 2 65  ? -12.696 -9.884  17.861  1.00 30.00 ? 65  ASN B CA 1 
ATOM 320 C CA . LYS F 2 66  ? -12.502 -12.278 15.000  1.00 30.00 ? 66  LYS B CA 1 
ATOM 321 C CA . GLN F 2 67  ? -16.014 -13.199 15.150  1.00 30.00 ? 67  GLN B CA 1 
ATOM 322 C CA . GLU F 2 68  ? -17.370 -9.798  14.533  1.00 30.00 ? 68  GLU B CA 1 
ATOM 323 C CA . ARG F 2 69  ? -14.929 -9.415  11.655  1.00 30.00 ? 69  ARG B CA 1 
ATOM 324 C CA . THR F 2 70  ? -16.267 -12.544 10.132  1.00 30.00 ? 70  THR B CA 1 
ATOM 325 C CA . LEU F 2 71  ? -19.803 -11.381 10.338  1.00 30.00 ? 71  LEU B CA 1 
ATOM 326 C CA . PHE F 2 72  ? -18.750 -8.163  8.754   1.00 30.00 ? 72  PHE B CA 1 
ATOM 327 C CA . LYS F 2 73  ? -16.949 -9.998  5.988   1.00 30.00 ? 73  LYS B CA 1 
ATOM 328 C CA . GLU F 2 74  ? -19.910 -12.206 5.358   1.00 30.00 ? 74  GLU B CA 1 
ATOM 329 C CA . LEU F 2 75  ? -22.291 -9.226  5.183   1.00 30.00 ? 75  LEU B CA 1 
ATOM 330 C CA . ILE F 2 76  ? -20.297 -7.404  2.526   1.00 30.00 ? 76  ILE B CA 1 
ATOM 331 C CA . LYS F 2 77  ? -19.989 -10.539 0.297   1.00 30.00 ? 77  LYS B CA 1 
ATOM 332 C CA . THR F 2 78  ? -23.675 -10.059 -0.444  1.00 30.00 ? 78  THR B CA 1 
ATOM 333 C CA . ASN F 2 79  ? -24.838 -8.042  -3.465  1.00 30.00 ? 79  ASN B CA 1 
ATOM 334 C CA . GLY F 2 80  ? -26.744 -5.385  -1.652  1.00 30.00 ? 80  GLY B CA 1 
ATOM 335 C CA . VAL F 2 81  ? -24.298 -4.835  1.231   1.00 30.00 ? 81  VAL B CA 1 
ATOM 336 C CA . GLY F 2 82  ? -21.151 -2.643  1.261   1.00 30.00 ? 82  GLY B CA 1 
ATOM 337 C CA . PRO F 2 83  ? -18.779 -1.784  4.128   1.00 30.00 ? 83  PRO B CA 1 
ATOM 338 C CA . LYS F 2 84  ? -20.390 1.361   4.774   1.00 30.00 ? 84  LYS B CA 1 
ATOM 339 C CA . LEU F 2 85  ? -23.734 -0.257  5.360   1.00 30.00 ? 85  LEU B CA 1 
ATOM 340 C CA . ALA F 2 86  ? -22.223 -3.174  7.231   1.00 30.00 ? 86  ALA B CA 1 
ATOM 341 C CA . LEU F 2 87  ? -20.707 -0.576  9.553   1.00 30.00 ? 87  LEU B CA 1 
ATOM 342 C CA . ALA F 2 88  ? -24.080 0.969   10.191  1.00 30.00 ? 88  ALA B CA 1 
ATOM 343 C CA . ILE F 2 89  ? -25.812 -2.375  10.630  1.00 30.00 ? 89  ILE B CA 1 
ATOM 344 C CA . LEU F 2 90  ? -23.221 -3.074  13.371  1.00 30.00 ? 90  LEU B CA 1 
ATOM 345 C CA . SER F 2 91  ? -23.533 0.269   14.891  1.00 30.00 ? 91  SER B CA 1 
ATOM 346 C CA . GLY F 2 92  ? -27.328 -0.086  15.460  1.00 30.00 ? 92  GLY B CA 1 
ATOM 347 C CA . MET F 2 93  ? -27.050 -3.551  16.836  1.00 30.00 ? 93  MET B CA 1 
ATOM 348 C CA . SER F 2 94  ? -24.401 -5.946  18.137  1.00 30.00 ? 94  SER B CA 1 
ATOM 349 C CA . ALA F 2 95  ? -23.166 -8.974  16.174  1.00 30.00 ? 95  ALA B CA 1 
ATOM 350 C CA . GLN F 2 96  ? -25.255 -11.023 18.576  1.00 30.00 ? 96  GLN B CA 1 
ATOM 351 C CA . GLN F 2 97  ? -28.391 -9.093  18.137  1.00 30.00 ? 97  GLN B CA 1 
ATOM 352 C CA . PHE F 2 98  ? -27.892 -9.142  14.540  1.00 30.00 ? 98  PHE B CA 1 
ATOM 353 C CA . VAL F 2 99  ? -27.435 -12.813 14.400  1.00 30.00 ? 99  VAL B CA 1 
ATOM 354 C CA . ASN F 2 100 ? -30.565 -13.264 16.401  1.00 30.00 ? 100 ASN B CA 1 
ATOM 355 C CA . ALA F 2 101 ? -32.673 -10.980 14.157  1.00 30.00 ? 101 ALA B CA 1 
ATOM 356 C CA . VAL F 2 102 ? -31.614 -13.006 11.182  1.00 30.00 ? 102 VAL B CA 1 
ATOM 357 C CA . GLU F 2 103 ? -32.253 -16.345 12.871  1.00 30.00 ? 103 GLU B CA 1 
ATOM 358 C CA . ARG F 2 104 ? -35.587 -15.128 14.061  1.00 30.00 ? 104 ARG B CA 1 
ATOM 359 C CA . GLU F 2 105 ? -36.167 -13.509 10.815  1.00 30.00 ? 105 GLU B CA 1 
ATOM 360 C CA . GLU F 2 106 ? -37.141 -10.189 12.121  1.00 30.00 ? 106 GLU B CA 1 
ATOM 361 C CA . VAL F 2 107 ? -37.155 -7.582  9.338   1.00 30.00 ? 107 VAL B CA 1 
ATOM 362 C CA . GLY F 2 108 ? -38.987 -5.148  11.295  1.00 30.00 ? 108 GLY B CA 1 
ATOM 363 C CA . ALA F 2 109 ? -35.750 -4.433  13.151  1.00 30.00 ? 109 ALA B CA 1 
ATOM 364 C CA . LEU F 2 110 ? -33.424 -4.193  10.201  1.00 30.00 ? 110 LEU B CA 1 
ATOM 365 C CA . VAL F 2 111 ? -35.575 -1.835  8.045   1.00 30.00 ? 111 VAL B CA 1 
ATOM 366 C CA . LYS F 2 112 ? -35.341 0.733   10.861  1.00 30.00 ? 112 LYS B CA 1 
ATOM 367 C CA . LEU F 2 113 ? -31.951 1.202   9.179   1.00 30.00 ? 113 LEU B CA 1 
ATOM 368 C CA . PRO F 2 114 ? -31.014 4.494   7.534   1.00 30.00 ? 114 PRO B CA 1 
ATOM 369 C CA . GLY F 2 115 ? -30.064 2.862   4.155   1.00 30.00 ? 115 GLY B CA 1 
ATOM 370 C CA . ILE F 2 116 ? -31.749 -0.498  4.562   1.00 30.00 ? 116 ILE B CA 1 
ATOM 371 C CA . GLY F 2 117 ? -34.389 -1.365  1.885   1.00 30.00 ? 117 GLY B CA 1 
ATOM 372 C CA . LYS F 2 118 ? -37.211 -3.908  2.167   1.00 30.00 ? 118 LYS B CA 1 
ATOM 373 C CA . LYS F 2 119 ? -36.645 -6.609  -0.412  1.00 30.00 ? 119 LYS B CA 1 
ATOM 374 C CA . THR F 2 120 ? -33.115 -6.001  0.756   1.00 30.00 ? 120 THR B CA 1 
ATOM 375 C CA . ALA F 2 121 ? -33.910 -6.697  4.484   1.00 30.00 ? 121 ALA B CA 1 
ATOM 376 C CA . GLU F 2 122 ? -35.827 -9.775  3.469   1.00 30.00 ? 122 GLU B CA 1 
ATOM 377 C CA . ARG F 2 123 ? -33.164 -10.815 1.162   1.00 30.00 ? 123 ARG B CA 1 
ATOM 378 C CA . LEU F 2 124 ? -30.506 -10.397 3.706   1.00 30.00 ? 124 LEU B CA 1 
ATOM 379 C CA . ILE F 2 125 ? -32.169 -12.623 6.287   1.00 30.00 ? 125 ILE B CA 1 
ATOM 380 C CA . VAL F 2 126 ? -32.701 -15.156 3.818   1.00 30.00 ? 126 VAL B CA 1 
ATOM 381 C CA . GLU F 2 127 ? -29.122 -15.047 2.653   1.00 30.00 ? 127 GLU B CA 1 
ATOM 382 C CA . MET F 2 128 ? -27.486 -14.701 5.901   1.00 30.00 ? 128 MET B CA 1 
ATOM 383 C CA . LYS F 2 129 ? -29.588 -17.302 7.478   1.00 30.00 ? 129 LYS B CA 1 
ATOM 384 C CA . ASP F 2 130 ? -28.104 -19.590 4.989   1.00 30.00 ? 130 ASP B CA 1 
ATOM 385 C CA . ARG F 2 131 ? -24.501 -18.497 5.371   1.00 30.00 ? 131 ARG B CA 1 
ATOM 386 C CA . PHE F 2 132 ? -24.468 -19.043 9.104   1.00 30.00 ? 132 PHE B CA 1 
ATOM 387 C CA . LYS F 2 133 ? -24.874 -22.750 8.728   1.00 30.00 ? 133 LYS B CA 1 
ATOM 388 C CA . GLY F 2 134 ? -21.596 -23.095 6.964   1.00 30.00 ? 134 GLY B CA 1 
ATOM 389 C CA . LEU F 2 135 ? -20.309 -20.847 9.758   1.00 30.00 ? 135 LEU B CA 1 
ATOM 390 C CA . HIS F 2 136 ? -18.806 -22.269 12.889  1.00 30.00 ? 136 HIS B CA 1 
ATOM 391 C CA . GLY F 2 137 ? -18.334 -20.314 16.013  1.00 30.00 ? 137 GLY B CA 1 
ATOM 392 C CA . ASP F 2 138 ? -19.911 -19.152 19.314  1.00 30.00 ? 138 ASP B CA 1 
ATOM 393 C CA . LEU F 2 139 ? -21.626 -16.482 17.322  1.00 30.00 ? 139 LEU B CA 1 
ATOM 394 C CA . PHE F 2 140 ? -22.821 -18.630 14.478  1.00 30.00 ? 140 PHE B CA 1 
ATOM 395 C CA . THR F 2 141 ? -23.640 -21.319 17.089  1.00 30.00 ? 141 THR B CA 1 
ATOM 396 C CA . PRO F 2 142 ? -26.460 -20.029 19.429  1.00 30.00 ? 142 PRO B CA 1 
ATOM 397 C CA . THR F 2 156 ? -18.861 -31.017 15.714  1.00 30.00 ? 156 THR B CA 1 
ATOM 398 C CA . ASP F 2 157 ? -15.283 -31.032 16.478  1.00 30.00 ? 157 ASP B CA 1 
ATOM 399 C CA . ASP F 2 158 ? -13.466 -27.689 16.068  1.00 30.00 ? 158 ASP B CA 1 
ATOM 400 C CA . ALA F 2 159 ? -10.318 -29.062 14.253  1.00 30.00 ? 159 ALA B CA 1 
ATOM 401 C CA . GLU F 2 160 ? -12.384 -31.086 11.841  1.00 30.00 ? 160 GLU B CA 1 
ATOM 402 C CA . GLN F 2 161 ? -14.219 -27.909 10.893  1.00 30.00 ? 161 GLN B CA 1 
ATOM 403 C CA . GLU F 2 162 ? -10.973 -26.114 10.646  1.00 30.00 ? 162 GLU B CA 1 
ATOM 404 C CA . ALA F 2 163 ? -9.832  -28.960 8.398   1.00 30.00 ? 163 ALA B CA 1 
ATOM 405 C CA . VAL F 2 164 ? -12.720 -28.507 6.069   1.00 30.00 ? 164 VAL B CA 1 
ATOM 406 C CA . ALA F 2 165 ? -12.587 -24.751 6.022   1.00 30.00 ? 165 ALA B CA 1 
ATOM 407 C CA . ALA F 2 166 ? -8.992  -25.052 4.813   1.00 30.00 ? 166 ALA B CA 1 
ATOM 408 C CA . LEU F 2 167 ? -9.891  -27.877 2.437   1.00 30.00 ? 167 LEU B CA 1 
ATOM 409 C CA . VAL F 2 168 ? -12.514 -25.680 1.156   1.00 30.00 ? 168 VAL B CA 1 
ATOM 410 C CA . ALA F 2 169 ? -10.102 -22.812 0.958   1.00 30.00 ? 169 ALA B CA 1 
ATOM 411 C CA . LEU F 2 170 ? -8.096  -25.194 -1.220  1.00 30.00 ? 170 LEU B CA 1 
ATOM 412 C CA . GLY F 2 171 ? -10.714 -25.464 -3.896  1.00 30.00 ? 171 GLY B CA 1 
ATOM 413 C CA . TYR F 2 172 ? -12.792 -28.419 -2.676  1.00 30.00 ? 172 TYR B CA 1 
ATOM 414 C CA . LYS F 2 173 ? -16.573 -28.250 -2.815  1.00 30.00 ? 173 LYS B CA 1 
ATOM 415 C CA . PRO F 2 174 ? -17.648 -27.774 0.754   1.00 30.00 ? 174 PRO B CA 1 
ATOM 416 C CA . GLN F 2 175 ? -19.201 -31.183 0.569   1.00 30.00 ? 175 GLN B CA 1 
ATOM 417 C CA . GLU F 2 176 ? -16.392 -33.237 -0.840  1.00 30.00 ? 176 GLU B CA 1 
ATOM 418 C CA . ALA F 2 177 ? -14.351 -31.758 1.942   1.00 30.00 ? 177 ALA B CA 1 
ATOM 419 C CA . SER F 2 178 ? -16.834 -32.495 4.730   1.00 30.00 ? 178 SER B CA 1 
ATOM 420 C CA . ARG F 2 179 ? -16.798 -36.008 3.502   1.00 30.00 ? 179 ARG B CA 1 
ATOM 421 C CA . MET F 2 180 ? -13.080 -36.286 2.949   1.00 30.00 ? 180 MET B CA 1 
ATOM 422 C CA . VAL F 2 181 ? -12.041 -35.454 6.592   1.00 30.00 ? 181 VAL B CA 1 
ATOM 423 C CA . SER F 2 182 ? -15.009 -37.117 8.172   1.00 30.00 ? 182 SER B CA 1 
ATOM 424 C CA . LYS F 2 183 ? -14.197 -40.248 6.314   1.00 30.00 ? 183 LYS B CA 1 
ATOM 425 C CA . ILE F 2 184 ? -10.904 -40.078 7.753   1.00 30.00 ? 184 ILE B CA 1 
ATOM 426 C CA . ALA F 2 185 ? -10.433 -39.245 11.480  1.00 30.00 ? 185 ALA B CA 1 
ATOM 427 C CA . ARG F 2 186 ? -10.411 -38.735 15.291  1.00 30.00 ? 186 ARG B CA 1 
ATOM 428 C CA . PRO F 2 187 ? -10.087 -35.914 17.811  1.00 30.00 ? 187 PRO B CA 1 
ATOM 429 C CA . ASP F 2 188 ? -6.619  -36.904 19.115  1.00 30.00 ? 188 ASP B CA 1 
ATOM 430 C CA . ALA F 2 189 ? -5.316  -35.423 15.867  1.00 30.00 ? 189 ALA B CA 1 
ATOM 431 C CA . SER F 2 190 ? -4.250  -31.962 14.624  1.00 30.00 ? 190 SER B CA 1 
ATOM 432 C CA . SER F 2 191 ? -6.361  -30.185 12.001  1.00 30.00 ? 191 SER B CA 1 
ATOM 433 C CA . GLU F 2 192 ? -3.049  -29.693 10.281  1.00 30.00 ? 192 GLU B CA 1 
ATOM 434 C CA . THR F 2 193 ? -2.746  -33.417 10.319  1.00 30.00 ? 193 THR B CA 1 
ATOM 435 C CA . LEU F 2 194 ? -6.320  -33.989 9.226   1.00 30.00 ? 194 LEU B CA 1 
ATOM 436 C CA . ILE F 2 195 ? -5.862  -31.623 6.260   1.00 30.00 ? 195 ILE B CA 1 
ATOM 437 C CA . ARG F 2 196 ? -2.716  -33.464 5.529   1.00 30.00 ? 196 ARG B CA 1 
ATOM 438 C CA . GLU F 2 197 ? -4.125  -36.945 5.771   1.00 30.00 ? 197 GLU B CA 1 
ATOM 439 C CA . ALA F 2 198 ? -7.155  -35.892 3.717   1.00 30.00 ? 198 ALA B CA 1 
ATOM 440 C CA . LEU F 2 199 ? -4.988  -34.599 0.911   1.00 30.00 ? 199 LEU B CA 1 
ATOM 441 C CA . ARG F 2 200 ? -2.901  -37.712 0.605   1.00 30.00 ? 200 ARG B CA 1 
ATOM 442 C CA . ALA F 2 201 ? -6.029  -39.800 0.367   1.00 30.00 ? 201 ALA B CA 1 
ATOM 443 C CA . ALA F 2 202 ? -7.389  -37.616 -2.317  1.00 30.00 ? 202 ALA B CA 1 
ATOM 444 C CA . LEU F 2 203 ? -4.496  -37.270 -4.666  1.00 30.00 ? 203 LEU B CA 1 
ATOM 445 C CA . MET G 2 1   ? -5.134  4.339   6.029   1.00 30.00 ? 1   MET C CA 1 
ATOM 446 C CA . ILE G 2 2   ? -2.418  6.623   7.521   1.00 30.00 ? 2   ILE C CA 1 
ATOM 447 C CA . GLY G 2 3   ? -3.798  9.564   9.491   1.00 30.00 ? 3   GLY C CA 1 
ATOM 448 C CA . ARG G 2 4   ? -0.654  10.638  11.405  1.00 30.00 ? 4   ARG C CA 1 
ATOM 449 C CA . LEU G 2 5   ? 3.028   10.329  11.395  1.00 30.00 ? 5   LEU C CA 1 
ATOM 450 C CA . ARG G 2 6   ? 5.435   10.820  14.269  1.00 30.00 ? 6   ARG C CA 1 
ATOM 451 C CA . GLY G 2 7   ? 9.102   10.952  13.411  1.00 30.00 ? 7   GLY C CA 1 
ATOM 452 C CA . ILE G 2 8   ? 12.292  12.798  12.733  1.00 30.00 ? 8   ILE C CA 1 
ATOM 453 C CA . ILE G 2 9   ? 12.605  15.481  10.007  1.00 30.00 ? 9   ILE C CA 1 
ATOM 454 C CA . ILE G 2 10  ? 15.353  14.226  7.605   1.00 30.00 ? 10  ILE C CA 1 
ATOM 455 C CA . GLU G 2 11  ? 15.135  16.864  4.862   1.00 30.00 ? 11  GLU C CA 1 
ATOM 456 C CA . LYS G 2 12  ? 13.099  19.725  3.815   1.00 30.00 ? 12  LYS C CA 1 
ATOM 457 C CA . GLN G 2 13  ? 12.568  20.520  0.189   1.00 30.00 ? 13  GLN C CA 1 
ATOM 458 C CA . PRO G 2 14  ? 9.492   22.818  0.025   1.00 30.00 ? 14  PRO C CA 1 
ATOM 459 C CA . PRO G 2 15  ? 6.832   21.816  -0.377  1.00 30.00 ? 15  PRO C CA 1 
ATOM 460 C CA . LEU G 2 16  ? 8.112   18.281  0.374   1.00 30.00 ? 16  LEU C CA 1 
ATOM 461 C CA . VAL G 2 17  ? 9.377   16.982  3.708   1.00 30.00 ? 17  VAL C CA 1 
ATOM 462 C CA . LEU G 2 18  ? 10.962  13.560  4.399   1.00 30.00 ? 18  LEU C CA 1 
ATOM 463 C CA . ILE G 2 19  ? 10.033  12.179  7.851   1.00 30.00 ? 19  ILE C CA 1 
ATOM 464 C CA . GLU G 2 20  ? 11.877  9.158   9.184   1.00 30.00 ? 20  GLU C CA 1 
ATOM 465 C CA . VAL G 2 21  ? 9.765   6.750   10.996  1.00 30.00 ? 21  VAL C CA 1 
ATOM 466 C CA . GLY G 2 22  ? 11.492  3.731   12.248  1.00 30.00 ? 22  GLY C CA 1 
ATOM 467 C CA . GLY G 2 23  ? 13.780  3.507   9.376   1.00 30.00 ? 23  GLY C CA 1 
ATOM 468 C CA . VAL G 2 24  ? 11.099  4.280   6.788   1.00 30.00 ? 24  VAL C CA 1 
ATOM 469 C CA . GLY G 2 25  ? 11.529  7.738   5.177   1.00 30.00 ? 25  GLY C CA 1 
ATOM 470 C CA . TYR G 2 26  ? 7.997   8.984   4.248   1.00 30.00 ? 26  TYR C CA 1 
ATOM 471 C CA . GLU G 2 27  ? 7.538   11.797  1.795   1.00 30.00 ? 27  GLU C CA 1 
ATOM 472 C CA . VAL G 2 28  ? 4.916   14.294  2.803   1.00 30.00 ? 28  VAL C CA 1 
ATOM 473 C CA . HIS G 2 29  ? 3.568   17.144  0.672   1.00 30.00 ? 29  HIS C CA 1 
ATOM 474 C CA . MET G 2 30  ? 2.625   20.176  2.677   1.00 30.00 ? 30  MET C CA 1 
ATOM 475 C CA . PRO G 2 31  ? 1.128   23.545  1.916   1.00 30.00 ? 31  PRO C CA 1 
ATOM 476 C CA . MET G 2 32  ? 3.731   26.186  2.462   1.00 30.00 ? 32  MET C CA 1 
ATOM 477 C CA . THR G 2 33  ? 1.776   27.762  5.227   1.00 30.00 ? 33  THR C CA 1 
ATOM 478 C CA . CYS G 2 34  ? 2.168   24.513  7.189   1.00 30.00 ? 34  CYS C CA 1 
ATOM 479 C CA . PHE G 2 35  ? 5.698   24.137  6.052   1.00 30.00 ? 35  PHE C CA 1 
ATOM 480 C CA . TYR G 2 36  ? 6.707   27.207  7.744   1.00 30.00 ? 36  TYR C CA 1 
ATOM 481 C CA . GLU G 2 37  ? 5.698   25.706  11.091  1.00 30.00 ? 37  GLU C CA 1 
ATOM 482 C CA . LEU G 2 38  ? 7.831   22.663  10.811  1.00 30.00 ? 38  LEU C CA 1 
ATOM 483 C CA . PRO G 2 39  ? 10.718  22.034  13.256  1.00 30.00 ? 39  PRO C CA 1 
ATOM 484 C CA . GLU G 2 40  ? 14.273  21.799  12.167  1.00 30.00 ? 40  GLU C CA 1 
ATOM 485 C CA . ALA G 2 41  ? 15.743  18.842  10.504  1.00 30.00 ? 41  ALA C CA 1 
ATOM 486 C CA . GLY G 2 42  ? 16.898  16.393  13.162  1.00 30.00 ? 42  GLY C CA 1 
ATOM 487 C CA . GLN G 2 43  ? 14.027  17.144  15.273  1.00 30.00 ? 43  GLN C CA 1 
ATOM 488 C CA . GLU G 2 44  ? 10.893  15.314  15.966  1.00 30.00 ? 44  GLU C CA 1 
ATOM 489 C CA . ALA G 2 45  ? 7.680   16.195  14.168  1.00 30.00 ? 45  ALA C CA 1 
ATOM 490 C CA . ILE G 2 46  ? 3.977   15.226  14.290  1.00 30.00 ? 46  ILE C CA 1 
ATOM 491 C CA . VAL G 2 47  ? 1.983   15.626  10.955  1.00 30.00 ? 47  VAL C CA 1 
ATOM 492 C CA . PHE G 2 48  ? -1.630  14.931  10.164  1.00 30.00 ? 48  PHE C CA 1 
ATOM 493 C CA . THR G 2 49  ? -1.885  13.149  6.883   1.00 30.00 ? 49  THR C CA 1 
ATOM 494 C CA . HIS G 2 50  ? -4.235  12.742  4.018   1.00 30.00 ? 50  HIS C CA 1 
ATOM 495 C CA . PHE G 2 51  ? -3.657  9.837   1.706   1.00 30.00 ? 51  PHE C CA 1 
ATOM 496 C CA . VAL G 2 52  ? -4.152  10.195  -1.948  1.00 30.00 ? 52  VAL C CA 1 
ATOM 497 C CA . VAL G 2 53  ? -4.197  7.343   -4.359  1.00 30.00 ? 53  VAL C CA 1 
ATOM 498 C CA . ARG G 2 54  ? -3.373  8.131   -8.012  1.00 30.00 ? 54  ARG C CA 1 
ATOM 499 C CA . GLU G 2 55  ? -2.895  6.183   -11.163 1.00 30.00 ? 55  GLU C CA 1 
ATOM 500 C CA . ASP G 2 56  ? 0.851   5.796   -10.933 1.00 30.00 ? 56  ASP C CA 1 
ATOM 501 C CA . ALA G 2 57  ? 1.333   7.041   -7.344  1.00 30.00 ? 57  ALA C CA 1 
ATOM 502 C CA . GLN G 2 58  ? 0.317   6.936   -3.735  1.00 30.00 ? 58  GLN C CA 1 
ATOM 503 C CA . LEU G 2 59  ? 0.760   10.207  -1.923  1.00 30.00 ? 59  LEU C CA 1 
ATOM 504 C CA . LEU G 2 60  ? 0.623   11.781  1.462   1.00 30.00 ? 60  LEU C CA 1 
ATOM 505 C CA . TYR G 2 61  ? -0.458  15.385  2.070   1.00 30.00 ? 61  TYR C CA 1 
ATOM 506 C CA . GLY G 2 62  ? 0.477   16.654  5.615   1.00 30.00 ? 62  GLY C CA 1 
ATOM 507 C CA . PHE G 2 63  ? -0.727  19.377  7.902   1.00 30.00 ? 63  PHE C CA 1 
ATOM 508 C CA . ASN G 2 64  ? 0.138   20.600  11.269  1.00 30.00 ? 64  ASN C CA 1 
ATOM 509 C CA . ASN G 2 65  ? -3.319  20.158  12.670  1.00 30.00 ? 65  ASN C CA 1 
ATOM 510 C CA . LYS G 2 66  ? -6.614  18.495  12.093  1.00 30.00 ? 66  LYS C CA 1 
ATOM 511 C CA . GLN G 2 67  ? -8.342  21.566  11.205  1.00 30.00 ? 67  GLN C CA 1 
ATOM 512 C CA . GLU G 2 68  ? -6.232  22.400  8.265   1.00 30.00 ? 68  GLU C CA 1 
ATOM 513 C CA . ARG G 2 69  ? -6.580  18.814  7.077   1.00 30.00 ? 69  ARG C CA 1 
ATOM 514 C CA . THR G 2 70  ? -10.290 19.157  7.195   1.00 30.00 ? 70  THR C CA 1 
ATOM 515 C CA . LEU G 2 71  ? -10.278 22.278  5.158   1.00 30.00 ? 71  LEU C CA 1 
ATOM 516 C CA . PHE G 2 72  ? -8.073  20.553  2.680   1.00 30.00 ? 72  PHE C CA 1 
ATOM 517 C CA . LYS G 2 73  ? -10.385 17.571  2.549   1.00 30.00 ? 73  LYS C CA 1 
ATOM 518 C CA . GLU G 2 74  ? -13.388 19.762  2.075   1.00 30.00 ? 74  GLU C CA 1 
ATOM 519 C CA . LEU G 2 75  ? -11.717 21.703  -0.759  1.00 30.00 ? 75  LEU C CA 1 
ATOM 520 C CA . ILE G 2 76  ? -10.902 18.613  -2.796  1.00 30.00 ? 76  ILE C CA 1 
ATOM 521 C CA . LYS G 2 77  ? -14.470 17.183  -2.461  1.00 30.00 ? 77  LYS C CA 1 
ATOM 522 C CA . THR G 2 78  ? -15.521 19.937  -4.843  1.00 30.00 ? 78  THR C CA 1 
ATOM 523 C CA . ASN G 2 79  ? -15.656 19.350  -8.610  1.00 30.00 ? 79  ASN C CA 1 
ATOM 524 C CA . GLY G 2 80  ? -13.155 21.924  -9.658  1.00 30.00 ? 80  GLY C CA 1 
ATOM 525 C CA . VAL G 2 81  ? -10.590 21.348  -6.885  1.00 30.00 ? 81  VAL C CA 1 
ATOM 526 C CA . GLY G 2 82  ? -7.836  18.683  -6.744  1.00 30.00 ? 82  GLY C CA 1 
ATOM 527 C CA . PRO G 2 83  ? -5.045  18.163  -4.190  1.00 30.00 ? 83  PRO C CA 1 
ATOM 528 C CA . LYS G 2 84  ? -2.616  19.875  -6.207  1.00 30.00 ? 84  LYS C CA 1 
ATOM 529 C CA . LEU G 2 85  ? -4.657  23.030  -6.324  1.00 30.00 ? 85  LEU C CA 1 
ATOM 530 C CA . ALA G 2 86  ? -5.718  22.721  -2.708  1.00 30.00 ? 86  ALA C CA 1 
ATOM 531 C CA . LEU G 2 87  ? -2.009  22.645  -1.889  1.00 30.00 ? 87  LEU C CA 1 
ATOM 532 C CA . ALA G 2 88  ? -1.424  25.854  -3.767  1.00 30.00 ? 88  ALA C CA 1 
ATOM 533 C CA . ILE G 2 89  ? -4.485  27.558  -2.317  1.00 30.00 ? 89  ILE C CA 1 
ATOM 534 C CA . LEU G 2 90  ? -2.978  26.783  1.123   1.00 30.00 ? 90  LEU C CA 1 
ATOM 535 C CA . SER G 2 91  ? 0.421   27.847  0.170   1.00 30.00 ? 91  SER C CA 1 
ATOM 536 C CA . GLY G 2 92  ? -0.721  31.378  -0.867  1.00 30.00 ? 92  GLY C CA 1 
ATOM 537 C CA . MET G 2 93  ? -2.836  31.859  2.178   1.00 30.00 ? 93  MET C CA 1 
ATOM 538 C CA . SER G 2 94  ? -3.402  30.281  5.590   1.00 30.00 ? 94  SER C CA 1 
ATOM 539 C CA . ALA G 2 95  ? -6.479  28.198  6.452   1.00 30.00 ? 95  ALA C CA 1 
ATOM 540 C CA . GLN G 2 96  ? -7.632  31.234  8.399   1.00 30.00 ? 96  GLN C CA 1 
ATOM 541 C CA . GLN G 2 97  ? -7.180  33.679  5.646   1.00 30.00 ? 97  GLN C CA 1 
ATOM 542 C CA . PHE G 2 98  ? -8.803  31.372  3.359   1.00 30.00 ? 98  PHE C CA 1 
ATOM 543 C CA . VAL G 2 99  ? -11.764 30.907  5.530   1.00 30.00 ? 99  VAL C CA 1 
ATOM 544 C CA . ASN G 2 100 ? -12.101 34.620  5.844   1.00 30.00 ? 100 ASN C CA 1 
ATOM 545 C CA . ALA G 2 101 ? -11.920 35.244  2.065   1.00 30.00 ? 101 ALA C CA 1 
ATOM 546 C CA . VAL G 2 102 ? -14.709 32.784  1.575   1.00 30.00 ? 102 VAL C CA 1 
ATOM 547 C CA . GLU G 2 103 ? -16.841 34.210  4.373   1.00 30.00 ? 103 GLU C CA 1 
ATOM 548 C CA . ARG G 2 104 ? -16.251 37.675  3.083   1.00 30.00 ? 104 ARG C CA 1 
ATOM 549 C CA . GLU G 2 105 ? -16.648 36.472  -0.363  1.00 30.00 ? 105 GLU C CA 1 
ATOM 550 C CA . GLU G 2 106 ? -13.570 37.987  -1.741  1.00 30.00 ? 106 GLU C CA 1 
ATOM 551 C CA . VAL G 2 107 ? -12.761 36.545  -5.177  1.00 30.00 ? 107 VAL C CA 1 
ATOM 552 C CA . GLY G 2 108 ? -10.353 39.131  -5.966  1.00 30.00 ? 108 GLY C CA 1 
ATOM 553 C CA . ALA G 2 109 ? -7.912  37.344  -3.669  1.00 30.00 ? 109 ALA C CA 1 
ATOM 554 C CA . LEU G 2 110 ? -8.445  33.820  -4.877  1.00 30.00 ? 110 LEU C CA 1 
ATOM 555 C CA . VAL G 2 111 ? -8.174  34.526  -8.653  1.00 30.00 ? 111 VAL C CA 1 
ATOM 556 C CA . LYS G 2 112 ? -4.631  35.802  -8.022  1.00 30.00 ? 112 LYS C CA 1 
ATOM 557 C CA . LEU G 2 113 ? -4.049  32.032  -8.007  1.00 30.00 ? 113 LEU C CA 1 
ATOM 558 C CA . PRO G 2 114 ? -1.848  30.375  -10.619 1.00 30.00 ? 114 PRO C CA 1 
ATOM 559 C CA . GLY G 2 115 ? -4.538  27.796  -11.664 1.00 30.00 ? 115 GLY C CA 1 
ATOM 560 C CA . ILE G 2 116 ? -7.613  29.444  -10.207 1.00 30.00 ? 116 ILE C CA 1 
ATOM 561 C CA . GLY G 2 117 ? -10.399 30.293  -12.739 1.00 30.00 ? 117 GLY C CA 1 
ATOM 562 C CA . LYS G 2 118 ? -13.197 32.843  -12.321 1.00 30.00 ? 118 LYS C CA 1 
ATOM 563 C CA . LYS G 2 119 ? -16.499 31.010  -12.365 1.00 30.00 ? 119 LYS C CA 1 
ATOM 564 C CA . THR G 2 120 ? -14.390 28.612  -10.364 1.00 30.00 ? 120 THR C CA 1 
ATOM 565 C CA . ALA G 2 121 ? -13.406 31.241  -7.692  1.00 30.00 ? 121 ALA C CA 1 
ATOM 566 C CA . GLU G 2 122 ? -17.001 32.342  -7.493  1.00 30.00 ? 122 GLU C CA 1 
ATOM 567 C CA . ARG G 2 123 ? -18.181 28.864  -7.379  1.00 30.00 ? 123 ARG C CA 1 
ATOM 568 C CA . LEU G 2 124 ? -15.825 27.931  -4.680  1.00 30.00 ? 124 LEU C CA 1 
ATOM 569 C CA . ILE G 2 125 ? -16.913 30.697  -2.324  1.00 30.00 ? 125 ILE C CA 1 
ATOM 570 C CA . VAL G 2 126 ? -20.349 29.857  -2.859  1.00 30.00 ? 126 VAL C CA 1 
ATOM 571 C CA . GLU G 2 127 ? -19.759 26.197  -2.196  1.00 30.00 ? 127 GLU C CA 1 
ATOM 572 C CA . MET G 2 128 ? -17.427 26.502  0.598   1.00 30.00 ? 128 MET C CA 1 
ATOM 573 C CA . LYS G 2 129 ? -19.436 29.117  2.270   1.00 30.00 ? 129 LYS C CA 1 
ATOM 574 C CA . ASP G 2 130 ? -22.083 26.548  2.453   1.00 30.00 ? 130 ASP C CA 1 
ATOM 575 C CA . ARG G 2 131 ? -19.930 23.678  3.657   1.00 30.00 ? 131 ARG C CA 1 
ATOM 576 C CA . PHE G 2 132 ? -18.574 25.603  6.607   1.00 30.00 ? 132 PHE C CA 1 
ATOM 577 C CA . LYS G 2 133 ? -21.935 25.750  8.261   1.00 30.00 ? 133 LYS C CA 1 
ATOM 578 C CA . GLY G 2 134 ? -22.099 22.033  8.629   1.00 30.00 ? 134 GLY C CA 1 
ATOM 579 C CA . LEU G 2 135 ? -18.518 22.400  9.879   1.00 30.00 ? 135 LEU C CA 1 
ATOM 580 C CA . HIS G 2 136 ? -17.739 22.756  13.534  1.00 30.00 ? 136 HIS C CA 1 
ATOM 581 C CA . GLY G 2 137 ? -14.483 23.991  14.831  1.00 30.00 ? 137 GLY C CA 1 
ATOM 582 C CA . ASP G 2 138 ? -12.402 27.061  15.815  1.00 30.00 ? 138 ASP C CA 1 
ATOM 583 C CA . LEU G 2 139 ? -11.666 27.482  12.166  1.00 30.00 ? 139 LEU C CA 1 
ATOM 584 C CA . PHE G 2 140 ? -15.161 27.011  10.864  1.00 30.00 ? 140 PHE C CA 1 
ATOM 585 C CA . THR G 2 141 ? -16.365 29.074  13.866  1.00 30.00 ? 141 THR C CA 1 
ATOM 586 C CA . PRO G 2 142 ? -15.010 32.701  13.566  1.00 30.00 ? 142 PRO C CA 1 
ATOM 587 C CA . THR G 2 156 ? -23.614 24.276  20.439  1.00 30.00 ? 156 THR C CA 1 
ATOM 588 C CA . ASP G 2 157 ? -22.201 21.627  22.528  1.00 30.00 ? 157 ASP C CA 1 
ATOM 589 C CA . ASP G 2 158 ? -19.101 19.866  21.135  1.00 30.00 ? 158 ASP C CA 1 
ATOM 590 C CA . ALA G 2 159 ? -20.175 16.232  21.993  1.00 30.00 ? 159 ALA C CA 1 
ATOM 591 C CA . GLU G 2 160 ? -23.618 16.730  20.549  1.00 30.00 ? 160 GLU C CA 1 
ATOM 592 C CA . GLN G 2 161 ? -21.995 17.799  17.295  1.00 30.00 ? 161 GLN C CA 1 
ATOM 593 C CA . GLU G 2 162 ? -19.672 14.905  17.509  1.00 30.00 ? 162 GLU C CA 1 
ATOM 594 C CA . ALA G 2 163 ? -22.765 12.755  18.026  1.00 30.00 ? 163 ALA C CA 1 
ATOM 595 C CA . VAL G 2 164 ? -24.366 13.998  14.886  1.00 30.00 ? 164 VAL C CA 1 
ATOM 596 C CA . ALA G 2 165 ? -21.252 13.863  12.788  1.00 30.00 ? 165 ALA C CA 1 
ATOM 597 C CA . ALA G 2 166 ? -21.017 10.165  13.659  1.00 30.00 ? 166 ALA C CA 1 
ATOM 598 C CA . LEU G 2 167 ? -24.758 9.687   13.196  1.00 30.00 ? 167 LEU C CA 1 
ATOM 599 C CA . VAL G 2 168 ? -24.337 11.253  9.923   1.00 30.00 ? 168 VAL C CA 1 
ATOM 600 C CA . ALA G 2 169 ? -21.351 9.096   9.204   1.00 30.00 ? 169 ALA C CA 1 
ATOM 601 C CA . LEU G 2 170 ? -23.772 6.246   9.882   1.00 30.00 ? 170 LEU C CA 1 
ATOM 602 C CA . GLY G 2 171 ? -26.057 7.077   7.024   1.00 30.00 ? 171 GLY C CA 1 
ATOM 603 C CA . TYR G 2 172 ? -28.523 9.484   8.655   1.00 30.00 ? 172 TYR C CA 1 
ATOM 604 C CA . LYS G 2 173 ? -29.571 12.634  6.829   1.00 30.00 ? 173 LYS C CA 1 
ATOM 605 C CA . PRO G 2 174 ? -27.779 15.418  8.607   1.00 30.00 ? 174 PRO C CA 1 
ATOM 606 C CA . GLN G 2 175 ? -31.140 16.641  9.734   1.00 30.00 ? 175 GLN C CA 1 
ATOM 607 C CA . GLU G 2 176 ? -32.681 13.509  11.115  1.00 30.00 ? 176 GLU C CA 1 
ATOM 608 C CA . ALA G 2 177 ? -29.518 13.226  13.117  1.00 30.00 ? 177 ALA C CA 1 
ATOM 609 C CA . SER G 2 178 ? -29.520 16.801  14.423  1.00 30.00 ? 178 SER C CA 1 
ATOM 610 C CA . ARG G 2 179 ? -32.999 16.125  15.559  1.00 30.00 ? 179 ARG C CA 1 
ATOM 611 C CA . MET G 2 180 ? -32.393 12.668  16.932  1.00 30.00 ? 180 MET C CA 1 
ATOM 612 C CA . VAL G 2 181 ? -29.646 13.688  19.471  1.00 30.00 ? 181 VAL C CA 1 
ATOM 613 C CA . SER G 2 182 ? -31.137 17.042  20.243  1.00 30.00 ? 182 SER C CA 1 
ATOM 614 C CA . LYS G 2 183 ? -34.374 15.377  21.055  1.00 30.00 ? 183 LYS C CA 1 
ATOM 615 C CA . ILE G 2 184 ? -32.566 13.324  23.391  1.00 30.00 ? 184 ILE C CA 1 
ATOM 616 C CA . ALA G 2 185 ? -29.946 14.874  25.745  1.00 30.00 ? 185 ALA C CA 1 
ATOM 617 C CA . ARG G 2 186 ? -27.685 16.848  28.147  1.00 30.00 ? 186 ARG C CA 1 
ATOM 618 C CA . PRO G 2 187 ? -24.048 17.894  28.466  1.00 30.00 ? 187 PRO C CA 1 
ATOM 619 C CA . ASP G 2 188 ? -23.211 15.619  31.438  1.00 30.00 ? 188 ASP C CA 1 
ATOM 620 C CA . ALA G 2 189 ? -23.167 12.810  28.879  1.00 30.00 ? 189 ALA C CA 1 
ATOM 621 C CA . SER G 2 190 ? -20.594 11.253  26.509  1.00 30.00 ? 190 SER C CA 1 
ATOM 622 C CA . SER G 2 191 ? -21.015 11.681  22.750  1.00 30.00 ? 191 SER C CA 1 
ATOM 623 C CA . GLU G 2 192 ? -20.456 7.959   22.692  1.00 30.00 ? 192 GLU C CA 1 
ATOM 624 C CA . THR G 2 193 ? -23.420 7.719   24.953  1.00 30.00 ? 193 THR C CA 1 
ATOM 625 C CA . LEU G 2 194 ? -25.477 10.192  22.965  1.00 30.00 ? 194 LEU C CA 1 
ATOM 626 C CA . ILE G 2 195 ? -24.816 8.252   19.739  1.00 30.00 ? 195 ILE C CA 1 
ATOM 627 C CA . ARG G 2 196 ? -25.756 5.186   21.623  1.00 30.00 ? 196 ARG C CA 1 
ATOM 628 C CA . GLU G 2 197 ? -28.928 6.511   23.152  1.00 30.00 ? 197 GLU C CA 1 
ATOM 629 C CA . ALA G 2 198 ? -29.945 8.020   19.805  1.00 30.00 ? 198 ALA C CA 1 
ATOM 630 C CA . LEU G 2 199 ? -29.586 4.706   18.036  1.00 30.00 ? 199 LEU C CA 1 
ATOM 631 C CA . ARG G 2 200 ? -31.685 2.765   20.481  1.00 30.00 ? 200 ARG C CA 1 
ATOM 632 C CA . ALA G 2 201 ? -34.448 5.306   20.142  1.00 30.00 ? 201 ALA C CA 1 
ATOM 633 C CA . ALA G 2 202 ? -34.341 5.061   16.434  1.00 30.00 ? 202 ALA C CA 1 
ATOM 634 C CA . LEU G 2 203 ? -34.329 1.367   15.834  1.00 30.00 ? 203 LEU C CA 1 
ATOM 635 C CA . MET H 2 1   ? 7.480   -4.446  -2.414  1.00 30.00 ? 1   MET D CA 1 
ATOM 636 C CA . ILE H 2 2   ? 7.671   -6.864  0.576   1.00 30.00 ? 2   ILE D CA 1 
ATOM 637 C CA . GLY H 2 3   ? 9.952   -9.846  -0.005  1.00 30.00 ? 3   GLY D CA 1 
ATOM 638 C CA . ARG H 2 4   ? 10.387  -11.084 3.598   1.00 30.00 ? 4   ARG D CA 1 
ATOM 639 C CA . LEU H 2 5   ? 8.884   -10.874 6.967   1.00 30.00 ? 5   LEU D CA 1 
ATOM 640 C CA . ARG H 2 6   ? 10.512  -11.550 10.312  1.00 30.00 ? 6   ARG D CA 1 
ATOM 641 C CA . GLY H 2 7   ? 8.228   -11.745 13.304  1.00 30.00 ? 7   GLY D CA 1 
ATOM 642 C CA . ILE H 2 8   ? 6.259   -13.646 15.862  1.00 30.00 ? 8   ILE D CA 1 
ATOM 643 C CA . ILE H 2 9   ? 3.570   -16.220 14.927  1.00 30.00 ? 9   ILE D CA 1 
ATOM 644 C CA . ILE H 2 10  ? 0.292   -14.941 16.510  1.00 30.00 ? 10  ILE D CA 1 
ATOM 645 C CA . GLU H 2 11  ? -2.194  -17.456 15.085  1.00 30.00 ? 11  GLU D CA 1 
ATOM 646 C CA . LYS H 2 12  ? -2.396  -20.214 12.682  1.00 30.00 ? 12  LYS D CA 1 
ATOM 647 C CA . GLN H 2 13  ? -5.511  -20.843 10.690  1.00 30.00 ? 13  GLN D CA 1 
ATOM 648 C CA . PRO H 2 14  ? -4.468  -23.048 7.720   1.00 30.00 ? 14  PRO D CA 1 
ATOM 649 C CA . PRO H 2 15  ? -3.722  -21.959 5.171   1.00 30.00 ? 15  PRO D CA 1 
ATOM 650 C CA . LEU H 2 16  ? -3.464  -18.494 6.792   1.00 30.00 ? 16  LEU D CA 1 
ATOM 651 C CA . VAL H 2 17  ? -0.901  -17.370 9.357   1.00 30.00 ? 17  VAL D CA 1 
ATOM 652 C CA . LEU H 2 18  ? -0.825  -14.024 11.226  1.00 30.00 ? 18  LEU D CA 1 
ATOM 653 C CA . ILE H 2 19  ? 2.741   -12.765 11.842  1.00 30.00 ? 19  ILE D CA 1 
ATOM 654 C CA . GLU H 2 20  ? 3.287   -9.852  14.191  1.00 30.00 ? 20  GLU D CA 1 
ATOM 655 C CA . VAL H 2 21  ? 5.868   -7.466  13.102  1.00 30.00 ? 21  VAL D CA 1 
ATOM 656 C CA . GLY H 2 22  ? 6.388   -4.548  15.313  1.00 30.00 ? 22  GLY D CA 1 
ATOM 657 C CA . GLY H 2 23  ? 2.839   -4.268  16.243  1.00 30.00 ? 23  GLY D CA 1 
ATOM 658 C CA . VAL H 2 24  ? 1.550   -4.859  12.711  1.00 30.00 ? 24  VAL D CA 1 
ATOM 659 C CA . GLY H 2 25  ? -0.188  -8.257  12.303  1.00 30.00 ? 25  GLY D CA 1 
ATOM 660 C CA . TYR H 2 26  ? 0.370   -9.367  8.650   1.00 30.00 ? 26  TYR D CA 1 
ATOM 661 C CA . GLU H 2 27  ? -1.756  -12.061 7.117   1.00 30.00 ? 27  GLU D CA 1 
ATOM 662 C CA . VAL H 2 28  ? 0.165   -14.526 5.029   1.00 30.00 ? 28  VAL D CA 1 
ATOM 663 C CA . HIS H 2 29  ? -1.307  -17.246 2.814   1.00 30.00 ? 29  HIS D CA 1 
ATOM 664 C CA . MET H 2 30  ? 0.826   -20.334 2.642   1.00 30.00 ? 30  MET D CA 1 
ATOM 665 C CA . PRO H 2 31  ? 0.651   -23.627 0.825   1.00 30.00 ? 31  PRO D CA 1 
ATOM 666 C CA . MET H 2 32  ? 0.015   -26.357 3.314   1.00 30.00 ? 32  MET D CA 1 
ATOM 667 C CA . THR H 2 33  ? 3.294   -27.994 2.588   1.00 30.00 ? 33  THR D CA 1 
ATOM 668 C CA . CYS H 2 34  ? 5.012   -24.841 3.879   1.00 30.00 ? 34  CYS D CA 1 
ATOM 669 C CA . PHE H 2 35  ? 2.544   -24.514 6.653   1.00 30.00 ? 35  PHE D CA 1 
ATOM 670 C CA . TYR H 2 36  ? 3.595   -27.678 8.134   1.00 30.00 ? 36  TYR D CA 1 
ATOM 671 C CA . GLU H 2 37  ? 7.101   -26.291 8.638   1.00 30.00 ? 37  GLU D CA 1 
ATOM 672 C CA . LEU H 2 38  ? 6.058   -23.299 10.598  1.00 30.00 ? 38  LEU D CA 1 
ATOM 673 C CA . PRO H 2 39  ? 7.128   -22.850 14.252  1.00 30.00 ? 39  PRO D CA 1 
ATOM 674 C CA . GLU H 2 40  ? 4.690   -22.666 17.063  1.00 30.00 ? 40  GLU D CA 1 
ATOM 675 C CA . ALA H 2 41  ? 2.653   -19.683 17.852  1.00 30.00 ? 41  ALA D CA 1 
ATOM 676 C CA . GLY H 2 42  ? 4.674   -17.381 20.090  1.00 30.00 ? 42  GLY D CA 1 
ATOM 677 C CA . GLN H 2 43  ? 7.752   -18.141 18.298  1.00 30.00 ? 43  GLN D CA 1 
ATOM 678 C CA . GLU H 2 44  ? 9.711   -16.257 15.796  1.00 30.00 ? 44  GLU D CA 1 
ATOM 679 C CA . ALA H 2 45  ? 9.358   -16.974 12.095  1.00 30.00 ? 45  ALA D CA 1 
ATOM 680 C CA . ILE H 2 46  ? 11.006  -15.911 8.806   1.00 30.00 ? 46  ILE D CA 1 
ATOM 681 C CA . VAL H 2 47  ? 8.764   -16.118 5.613   1.00 30.00 ? 47  VAL D CA 1 
ATOM 682 C CA . PHE H 2 48  ? 9.536   -15.293 2.023   1.00 30.00 ? 48  PHE D CA 1 
ATOM 683 C CA . THR H 2 49  ? 6.695   -13.370 0.530   1.00 30.00 ? 49  THR D CA 1 
ATOM 684 C CA . HIS H 2 50  ? 5.049   -12.779 -2.762  1.00 30.00 ? 50  HIS D CA 1 
ATOM 685 C CA . PHE H 2 51  ? 2.782   -9.797  -3.055  1.00 30.00 ? 51  PHE D CA 1 
ATOM 686 C CA . VAL H 2 52  ? -0.360  -9.989  -5.007  1.00 30.00 ? 52  VAL D CA 1 
ATOM 687 C CA . VAL H 2 53  ? -2.465  -7.039  -5.910  1.00 30.00 ? 53  VAL D CA 1 
ATOM 688 C CA . ARG H 2 54  ? -6.156  -7.694  -6.677  1.00 30.00 ? 54  ARG D CA 1 
ATOM 689 C CA . GLU H 2 55  ? -9.175  -5.631  -7.440  1.00 30.00 ? 55  GLU D CA 1 
ATOM 690 C CA . ASP H 2 56  ? -10.481 -5.356  -3.912  1.00 30.00 ? 56  ASP D CA 1 
ATOM 691 C CA . ALA H 2 57  ? -7.438  -6.762  -2.065  1.00 30.00 ? 57  ALA D CA 1 
ATOM 692 C CA . GLN H 2 58  ? -3.726  -6.780  -1.520  1.00 30.00 ? 58  GLN D CA 1 
ATOM 693 C CA . LEU H 2 59  ? -2.342  -10.134 -0.515  1.00 30.00 ? 59  LEU D CA 1 
ATOM 694 C CA . LEU H 2 60  ? 0.760   -11.844 0.671   1.00 30.00 ? 60  LEU D CA 1 
ATOM 695 C CA . TYR H 2 61  ? 1.659   -15.440 -0.219  1.00 30.00 ? 61  TYR D CA 1 
ATOM 696 C CA . GLY H 2 62  ? 4.478   -16.881 2.023   1.00 30.00 ? 62  GLY D CA 1 
ATOM 697 C CA . PHE H 2 63  ? 6.983   -19.662 1.742   1.00 30.00 ? 63  PHE D CA 1 
ATOM 698 C CA . ASN H 2 64  ? 9.670   -21.048 3.850   1.00 30.00 ? 64  ASN D CA 1 
ATOM 699 C CA . ASN H 2 65  ? 12.371  -20.573 1.283   1.00 30.00 ? 65  ASN D CA 1 
ATOM 700 C CA . LYS H 2 66  ? 13.233  -18.798 -1.889  1.00 30.00 ? 66  LYS D CA 1 
ATOM 701 C CA . GLN H 2 67  ? 13.044  -21.781 -3.956  1.00 30.00 ? 67  GLN D CA 1 
ATOM 702 C CA . GLU H 2 68  ? 9.478   -22.549 -3.261  1.00 30.00 ? 68  GLU D CA 1 
ATOM 703 C CA . ARG H 2 69  ? 8.633   -18.908 -3.912  1.00 30.00 ? 69  ARG D CA 1 
ATOM 704 C CA . THR H 2 70  ? 10.245  -19.155 -7.264  1.00 30.00 ? 70  THR D CA 1 
ATOM 705 C CA . LEU H 2 71  ? 8.297   -22.188 -8.212  1.00 30.00 ? 71  LEU D CA 1 
ATOM 706 C CA . PHE H 2 72  ? 5.183   -20.422 -7.136  1.00 30.00 ? 72  PHE D CA 1 
ATOM 707 C CA . LYS H 2 73  ? 6.087   -17.374 -9.175  1.00 30.00 ? 73  LYS D CA 1 
ATOM 708 C CA . GLU H 2 74  ? 6.821   -19.462 -12.199 1.00 30.00 ? 74  GLU D CA 1 
ATOM 709 C CA . LEU H 2 75  ? 3.500   -21.327 -11.908 1.00 30.00 ? 75  LEU D CA 1 
ATOM 710 C CA . ILE H 2 76  ? 1.391   -18.178 -11.864 1.00 30.00 ? 76  ILE D CA 1 
ATOM 711 C CA . LYS H 2 77  ? 3.191   -16.666 -14.924 1.00 30.00 ? 77  LYS D CA 1 
ATOM 712 C CA . THR H 2 78  ? 1.373   -19.290 -16.966 1.00 30.00 ? 78  THR D CA 1 
ATOM 713 C CA . ASN H 2 79  ? -1.995  -18.542 -18.598 1.00 30.00 ? 79  ASN D CA 1 
ATOM 714 C CA . GLY H 2 80  ? -4.041  -21.138 -16.849 1.00 30.00 ? 80  GLY D CA 1 
ATOM 715 C CA . VAL H 2 81  ? -2.542  -20.747 -13.355 1.00 30.00 ? 81  VAL D CA 1 
ATOM 716 C CA . GLY H 2 82  ? -3.464  -18.166 -10.673 1.00 30.00 ? 82  GLY D CA 1 
ATOM 717 C CA . PRO H 2 83  ? -2.258  -17.829 -7.067  1.00 30.00 ? 83  PRO D CA 1 
ATOM 718 C CA . LYS H 2 84  ? -5.136  -19.520 -5.741  1.00 30.00 ? 84  LYS D CA 1 
ATOM 719 C CA . LEU H 2 85  ? -4.495  -22.611 -7.784  1.00 30.00 ? 85  LEU D CA 1 
ATOM 720 C CA . ALA H 2 86  ? -0.754  -22.425 -7.268  1.00 30.00 ? 86  ALA D CA 1 
ATOM 721 C CA . LEU H 2 87  ? -1.518  -22.483 -3.546  1.00 30.00 ? 87  LEU D CA 1 
ATOM 722 C CA . ALA H 2 88  ? -3.558  -25.627 -3.912  1.00 30.00 ? 88  ALA D CA 1 
ATOM 723 C CA . ILE H 2 89  ? -1.031  -27.305 -6.186  1.00 30.00 ? 89  ILE D CA 1 
ATOM 724 C CA . LEU H 2 90  ? 1.515   -26.716 -3.378  1.00 30.00 ? 90  LEU D CA 1 
ATOM 725 C CA . SER H 2 91  ? -0.772  -27.831 -0.709  1.00 30.00 ? 91  SER D CA 1 
ATOM 726 C CA . GLY H 2 92  ? -1.347  -31.284 -2.321  1.00 30.00 ? 92  GLY D CA 1 
ATOM 727 C CA . MET H 2 93  ? 2.282   -31.833 -3.033  1.00 30.00 ? 93  MET D CA 1 
ATOM 728 C CA . SER H 2 94  ? 5.670   -30.384 -2.095  1.00 30.00 ? 94  SER D CA 1 
ATOM 729 C CA . ALA H 2 95  ? 7.768   -28.257 -4.466  1.00 30.00 ? 95  ALA D CA 1 
ATOM 730 C CA . GLN H 2 96  ? 9.931   -31.339 -4.853  1.00 30.00 ? 96  GLN D CA 1 
ATOM 731 C CA . GLN H 2 97  ? 7.169   -33.680 -5.663  1.00 30.00 ? 97  GLN D CA 1 
ATOM 732 C CA . PHE H 2 98  ? 5.807   -31.235 -7.977  1.00 30.00 ? 98  PHE D CA 1 
ATOM 733 C CA . VAL H 2 99  ? 9.009   -30.781 -9.776  1.00 30.00 ? 99  VAL D CA 1 
ATOM 734 C CA . ASN H 2 100 ? 9.332   -34.494 -10.112 1.00 30.00 ? 100 ASN D CA 1 
ATOM 735 C CA . ALA H 2 101 ? 5.793   -34.963 -11.509 1.00 30.00 ? 101 ALA D CA 1 
ATOM 736 C CA . VAL H 2 102 ? 6.550   -32.411 -14.152 1.00 30.00 ? 102 VAL D CA 1 
ATOM 737 C CA . GLU H 2 103 ? 9.935   -33.894 -15.018 1.00 30.00 ? 103 GLU D CA 1 
ATOM 738 C CA . ARG H 2 104 ? 8.423   -37.317 -15.149 1.00 30.00 ? 104 ARG D CA 1 
ATOM 739 C CA . GLU H 2 105 ? 5.472   -35.960 -16.864 1.00 30.00 ? 105 GLU D CA 1 
ATOM 740 C CA . GLU H 2 106 ? 2.919   -37.500 -14.678 1.00 30.00 ? 106 GLU D CA 1 
ATOM 741 C CA . VAL H 2 107 ? -0.508  -35.938 -15.277 1.00 30.00 ? 107 VAL D CA 1 
ATOM 742 C CA . GLY H 2 108 ? -2.281  -38.553 -13.508 1.00 30.00 ? 108 GLY D CA 1 
ATOM 743 C CA . ALA H 2 109 ? -1.131  -36.930 -10.272 1.00 30.00 ? 109 ALA D CA 1 
ATOM 744 C CA . LEU H 2 110 ? -1.921  -33.345 -11.102 1.00 30.00 ? 110 LEU D CA 1 
ATOM 745 C CA . VAL H 2 111 ? -5.497  -33.901 -12.420 1.00 30.00 ? 111 VAL D CA 1 
ATOM 746 C CA . LYS H 2 112 ? -6.401  -35.296 -8.983  1.00 30.00 ? 112 LYS D CA 1 
ATOM 747 C CA . LEU H 2 113 ? -6.523  -31.548 -8.290  1.00 30.00 ? 113 LEU D CA 1 
ATOM 748 C CA . PRO H 2 114 ? -9.759  -29.843 -7.274  1.00 30.00 ? 114 PRO D CA 1 
ATOM 749 C CA . GLY H 2 115 ? -9.546  -27.151 -10.046 1.00 30.00 ? 115 GLY D CA 1 
ATOM 750 C CA . ILE H 2 116 ? -7.007  -28.775 -12.328 1.00 30.00 ? 116 ILE D CA 1 
ATOM 751 C CA . GLY H 2 117 ? -8.204  -29.441 -15.936 1.00 30.00 ? 117 GLY D CA 1 
ATOM 752 C CA . LYS H 2 118 ? -6.749  -31.931 -18.426 1.00 30.00 ? 118 LYS D CA 1 
ATOM 753 C CA . LYS H 2 119 ? -5.393  -30.009 -21.381 1.00 30.00 ? 119 LYS D CA 1 
ATOM 754 C CA . THR H 2 120 ? -4.362  -27.755 -18.542 1.00 30.00 ? 120 THR D CA 1 
ATOM 755 C CA . ALA H 2 121 ? -2.397  -30.518 -16.667 1.00 30.00 ? 121 ALA D CA 1 
ATOM 756 C CA . GLU H 2 122 ? -0.778  -31.528 -19.914 1.00 30.00 ? 122 GLU D CA 1 
ATOM 757 C CA . ARG H 2 123 ? -0.099  -28.028 -20.799 1.00 30.00 ? 123 ARG D CA 1 
ATOM 758 C CA . LEU H 2 124 ? 1.429   -27.271 -17.512 1.00 30.00 ? 124 LEU D CA 1 
ATOM 759 C CA . ILE H 2 125 ? 3.946   -30.103 -17.662 1.00 30.00 ? 125 ILE D CA 1 
ATOM 760 C CA . VAL H 2 126 ? 4.883   -29.149 -20.980 1.00 30.00 ? 126 VAL D CA 1 
ATOM 761 C CA . GLU H 2 127 ? 5.347   -25.537 -20.019 1.00 30.00 ? 127 GLU D CA 1 
ATOM 762 C CA . MET H 2 128 ? 6.937   -26.022 -16.767 1.00 30.00 ? 128 MET D CA 1 
ATOM 763 C CA . LYS H 2 129 ? 9.213   -28.650 -18.030 1.00 30.00 ? 129 LYS D CA 1 
ATOM 764 C CA . ASP H 2 130 ? 10.529  -26.020 -20.264 1.00 30.00 ? 130 ASP D CA 1 
ATOM 765 C CA . ARG H 2 131 ? 10.828  -23.261 -17.689 1.00 30.00 ? 131 ARG D CA 1 
ATOM 766 C CA . PHE H 2 132 ? 12.913  -25.344 -15.332 1.00 30.00 ? 132 PHE D CA 1 
ATOM 767 C CA . LYS H 2 133 ? 15.789  -25.468 -17.733 1.00 30.00 ? 133 LYS D CA 1 
ATOM 768 C CA . GLY H 2 134 ? 16.294  -21.768 -17.577 1.00 30.00 ? 134 GLY D CA 1 
ATOM 769 C CA . LEU H 2 135 ? 15.963  -22.282 -13.816 1.00 30.00 ? 135 LEU D CA 1 
ATOM 770 C CA . HIS H 2 136 ? 18.971  -22.812 -11.634 1.00 30.00 ? 136 HIS D CA 1 
ATOM 771 C CA . GLY H 2 137 ? 18.793  -24.188 -8.187  1.00 30.00 ? 137 GLY D CA 1 
ATOM 772 C CA . ASP H 2 138 ? 18.759  -27.352 -6.016  1.00 30.00 ? 138 ASP D CA 1 
ATOM 773 C CA . LEU H 2 139 ? 15.117  -27.640 -6.846  1.00 30.00 ? 139 LEU D CA 1 
ATOM 774 C CA . PHE H 2 140 ? 15.368  -27.020 -10.545 1.00 30.00 ? 140 PHE D CA 1 
ATOM 775 C CA . THR H 2 141 ? 18.543  -29.174 -10.509 1.00 30.00 ? 141 THR D CA 1 
ATOM 776 C CA . PRO H 2 142 ? 17.618  -32.821 -9.546  1.00 30.00 ? 142 PRO D CA 1 
ATOM 777 C CA . THR H 2 156 ? 27.629  -24.460 -14.251 1.00 30.00 ? 156 THR D CA 1 
ATOM 778 C CA . ASP H 2 157 ? 29.030  -21.939 -12.000 1.00 30.00 ? 157 ASP D CA 1 
ATOM 779 C CA . ASP H 2 158 ? 26.542  -20.206 -9.664  1.00 30.00 ? 158 ASP D CA 1 
ATOM 780 C CA . ALA H 2 159 ? 27.861  -16.584 -10.144 1.00 30.00 ? 159 ALA D CA 1 
ATOM 781 C CA . GLU H 2 160 ? 27.935  -16.927 -13.895 1.00 30.00 ? 160 GLU D CA 1 
ATOM 782 C CA . GLN H 2 161 ? 24.274  -17.903 -13.782 1.00 30.00 ? 161 GLN D CA 1 
ATOM 783 C CA . GLU H 2 162 ? 23.600  -15.085 -11.454 1.00 30.00 ? 162 GLU D CA 1 
ATOM 784 C CA . ALA H 2 163 ? 25.393  -12.875 -13.976 1.00 30.00 ? 163 ALA D CA 1 
ATOM 785 C CA . VAL H 2 164 ? 23.147  -13.942 -16.766 1.00 30.00 ? 164 VAL D CA 1 
ATOM 786 C CA . ALA H 2 165 ? 19.965  -13.804 -14.771 1.00 30.00 ? 165 ALA D CA 1 
ATOM 787 C CA . ALA H 2 166 ? 20.764  -10.153 -14.049 1.00 30.00 ? 166 ALA D CA 1 
ATOM 788 C CA . LEU H 2 167 ? 21.881  -9.556  -17.631 1.00 30.00 ? 167 LEU D CA 1 
ATOM 789 C CA . VAL H 2 168 ? 18.680  -10.994 -18.644 1.00 30.00 ? 168 VAL D CA 1 
ATOM 790 C CA . ALA H 2 169 ? 16.863  -8.890  -16.122 1.00 30.00 ? 169 ALA D CA 1 
ATOM 791 C CA . LEU H 2 170 ? 18.548  -6.006  -17.936 1.00 30.00 ? 170 LEU D CA 1 
ATOM 792 C CA . GLY H 2 171 ? 16.849  -6.654  -21.219 1.00 30.00 ? 171 GLY D CA 1 
ATOM 793 C CA . TYR H 2 172 ? 19.278  -9.061  -22.906 1.00 30.00 ? 172 TYR D CA 1 
ATOM 794 C CA . LYS H 2 173 ? 17.955  -12.101 -24.735 1.00 30.00 ? 173 LYS D CA 1 
ATOM 795 C CA . PRO H 2 174 ? 18.770  -15.005 -22.493 1.00 30.00 ? 174 PRO D CA 1 
ATOM 796 C CA . GLN H 2 175 ? 21.137  -16.183 -25.154 1.00 30.00 ? 175 GLN D CA 1 
ATOM 797 C CA . GLU H 2 176 ? 23.111  -13.072 -25.868 1.00 30.00 ? 176 GLU D CA 1 
ATOM 798 C CA . ALA H 2 177 ? 23.654  -12.957 -22.155 1.00 30.00 ? 177 ALA D CA 1 
ATOM 799 C CA . SER H 2 178 ? 24.750  -16.583 -21.775 1.00 30.00 ? 178 SER D CA 1 
ATOM 800 C CA . ARG H 2 179 ? 27.225  -15.862 -24.460 1.00 30.00 ? 179 ARG D CA 1 
ATOM 801 C CA . MET H 2 180 ? 28.325  -12.481 -23.204 1.00 30.00 ? 180 MET D CA 1 
ATOM 802 C CA . VAL H 2 181 ? 29.493  -13.681 -19.707 1.00 30.00 ? 181 VAL D CA 1 
ATOM 803 C CA . SER H 2 182 ? 30.715  -17.024 -20.895 1.00 30.00 ? 182 SER D CA 1 
ATOM 804 C CA . LYS H 2 183 ? 32.822  -15.306 -23.448 1.00 30.00 ? 183 LYS D CA 1 
ATOM 805 C CA . ILE H 2 184 ? 34.272  -13.402 -20.763 1.00 30.00 ? 184 ILE D CA 1 
ATOM 806 C CA . ALA H 2 185 ? 35.309  -15.118 -17.478 1.00 30.00 ? 185 ALA D CA 1 
ATOM 807 C CA . ARG H 2 186 ? 36.524  -17.252 -14.521 1.00 30.00 ? 186 ARG D CA 1 
ATOM 808 C CA . PRO H 2 187 ? 35.304  -18.408 -11.116 1.00 30.00 ? 187 PRO D CA 1 
ATOM 809 C CA . ASP H 2 188 ? 37.736  -16.283 -9.048  1.00 30.00 ? 188 ASP D CA 1 
ATOM 810 C CA . ALA H 2 189 ? 35.459  -13.372 -9.931  1.00 30.00 ? 189 ALA D CA 1 
ATOM 811 C CA . SER H 2 190 ? 32.289  -11.788 -8.481  1.00 30.00 ? 190 SER D CA 1 
ATOM 812 C CA . SER H 2 191 ? 29.019  -12.047 -10.413 1.00 30.00 ? 191 SER D CA 1 
ATOM 813 C CA . GLU H 2 192 ? 28.838  -8.341  -9.770  1.00 30.00 ? 192 GLU D CA 1 
ATOM 814 C CA . THR H 2 193 ? 32.117  -8.116  -11.547 1.00 30.00 ? 193 THR D CA 1 
ATOM 815 C CA . LEU H 2 194 ? 31.075  -10.449 -14.335 1.00 30.00 ? 194 LEU D CA 1 
ATOM 816 C CA . ILE H 2 195 ? 27.915  -8.394  -14.963 1.00 30.00 ? 195 ILE D CA 1 
ATOM 817 C CA . ARG H 2 196 ? 30.100  -5.384  -14.926 1.00 30.00 ? 196 ARG D CA 1 
ATOM 818 C CA . GLU H 2 197 ? 32.754  -6.687  -17.256 1.00 30.00 ? 197 GLU D CA 1 
ATOM 819 C CA . ALA H 2 198 ? 30.073  -8.026  -19.608 1.00 30.00 ? 198 ALA D CA 1 
ATOM 820 C CA . LEU H 2 199 ? 28.402  -4.652  -19.862 1.00 30.00 ? 199 LEU D CA 1 
ATOM 821 C CA . ARG H 2 200 ? 31.542  -2.759  -20.701 1.00 30.00 ? 200 ARG D CA 1 
ATOM 822 C CA . ALA H 2 201 ? 32.292  -5.207  -23.466 1.00 30.00 ? 201 ALA D CA 1 
ATOM 823 C CA . ALA H 2 202 ? 28.870  -4.810  -24.866 1.00 30.00 ? 202 ALA D CA 1 
ATOM 824 C CA . LEU H 2 203 ? 28.418  -1.097  -24.945 1.00 30.00 ? 203 LEU D CA 1 
# 
loop_
_pdbx_poly_seq_scheme.asym_id 
_pdbx_poly_seq_scheme.entity_id 
_pdbx_poly_seq_scheme.seq_id 
_pdbx_poly_seq_scheme.mon_id 
_pdbx_poly_seq_scheme.ndb_seq_num 
_pdbx_poly_seq_scheme.pdb_seq_num 
_pdbx_poly_seq_scheme.auth_seq_num 
_pdbx_poly_seq_scheme.pdb_mon_id 
_pdbx_poly_seq_scheme.auth_mon_id 
_pdbx_poly_seq_scheme.pdb_strand_id 
_pdbx_poly_seq_scheme.pdb_ins_code 
_pdbx_poly_seq_scheme.hetero 
A 1 1   DG  1   2   2   DG  G   J . n 
A 1 2   DC  2   3   3   DC  C   J . n 
A 1 3   DA  3   4   4   DA  A   J . n 
A 1 4   DT  4   5   5   DT  T   J . n 
A 1 5   DG  5   6   6   DG  G   J . n 
A 1 6   DC  6   7   7   DC  C   J . n 
A 1 7   DA  7   8   8   DA  A   J . n 
A 1 8   DT  8   9   9   DT  T   J . n 
A 1 9   DA  9   10  10  DA  A   J . n 
A 1 10  DT  10  11  11  DT  T   J . n 
A 1 11  DG  11  12  12  DG  G   J . n 
A 1 12  DC  12  13  13  DC  C   J . n 
A 1 13  DA  13  14  14  DA  A   J . n 
A 1 14  DT  14  15  15  DT  T   J . n 
A 1 15  DG  15  16  16  DG  G   J . n 
A 1 16  DC  16  17  17  DC  C   J . n 
B 1 1   DG  1   2   2   DG  G   K . n 
B 1 2   DC  2   3   3   DC  C   K . n 
B 1 3   DA  3   4   4   DA  A   K . n 
B 1 4   DT  4   5   5   DT  T   K . n 
B 1 5   DG  5   6   6   DG  G   K . n 
B 1 6   DC  6   7   7   DC  C   K . n 
B 1 7   DA  7   8   8   DA  A   K . n 
B 1 8   DT  8   9   9   DT  T   K . n 
B 1 9   DA  9   10  10  DA  A   K . n 
B 1 10  DT  10  11  11  DT  T   K . n 
B 1 11  DG  11  12  12  DG  G   K . n 
B 1 12  DC  12  13  13  DC  C   K . n 
B 1 13  DA  13  14  14  DA  A   K . n 
B 1 14  DT  14  15  15  DT  T   K . n 
B 1 15  DG  15  16  16  DG  G   K . n 
B 1 16  DC  16  17  17  DC  C   K . n 
C 1 1   DG  1   2   2   DG  G   L . n 
C 1 2   DC  2   3   3   DC  C   L . n 
C 1 3   DA  3   4   4   DA  A   L . n 
C 1 4   DT  4   5   5   DT  T   L . n 
C 1 5   DG  5   6   6   DG  G   L . n 
C 1 6   DC  6   7   7   DC  C   L . n 
C 1 7   DA  7   8   8   DA  A   L . n 
C 1 8   DT  8   9   9   DT  T   L . n 
C 1 9   DA  9   10  10  DA  A   L . n 
C 1 10  DT  10  11  11  DT  T   L . n 
C 1 11  DG  11  12  12  DG  G   L . n 
C 1 12  DC  12  13  13  DC  C   L . n 
C 1 13  DA  13  14  14  DA  A   L . n 
C 1 14  DT  14  15  15  DT  T   L . n 
C 1 15  DG  15  16  16  DG  G   L . n 
C 1 16  DC  16  17  17  DC  C   L . n 
D 1 1   DG  1   2   2   DG  G   M . n 
D 1 2   DC  2   3   3   DC  C   M . n 
D 1 3   DA  3   4   4   DA  A   M . n 
D 1 4   DT  4   5   5   DT  T   M . n 
D 1 5   DG  5   6   6   DG  G   M . n 
D 1 6   DC  6   7   7   DC  C   M . n 
D 1 7   DA  7   8   8   DA  A   M . n 
D 1 8   DT  8   9   9   DT  T   M . n 
D 1 9   DA  9   10  10  DA  A   M . n 
D 1 10  DT  10  11  11  DT  T   M . n 
D 1 11  DG  11  12  12  DG  G   M . n 
D 1 12  DC  12  13  13  DC  C   M . n 
D 1 13  DA  13  14  14  DA  A   M . n 
D 1 14  DT  14  15  15  DT  T   M . n 
D 1 15  DG  15  16  16  DG  G   M . n 
D 1 16  DC  16  17  17  DC  C   M . n 
E 2 1   MET 1   1   1   MET MET A . n 
E 2 2   ILE 2   2   2   ILE ILE A . n 
E 2 3   GLY 3   3   3   GLY GLY A . n 
E 2 4   ARG 4   4   4   ARG ARG A . n 
E 2 5   LEU 5   5   5   LEU LEU A . n 
E 2 6   ARG 6   6   6   ARG ARG A . n 
E 2 7   GLY 7   7   7   GLY GLY A . n 
E 2 8   ILE 8   8   8   ILE ILE A . n 
E 2 9   ILE 9   9   9   ILE ILE A . n 
E 2 10  ILE 10  10  10  ILE ILE A . n 
E 2 11  GLU 11  11  11  GLU GLU A . n 
E 2 12  LYS 12  12  12  LYS LYS A . n 
E 2 13  GLN 13  13  13  GLN GLN A . n 
E 2 14  PRO 14  14  14  PRO PRO A . n 
E 2 15  PRO 15  15  15  PRO PRO A . n 
E 2 16  LEU 16  16  16  LEU LEU A . n 
E 2 17  VAL 17  17  17  VAL VAL A . n 
E 2 18  LEU 18  18  18  LEU LEU A . n 
E 2 19  ILE 19  19  19  ILE ILE A . n 
E 2 20  GLU 20  20  20  GLU GLU A . n 
E 2 21  VAL 21  21  21  VAL VAL A . n 
E 2 22  GLY 22  22  22  GLY GLY A . n 
E 2 23  GLY 23  23  23  GLY GLY A . n 
E 2 24  VAL 24  24  24  VAL VAL A . n 
E 2 25  GLY 25  25  25  GLY GLY A . n 
E 2 26  TYR 26  26  26  TYR TYR A . n 
E 2 27  GLU 27  27  27  GLU GLU A . n 
E 2 28  VAL 28  28  28  VAL VAL A . n 
E 2 29  HIS 29  29  29  HIS HIS A . n 
E 2 30  MET 30  30  30  MET MET A . n 
E 2 31  PRO 31  31  31  PRO PRO A . n 
E 2 32  MET 32  32  32  MET MET A . n 
E 2 33  THR 33  33  33  THR THR A . n 
E 2 34  CYS 34  34  34  CYS CYS A . n 
E 2 35  PHE 35  35  35  PHE PHE A . n 
E 2 36  TYR 36  36  36  TYR TYR A . n 
E 2 37  GLU 37  37  37  GLU GLU A . n 
E 2 38  LEU 38  38  38  LEU LEU A . n 
E 2 39  PRO 39  39  39  PRO PRO A . n 
E 2 40  GLU 40  40  40  GLU GLU A . n 
E 2 41  ALA 41  41  41  ALA ALA A . n 
E 2 42  GLY 42  42  42  GLY GLY A . n 
E 2 43  GLN 43  43  43  GLN GLN A . n 
E 2 44  GLU 44  44  44  GLU GLU A . n 
E 2 45  ALA 45  45  45  ALA ALA A . n 
E 2 46  ILE 46  46  46  ILE ILE A . n 
E 2 47  VAL 47  47  47  VAL VAL A . n 
E 2 48  PHE 48  48  48  PHE PHE A . n 
E 2 49  THR 49  49  49  THR THR A . n 
E 2 50  HIS 50  50  50  HIS HIS A . n 
E 2 51  PHE 51  51  51  PHE PHE A . n 
E 2 52  VAL 52  52  52  VAL VAL A . n 
E 2 53  VAL 53  53  53  VAL VAL A . n 
E 2 54  ARG 54  54  54  ARG ARG A . n 
E 2 55  GLU 55  55  55  GLU GLU A . n 
E 2 56  ASP 56  56  56  ASP ASP A . n 
E 2 57  ALA 57  57  57  ALA ALA A . n 
E 2 58  GLN 58  58  58  GLN GLN A . n 
E 2 59  LEU 59  59  59  LEU LEU A . n 
E 2 60  LEU 60  60  60  LEU LEU A . n 
E 2 61  TYR 61  61  61  TYR TYR A . n 
E 2 62  GLY 62  62  62  GLY GLY A . n 
E 2 63  PHE 63  63  63  PHE PHE A . n 
E 2 64  ASN 64  64  64  ASN ASN A . n 
E 2 65  ASN 65  65  65  ASN ASN A . n 
E 2 66  LYS 66  66  66  LYS LYS A . n 
E 2 67  GLN 67  67  67  GLN GLN A . n 
E 2 68  GLU 68  68  68  GLU GLU A . n 
E 2 69  ARG 69  69  69  ARG ARG A . n 
E 2 70  THR 70  70  70  THR THR A . n 
E 2 71  LEU 71  71  71  LEU LEU A . n 
E 2 72  PHE 72  72  72  PHE PHE A . n 
E 2 73  LYS 73  73  73  LYS LYS A . n 
E 2 74  GLU 74  74  74  GLU GLU A . n 
E 2 75  LEU 75  75  75  LEU LEU A . n 
E 2 76  ILE 76  76  76  ILE ILE A . n 
E 2 77  LYS 77  77  77  LYS LYS A . n 
E 2 78  THR 78  78  78  THR THR A . n 
E 2 79  ASN 79  79  79  ASN ASN A . n 
E 2 80  GLY 80  80  80  GLY GLY A . n 
E 2 81  VAL 81  81  81  VAL VAL A . n 
E 2 82  GLY 82  82  82  GLY GLY A . n 
E 2 83  PRO 83  83  83  PRO PRO A . n 
E 2 84  LYS 84  84  84  LYS LYS A . n 
E 2 85  LEU 85  85  85  LEU LEU A . n 
E 2 86  ALA 86  86  86  ALA ALA A . n 
E 2 87  LEU 87  87  87  LEU LEU A . n 
E 2 88  ALA 88  88  88  ALA ALA A . n 
E 2 89  ILE 89  89  89  ILE ILE A . n 
E 2 90  LEU 90  90  90  LEU LEU A . n 
E 2 91  SER 91  91  91  SER SER A . n 
E 2 92  GLY 92  92  92  GLY GLY A . n 
E 2 93  MET 93  93  93  MET MET A . n 
E 2 94  SER 94  94  94  SER SER A . n 
E 2 95  ALA 95  95  95  ALA ALA A . n 
E 2 96  GLN 96  96  96  GLN GLN A . n 
E 2 97  GLN 97  97  97  GLN GLN A . n 
E 2 98  PHE 98  98  98  PHE PHE A . n 
E 2 99  VAL 99  99  99  VAL VAL A . n 
E 2 100 ASN 100 100 100 ASN ASN A . n 
E 2 101 ALA 101 101 101 ALA ALA A . n 
E 2 102 VAL 102 102 102 VAL VAL A . n 
E 2 103 GLU 103 103 103 GLU GLU A . n 
E 2 104 ARG 104 104 104 ARG ARG A . n 
E 2 105 GLU 105 105 105 GLU GLU A . n 
E 2 106 GLU 106 106 106 GLU GLU A . n 
E 2 107 VAL 107 107 107 VAL VAL A . n 
E 2 108 GLY 108 108 108 GLY GLY A . n 
E 2 109 ALA 109 109 109 ALA ALA A . n 
E 2 110 LEU 110 110 110 LEU LEU A . n 
E 2 111 VAL 111 111 111 VAL VAL A . n 
E 2 112 LYS 112 112 112 LYS LYS A . n 
E 2 113 LEU 113 113 113 LEU LEU A . n 
E 2 114 PRO 114 114 114 PRO PRO A . n 
E 2 115 GLY 115 115 115 GLY GLY A . n 
E 2 116 ILE 116 116 116 ILE ILE A . n 
E 2 117 GLY 117 117 117 GLY GLY A . n 
E 2 118 LYS 118 118 118 LYS LYS A . n 
E 2 119 LYS 119 119 119 LYS LYS A . n 
E 2 120 THR 120 120 120 THR THR A . n 
E 2 121 ALA 121 121 121 ALA ALA A . n 
E 2 122 GLU 122 122 122 GLU GLU A . n 
E 2 123 ARG 123 123 123 ARG ARG A . n 
E 2 124 LEU 124 124 124 LEU LEU A . n 
E 2 125 ILE 125 125 125 ILE ILE A . n 
E 2 126 VAL 126 126 126 VAL VAL A . n 
E 2 127 GLU 127 127 127 GLU GLU A . n 
E 2 128 MET 128 128 128 MET MET A . n 
E 2 129 LYS 129 129 129 LYS LYS A . n 
E 2 130 ASP 130 130 130 ASP ASP A . n 
E 2 131 ARG 131 131 131 ARG ARG A . n 
E 2 132 PHE 132 132 132 PHE PHE A . n 
E 2 133 LYS 133 133 133 LYS LYS A . n 
E 2 134 GLY 134 134 134 GLY GLY A . n 
E 2 135 LEU 135 135 135 LEU LEU A . n 
E 2 136 HIS 136 136 136 HIS HIS A . n 
E 2 137 GLY 137 137 137 GLY GLY A . n 
E 2 138 ASP 138 138 138 ASP ASP A . n 
E 2 139 LEU 139 139 139 LEU LEU A . n 
E 2 140 PHE 140 140 140 PHE PHE A . n 
E 2 141 THR 141 141 141 THR THR A . n 
E 2 142 PRO 142 142 142 PRO PRO A . n 
E 2 143 ALA 143 143 ?   ?   ?   A . n 
E 2 144 ALA 144 144 ?   ?   ?   A . n 
E 2 145 ASP 145 145 ?   ?   ?   A . n 
E 2 146 LEU 146 146 ?   ?   ?   A . n 
E 2 147 VAL 147 147 ?   ?   ?   A . n 
E 2 148 LEU 148 148 ?   ?   ?   A . n 
E 2 149 THR 149 149 ?   ?   ?   A . n 
E 2 150 SER 150 150 ?   ?   ?   A . n 
E 2 151 PRO 151 151 ?   ?   ?   A . n 
E 2 152 ALA 152 152 ?   ?   ?   A . n 
E 2 153 SER 153 153 ?   ?   ?   A . n 
E 2 154 PRO 154 154 ?   ?   ?   A . n 
E 2 155 ALA 155 155 ?   ?   ?   A . n 
E 2 156 THR 156 156 156 THR THR A . n 
E 2 157 ASP 157 157 157 ASP ASP A . n 
E 2 158 ASP 158 158 158 ASP ASP A . n 
E 2 159 ALA 159 159 159 ALA ALA A . n 
E 2 160 GLU 160 160 160 GLU GLU A . n 
E 2 161 GLN 161 161 161 GLN GLN A . n 
E 2 162 GLU 162 162 162 GLU GLU A . n 
E 2 163 ALA 163 163 163 ALA ALA A . n 
E 2 164 VAL 164 164 164 VAL VAL A . n 
E 2 165 ALA 165 165 165 ALA ALA A . n 
E 2 166 ALA 166 166 166 ALA ALA A . n 
E 2 167 LEU 167 167 167 LEU LEU A . n 
E 2 168 VAL 168 168 168 VAL VAL A . n 
E 2 169 ALA 169 169 169 ALA ALA A . n 
E 2 170 LEU 170 170 170 LEU LEU A . n 
E 2 171 GLY 171 171 171 GLY GLY A . n 
E 2 172 TYR 172 172 172 TYR TYR A . n 
E 2 173 LYS 173 173 173 LYS LYS A . n 
E 2 174 PRO 174 174 174 PRO PRO A . n 
E 2 175 GLN 175 175 175 GLN GLN A . n 
E 2 176 GLU 176 176 176 GLU GLU A . n 
E 2 177 ALA 177 177 177 ALA ALA A . n 
E 2 178 SER 178 178 178 SER SER A . n 
E 2 179 ARG 179 179 179 ARG ARG A . n 
E 2 180 MET 180 180 180 MET MET A . n 
E 2 181 VAL 181 181 181 VAL VAL A . n 
E 2 182 SER 182 182 182 SER SER A . n 
E 2 183 LYS 183 183 183 LYS LYS A . n 
E 2 184 ILE 184 184 184 ILE ILE A . n 
E 2 185 ALA 185 185 185 ALA ALA A . n 
E 2 186 ARG 186 186 186 ARG ARG A . n 
E 2 187 PRO 187 187 187 PRO PRO A . n 
E 2 188 ASP 188 188 188 ASP ASP A . n 
E 2 189 ALA 189 189 189 ALA ALA A . n 
E 2 190 SER 190 190 190 SER SER A . n 
E 2 191 SER 191 191 191 SER SER A . n 
E 2 192 GLU 192 192 192 GLU GLU A . n 
E 2 193 THR 193 193 193 THR THR A . n 
E 2 194 LEU 194 194 194 LEU LEU A . n 
E 2 195 ILE 195 195 195 ILE ILE A . n 
E 2 196 ARG 196 196 196 ARG ARG A . n 
E 2 197 GLU 197 197 197 GLU GLU A . n 
E 2 198 ALA 198 198 198 ALA ALA A . n 
E 2 199 LEU 199 199 199 LEU LEU A . n 
E 2 200 ARG 200 200 200 ARG ARG A . n 
E 2 201 ALA 201 201 201 ALA ALA A . n 
E 2 202 ALA 202 202 202 ALA ALA A . n 
E 2 203 LEU 203 203 203 LEU LEU A . n 
F 2 1   MET 1   1   1   MET MET B . n 
F 2 2   ILE 2   2   2   ILE ILE B . n 
F 2 3   GLY 3   3   3   GLY GLY B . n 
F 2 4   ARG 4   4   4   ARG ARG B . n 
F 2 5   LEU 5   5   5   LEU LEU B . n 
F 2 6   ARG 6   6   6   ARG ARG B . n 
F 2 7   GLY 7   7   7   GLY GLY B . n 
F 2 8   ILE 8   8   8   ILE ILE B . n 
F 2 9   ILE 9   9   9   ILE ILE B . n 
F 2 10  ILE 10  10  10  ILE ILE B . n 
F 2 11  GLU 11  11  11  GLU GLU B . n 
F 2 12  LYS 12  12  12  LYS LYS B . n 
F 2 13  GLN 13  13  13  GLN GLN B . n 
F 2 14  PRO 14  14  14  PRO PRO B . n 
F 2 15  PRO 15  15  15  PRO PRO B . n 
F 2 16  LEU 16  16  16  LEU LEU B . n 
F 2 17  VAL 17  17  17  VAL VAL B . n 
F 2 18  LEU 18  18  18  LEU LEU B . n 
F 2 19  ILE 19  19  19  ILE ILE B . n 
F 2 20  GLU 20  20  20  GLU GLU B . n 
F 2 21  VAL 21  21  21  VAL VAL B . n 
F 2 22  GLY 22  22  22  GLY GLY B . n 
F 2 23  GLY 23  23  23  GLY GLY B . n 
F 2 24  VAL 24  24  24  VAL VAL B . n 
F 2 25  GLY 25  25  25  GLY GLY B . n 
F 2 26  TYR 26  26  26  TYR TYR B . n 
F 2 27  GLU 27  27  27  GLU GLU B . n 
F 2 28  VAL 28  28  28  VAL VAL B . n 
F 2 29  HIS 29  29  29  HIS HIS B . n 
F 2 30  MET 30  30  30  MET MET B . n 
F 2 31  PRO 31  31  31  PRO PRO B . n 
F 2 32  MET 32  32  32  MET MET B . n 
F 2 33  THR 33  33  33  THR THR B . n 
F 2 34  CYS 34  34  34  CYS CYS B . n 
F 2 35  PHE 35  35  35  PHE PHE B . n 
F 2 36  TYR 36  36  36  TYR TYR B . n 
F 2 37  GLU 37  37  37  GLU GLU B . n 
F 2 38  LEU 38  38  38  LEU LEU B . n 
F 2 39  PRO 39  39  39  PRO PRO B . n 
F 2 40  GLU 40  40  40  GLU GLU B . n 
F 2 41  ALA 41  41  41  ALA ALA B . n 
F 2 42  GLY 42  42  42  GLY GLY B . n 
F 2 43  GLN 43  43  43  GLN GLN B . n 
F 2 44  GLU 44  44  44  GLU GLU B . n 
F 2 45  ALA 45  45  45  ALA ALA B . n 
F 2 46  ILE 46  46  46  ILE ILE B . n 
F 2 47  VAL 47  47  47  VAL VAL B . n 
F 2 48  PHE 48  48  48  PHE PHE B . n 
F 2 49  THR 49  49  49  THR THR B . n 
F 2 50  HIS 50  50  50  HIS HIS B . n 
F 2 51  PHE 51  51  51  PHE PHE B . n 
F 2 52  VAL 52  52  52  VAL VAL B . n 
F 2 53  VAL 53  53  53  VAL VAL B . n 
F 2 54  ARG 54  54  54  ARG ARG B . n 
F 2 55  GLU 55  55  55  GLU GLU B . n 
F 2 56  ASP 56  56  56  ASP ASP B . n 
F 2 57  ALA 57  57  57  ALA ALA B . n 
F 2 58  GLN 58  58  58  GLN GLN B . n 
F 2 59  LEU 59  59  59  LEU LEU B . n 
F 2 60  LEU 60  60  60  LEU LEU B . n 
F 2 61  TYR 61  61  61  TYR TYR B . n 
F 2 62  GLY 62  62  62  GLY GLY B . n 
F 2 63  PHE 63  63  63  PHE PHE B . n 
F 2 64  ASN 64  64  64  ASN ASN B . n 
F 2 65  ASN 65  65  65  ASN ASN B . n 
F 2 66  LYS 66  66  66  LYS LYS B . n 
F 2 67  GLN 67  67  67  GLN GLN B . n 
F 2 68  GLU 68  68  68  GLU GLU B . n 
F 2 69  ARG 69  69  69  ARG ARG B . n 
F 2 70  THR 70  70  70  THR THR B . n 
F 2 71  LEU 71  71  71  LEU LEU B . n 
F 2 72  PHE 72  72  72  PHE PHE B . n 
F 2 73  LYS 73  73  73  LYS LYS B . n 
F 2 74  GLU 74  74  74  GLU GLU B . n 
F 2 75  LEU 75  75  75  LEU LEU B . n 
F 2 76  ILE 76  76  76  ILE ILE B . n 
F 2 77  LYS 77  77  77  LYS LYS B . n 
F 2 78  THR 78  78  78  THR THR B . n 
F 2 79  ASN 79  79  79  ASN ASN B . n 
F 2 80  GLY 80  80  80  GLY GLY B . n 
F 2 81  VAL 81  81  81  VAL VAL B . n 
F 2 82  GLY 82  82  82  GLY GLY B . n 
F 2 83  PRO 83  83  83  PRO PRO B . n 
F 2 84  LYS 84  84  84  LYS LYS B . n 
F 2 85  LEU 85  85  85  LEU LEU B . n 
F 2 86  ALA 86  86  86  ALA ALA B . n 
F 2 87  LEU 87  87  87  LEU LEU B . n 
F 2 88  ALA 88  88  88  ALA ALA B . n 
F 2 89  ILE 89  89  89  ILE ILE B . n 
F 2 90  LEU 90  90  90  LEU LEU B . n 
F 2 91  SER 91  91  91  SER SER B . n 
F 2 92  GLY 92  92  92  GLY GLY B . n 
F 2 93  MET 93  93  93  MET MET B . n 
F 2 94  SER 94  94  94  SER SER B . n 
F 2 95  ALA 95  95  95  ALA ALA B . n 
F 2 96  GLN 96  96  96  GLN GLN B . n 
F 2 97  GLN 97  97  97  GLN GLN B . n 
F 2 98  PHE 98  98  98  PHE PHE B . n 
F 2 99  VAL 99  99  99  VAL VAL B . n 
F 2 100 ASN 100 100 100 ASN ASN B . n 
F 2 101 ALA 101 101 101 ALA ALA B . n 
F 2 102 VAL 102 102 102 VAL VAL B . n 
F 2 103 GLU 103 103 103 GLU GLU B . n 
F 2 104 ARG 104 104 104 ARG ARG B . n 
F 2 105 GLU 105 105 105 GLU GLU B . n 
F 2 106 GLU 106 106 106 GLU GLU B . n 
F 2 107 VAL 107 107 107 VAL VAL B . n 
F 2 108 GLY 108 108 108 GLY GLY B . n 
F 2 109 ALA 109 109 109 ALA ALA B . n 
F 2 110 LEU 110 110 110 LEU LEU B . n 
F 2 111 VAL 111 111 111 VAL VAL B . n 
F 2 112 LYS 112 112 112 LYS LYS B . n 
F 2 113 LEU 113 113 113 LEU LEU B . n 
F 2 114 PRO 114 114 114 PRO PRO B . n 
F 2 115 GLY 115 115 115 GLY GLY B . n 
F 2 116 ILE 116 116 116 ILE ILE B . n 
F 2 117 GLY 117 117 117 GLY GLY B . n 
F 2 118 LYS 118 118 118 LYS LYS B . n 
F 2 119 LYS 119 119 119 LYS LYS B . n 
F 2 120 THR 120 120 120 THR THR B . n 
F 2 121 ALA 121 121 121 ALA ALA B . n 
F 2 122 GLU 122 122 122 GLU GLU B . n 
F 2 123 ARG 123 123 123 ARG ARG B . n 
F 2 124 LEU 124 124 124 LEU LEU B . n 
F 2 125 ILE 125 125 125 ILE ILE B . n 
F 2 126 VAL 126 126 126 VAL VAL B . n 
F 2 127 GLU 127 127 127 GLU GLU B . n 
F 2 128 MET 128 128 128 MET MET B . n 
F 2 129 LYS 129 129 129 LYS LYS B . n 
F 2 130 ASP 130 130 130 ASP ASP B . n 
F 2 131 ARG 131 131 131 ARG ARG B . n 
F 2 132 PHE 132 132 132 PHE PHE B . n 
F 2 133 LYS 133 133 133 LYS LYS B . n 
F 2 134 GLY 134 134 134 GLY GLY B . n 
F 2 135 LEU 135 135 135 LEU LEU B . n 
F 2 136 HIS 136 136 136 HIS HIS B . n 
F 2 137 GLY 137 137 137 GLY GLY B . n 
F 2 138 ASP 138 138 138 ASP ASP B . n 
F 2 139 LEU 139 139 139 LEU LEU B . n 
F 2 140 PHE 140 140 140 PHE PHE B . n 
F 2 141 THR 141 141 141 THR THR B . n 
F 2 142 PRO 142 142 142 PRO PRO B . n 
F 2 143 ALA 143 143 ?   ?   ?   B . n 
F 2 144 ALA 144 144 ?   ?   ?   B . n 
F 2 145 ASP 145 145 ?   ?   ?   B . n 
F 2 146 LEU 146 146 ?   ?   ?   B . n 
F 2 147 VAL 147 147 ?   ?   ?   B . n 
F 2 148 LEU 148 148 ?   ?   ?   B . n 
F 2 149 THR 149 149 ?   ?   ?   B . n 
F 2 150 SER 150 150 ?   ?   ?   B . n 
F 2 151 PRO 151 151 ?   ?   ?   B . n 
F 2 152 ALA 152 152 ?   ?   ?   B . n 
F 2 153 SER 153 153 ?   ?   ?   B . n 
F 2 154 PRO 154 154 ?   ?   ?   B . n 
F 2 155 ALA 155 155 ?   ?   ?   B . n 
F 2 156 THR 156 156 156 THR THR B . n 
F 2 157 ASP 157 157 157 ASP ASP B . n 
F 2 158 ASP 158 158 158 ASP ASP B . n 
F 2 159 ALA 159 159 159 ALA ALA B . n 
F 2 160 GLU 160 160 160 GLU GLU B . n 
F 2 161 GLN 161 161 161 GLN GLN B . n 
F 2 162 GLU 162 162 162 GLU GLU B . n 
F 2 163 ALA 163 163 163 ALA ALA B . n 
F 2 164 VAL 164 164 164 VAL VAL B . n 
F 2 165 ALA 165 165 165 ALA ALA B . n 
F 2 166 ALA 166 166 166 ALA ALA B . n 
F 2 167 LEU 167 167 167 LEU LEU B . n 
F 2 168 VAL 168 168 168 VAL VAL B . n 
F 2 169 ALA 169 169 169 ALA ALA B . n 
F 2 170 LEU 170 170 170 LEU LEU B . n 
F 2 171 GLY 171 171 171 GLY GLY B . n 
F 2 172 TYR 172 172 172 TYR TYR B . n 
F 2 173 LYS 173 173 173 LYS LYS B . n 
F 2 174 PRO 174 174 174 PRO PRO B . n 
F 2 175 GLN 175 175 175 GLN GLN B . n 
F 2 176 GLU 176 176 176 GLU GLU B . n 
F 2 177 ALA 177 177 177 ALA ALA B . n 
F 2 178 SER 178 178 178 SER SER B . n 
F 2 179 ARG 179 179 179 ARG ARG B . n 
F 2 180 MET 180 180 180 MET MET B . n 
F 2 181 VAL 181 181 181 VAL VAL B . n 
F 2 182 SER 182 182 182 SER SER B . n 
F 2 183 LYS 183 183 183 LYS LYS B . n 
F 2 184 ILE 184 184 184 ILE ILE B . n 
F 2 185 ALA 185 185 185 ALA ALA B . n 
F 2 186 ARG 186 186 186 ARG ARG B . n 
F 2 187 PRO 187 187 187 PRO PRO B . n 
F 2 188 ASP 188 188 188 ASP ASP B . n 
F 2 189 ALA 189 189 189 ALA ALA B . n 
F 2 190 SER 190 190 190 SER SER B . n 
F 2 191 SER 191 191 191 SER SER B . n 
F 2 192 GLU 192 192 192 GLU GLU B . n 
F 2 193 THR 193 193 193 THR THR B . n 
F 2 194 LEU 194 194 194 LEU LEU B . n 
F 2 195 ILE 195 195 195 ILE ILE B . n 
F 2 196 ARG 196 196 196 ARG ARG B . n 
F 2 197 GLU 197 197 197 GLU GLU B . n 
F 2 198 ALA 198 198 198 ALA ALA B . n 
F 2 199 LEU 199 199 199 LEU LEU B . n 
F 2 200 ARG 200 200 200 ARG ARG B . n 
F 2 201 ALA 201 201 201 ALA ALA B . n 
F 2 202 ALA 202 202 202 ALA ALA B . n 
F 2 203 LEU 203 203 203 LEU LEU B . n 
G 2 1   MET 1   1   1   MET MET C . n 
G 2 2   ILE 2   2   2   ILE ILE C . n 
G 2 3   GLY 3   3   3   GLY GLY C . n 
G 2 4   ARG 4   4   4   ARG ARG C . n 
G 2 5   LEU 5   5   5   LEU LEU C . n 
G 2 6   ARG 6   6   6   ARG ARG C . n 
G 2 7   GLY 7   7   7   GLY GLY C . n 
G 2 8   ILE 8   8   8   ILE ILE C . n 
G 2 9   ILE 9   9   9   ILE ILE C . n 
G 2 10  ILE 10  10  10  ILE ILE C . n 
G 2 11  GLU 11  11  11  GLU GLU C . n 
G 2 12  LYS 12  12  12  LYS LYS C . n 
G 2 13  GLN 13  13  13  GLN GLN C . n 
G 2 14  PRO 14  14  14  PRO PRO C . n 
G 2 15  PRO 15  15  15  PRO PRO C . n 
G 2 16  LEU 16  16  16  LEU LEU C . n 
G 2 17  VAL 17  17  17  VAL VAL C . n 
G 2 18  LEU 18  18  18  LEU LEU C . n 
G 2 19  ILE 19  19  19  ILE ILE C . n 
G 2 20  GLU 20  20  20  GLU GLU C . n 
G 2 21  VAL 21  21  21  VAL VAL C . n 
G 2 22  GLY 22  22  22  GLY GLY C . n 
G 2 23  GLY 23  23  23  GLY GLY C . n 
G 2 24  VAL 24  24  24  VAL VAL C . n 
G 2 25  GLY 25  25  25  GLY GLY C . n 
G 2 26  TYR 26  26  26  TYR TYR C . n 
G 2 27  GLU 27  27  27  GLU GLU C . n 
G 2 28  VAL 28  28  28  VAL VAL C . n 
G 2 29  HIS 29  29  29  HIS HIS C . n 
G 2 30  MET 30  30  30  MET MET C . n 
G 2 31  PRO 31  31  31  PRO PRO C . n 
G 2 32  MET 32  32  32  MET MET C . n 
G 2 33  THR 33  33  33  THR THR C . n 
G 2 34  CYS 34  34  34  CYS CYS C . n 
G 2 35  PHE 35  35  35  PHE PHE C . n 
G 2 36  TYR 36  36  36  TYR TYR C . n 
G 2 37  GLU 37  37  37  GLU GLU C . n 
G 2 38  LEU 38  38  38  LEU LEU C . n 
G 2 39  PRO 39  39  39  PRO PRO C . n 
G 2 40  GLU 40  40  40  GLU GLU C . n 
G 2 41  ALA 41  41  41  ALA ALA C . n 
G 2 42  GLY 42  42  42  GLY GLY C . n 
G 2 43  GLN 43  43  43  GLN GLN C . n 
G 2 44  GLU 44  44  44  GLU GLU C . n 
G 2 45  ALA 45  45  45  ALA ALA C . n 
G 2 46  ILE 46  46  46  ILE ILE C . n 
G 2 47  VAL 47  47  47  VAL VAL C . n 
G 2 48  PHE 48  48  48  PHE PHE C . n 
G 2 49  THR 49  49  49  THR THR C . n 
G 2 50  HIS 50  50  50  HIS HIS C . n 
G 2 51  PHE 51  51  51  PHE PHE C . n 
G 2 52  VAL 52  52  52  VAL VAL C . n 
G 2 53  VAL 53  53  53  VAL VAL C . n 
G 2 54  ARG 54  54  54  ARG ARG C . n 
G 2 55  GLU 55  55  55  GLU GLU C . n 
G 2 56  ASP 56  56  56  ASP ASP C . n 
G 2 57  ALA 57  57  57  ALA ALA C . n 
G 2 58  GLN 58  58  58  GLN GLN C . n 
G 2 59  LEU 59  59  59  LEU LEU C . n 
G 2 60  LEU 60  60  60  LEU LEU C . n 
G 2 61  TYR 61  61  61  TYR TYR C . n 
G 2 62  GLY 62  62  62  GLY GLY C . n 
G 2 63  PHE 63  63  63  PHE PHE C . n 
G 2 64  ASN 64  64  64  ASN ASN C . n 
G 2 65  ASN 65  65  65  ASN ASN C . n 
G 2 66  LYS 66  66  66  LYS LYS C . n 
G 2 67  GLN 67  67  67  GLN GLN C . n 
G 2 68  GLU 68  68  68  GLU GLU C . n 
G 2 69  ARG 69  69  69  ARG ARG C . n 
G 2 70  THR 70  70  70  THR THR C . n 
G 2 71  LEU 71  71  71  LEU LEU C . n 
G 2 72  PHE 72  72  72  PHE PHE C . n 
G 2 73  LYS 73  73  73  LYS LYS C . n 
G 2 74  GLU 74  74  74  GLU GLU C . n 
G 2 75  LEU 75  75  75  LEU LEU C . n 
G 2 76  ILE 76  76  76  ILE ILE C . n 
G 2 77  LYS 77  77  77  LYS LYS C . n 
G 2 78  THR 78  78  78  THR THR C . n 
G 2 79  ASN 79  79  79  ASN ASN C . n 
G 2 80  GLY 80  80  80  GLY GLY C . n 
G 2 81  VAL 81  81  81  VAL VAL C . n 
G 2 82  GLY 82  82  82  GLY GLY C . n 
G 2 83  PRO 83  83  83  PRO PRO C . n 
G 2 84  LYS 84  84  84  LYS LYS C . n 
G 2 85  LEU 85  85  85  LEU LEU C . n 
G 2 86  ALA 86  86  86  ALA ALA C . n 
G 2 87  LEU 87  87  87  LEU LEU C . n 
G 2 88  ALA 88  88  88  ALA ALA C . n 
G 2 89  ILE 89  89  89  ILE ILE C . n 
G 2 90  LEU 90  90  90  LEU LEU C . n 
G 2 91  SER 91  91  91  SER SER C . n 
G 2 92  GLY 92  92  92  GLY GLY C . n 
G 2 93  MET 93  93  93  MET MET C . n 
G 2 94  SER 94  94  94  SER SER C . n 
G 2 95  ALA 95  95  95  ALA ALA C . n 
G 2 96  GLN 96  96  96  GLN GLN C . n 
G 2 97  GLN 97  97  97  GLN GLN C . n 
G 2 98  PHE 98  98  98  PHE PHE C . n 
G 2 99  VAL 99  99  99  VAL VAL C . n 
G 2 100 ASN 100 100 100 ASN ASN C . n 
G 2 101 ALA 101 101 101 ALA ALA C . n 
G 2 102 VAL 102 102 102 VAL VAL C . n 
G 2 103 GLU 103 103 103 GLU GLU C . n 
G 2 104 ARG 104 104 104 ARG ARG C . n 
G 2 105 GLU 105 105 105 GLU GLU C . n 
G 2 106 GLU 106 106 106 GLU GLU C . n 
G 2 107 VAL 107 107 107 VAL VAL C . n 
G 2 108 GLY 108 108 108 GLY GLY C . n 
G 2 109 ALA 109 109 109 ALA ALA C . n 
G 2 110 LEU 110 110 110 LEU LEU C . n 
G 2 111 VAL 111 111 111 VAL VAL C . n 
G 2 112 LYS 112 112 112 LYS LYS C . n 
G 2 113 LEU 113 113 113 LEU LEU C . n 
G 2 114 PRO 114 114 114 PRO PRO C . n 
G 2 115 GLY 115 115 115 GLY GLY C . n 
G 2 116 ILE 116 116 116 ILE ILE C . n 
G 2 117 GLY 117 117 117 GLY GLY C . n 
G 2 118 LYS 118 118 118 LYS LYS C . n 
G 2 119 LYS 119 119 119 LYS LYS C . n 
G 2 120 THR 120 120 120 THR THR C . n 
G 2 121 ALA 121 121 121 ALA ALA C . n 
G 2 122 GLU 122 122 122 GLU GLU C . n 
G 2 123 ARG 123 123 123 ARG ARG C . n 
G 2 124 LEU 124 124 124 LEU LEU C . n 
G 2 125 ILE 125 125 125 ILE ILE C . n 
G 2 126 VAL 126 126 126 VAL VAL C . n 
G 2 127 GLU 127 127 127 GLU GLU C . n 
G 2 128 MET 128 128 128 MET MET C . n 
G 2 129 LYS 129 129 129 LYS LYS C . n 
G 2 130 ASP 130 130 130 ASP ASP C . n 
G 2 131 ARG 131 131 131 ARG ARG C . n 
G 2 132 PHE 132 132 132 PHE PHE C . n 
G 2 133 LYS 133 133 133 LYS LYS C . n 
G 2 134 GLY 134 134 134 GLY GLY C . n 
G 2 135 LEU 135 135 135 LEU LEU C . n 
G 2 136 HIS 136 136 136 HIS HIS C . n 
G 2 137 GLY 137 137 137 GLY GLY C . n 
G 2 138 ASP 138 138 138 ASP ASP C . n 
G 2 139 LEU 139 139 139 LEU LEU C . n 
G 2 140 PHE 140 140 140 PHE PHE C . n 
G 2 141 THR 141 141 141 THR THR C . n 
G 2 142 PRO 142 142 142 PRO PRO C . n 
G 2 143 ALA 143 143 ?   ?   ?   C . n 
G 2 144 ALA 144 144 ?   ?   ?   C . n 
G 2 145 ASP 145 145 ?   ?   ?   C . n 
G 2 146 LEU 146 146 ?   ?   ?   C . n 
G 2 147 VAL 147 147 ?   ?   ?   C . n 
G 2 148 LEU 148 148 ?   ?   ?   C . n 
G 2 149 THR 149 149 ?   ?   ?   C . n 
G 2 150 SER 150 150 ?   ?   ?   C . n 
G 2 151 PRO 151 151 ?   ?   ?   C . n 
G 2 152 ALA 152 152 ?   ?   ?   C . n 
G 2 153 SER 153 153 ?   ?   ?   C . n 
G 2 154 PRO 154 154 ?   ?   ?   C . n 
G 2 155 ALA 155 155 ?   ?   ?   C . n 
G 2 156 THR 156 156 156 THR THR C . n 
G 2 157 ASP 157 157 157 ASP ASP C . n 
G 2 158 ASP 158 158 158 ASP ASP C . n 
G 2 159 ALA 159 159 159 ALA ALA C . n 
G 2 160 GLU 160 160 160 GLU GLU C . n 
G 2 161 GLN 161 161 161 GLN GLN C . n 
G 2 162 GLU 162 162 162 GLU GLU C . n 
G 2 163 ALA 163 163 163 ALA ALA C . n 
G 2 164 VAL 164 164 164 VAL VAL C . n 
G 2 165 ALA 165 165 165 ALA ALA C . n 
G 2 166 ALA 166 166 166 ALA ALA C . n 
G 2 167 LEU 167 167 167 LEU LEU C . n 
G 2 168 VAL 168 168 168 VAL VAL C . n 
G 2 169 ALA 169 169 169 ALA ALA C . n 
G 2 170 LEU 170 170 170 LEU LEU C . n 
G 2 171 GLY 171 171 171 GLY GLY C . n 
G 2 172 TYR 172 172 172 TYR TYR C . n 
G 2 173 LYS 173 173 173 LYS LYS C . n 
G 2 174 PRO 174 174 174 PRO PRO C . n 
G 2 175 GLN 175 175 175 GLN GLN C . n 
G 2 176 GLU 176 176 176 GLU GLU C . n 
G 2 177 ALA 177 177 177 ALA ALA C . n 
G 2 178 SER 178 178 178 SER SER C . n 
G 2 179 ARG 179 179 179 ARG ARG C . n 
G 2 180 MET 180 180 180 MET MET C . n 
G 2 181 VAL 181 181 181 VAL VAL C . n 
G 2 182 SER 182 182 182 SER SER C . n 
G 2 183 LYS 183 183 183 LYS LYS C . n 
G 2 184 ILE 184 184 184 ILE ILE C . n 
G 2 185 ALA 185 185 185 ALA ALA C . n 
G 2 186 ARG 186 186 186 ARG ARG C . n 
G 2 187 PRO 187 187 187 PRO PRO C . n 
G 2 188 ASP 188 188 188 ASP ASP C . n 
G 2 189 ALA 189 189 189 ALA ALA C . n 
G 2 190 SER 190 190 190 SER SER C . n 
G 2 191 SER 191 191 191 SER SER C . n 
G 2 192 GLU 192 192 192 GLU GLU C . n 
G 2 193 THR 193 193 193 THR THR C . n 
G 2 194 LEU 194 194 194 LEU LEU C . n 
G 2 195 ILE 195 195 195 ILE ILE C . n 
G 2 196 ARG 196 196 196 ARG ARG C . n 
G 2 197 GLU 197 197 197 GLU GLU C . n 
G 2 198 ALA 198 198 198 ALA ALA C . n 
G 2 199 LEU 199 199 199 LEU LEU C . n 
G 2 200 ARG 200 200 200 ARG ARG C . n 
G 2 201 ALA 201 201 201 ALA ALA C . n 
G 2 202 ALA 202 202 202 ALA ALA C . n 
G 2 203 LEU 203 203 203 LEU LEU C . n 
H 2 1   MET 1   1   1   MET MET D . n 
H 2 2   ILE 2   2   2   ILE ILE D . n 
H 2 3   GLY 3   3   3   GLY GLY D . n 
H 2 4   ARG 4   4   4   ARG ARG D . n 
H 2 5   LEU 5   5   5   LEU LEU D . n 
H 2 6   ARG 6   6   6   ARG ARG D . n 
H 2 7   GLY 7   7   7   GLY GLY D . n 
H 2 8   ILE 8   8   8   ILE ILE D . n 
H 2 9   ILE 9   9   9   ILE ILE D . n 
H 2 10  ILE 10  10  10  ILE ILE D . n 
H 2 11  GLU 11  11  11  GLU GLU D . n 
H 2 12  LYS 12  12  12  LYS LYS D . n 
H 2 13  GLN 13  13  13  GLN GLN D . n 
H 2 14  PRO 14  14  14  PRO PRO D . n 
H 2 15  PRO 15  15  15  PRO PRO D . n 
H 2 16  LEU 16  16  16  LEU LEU D . n 
H 2 17  VAL 17  17  17  VAL VAL D . n 
H 2 18  LEU 18  18  18  LEU LEU D . n 
H 2 19  ILE 19  19  19  ILE ILE D . n 
H 2 20  GLU 20  20  20  GLU GLU D . n 
H 2 21  VAL 21  21  21  VAL VAL D . n 
H 2 22  GLY 22  22  22  GLY GLY D . n 
H 2 23  GLY 23  23  23  GLY GLY D . n 
H 2 24  VAL 24  24  24  VAL VAL D . n 
H 2 25  GLY 25  25  25  GLY GLY D . n 
H 2 26  TYR 26  26  26  TYR TYR D . n 
H 2 27  GLU 27  27  27  GLU GLU D . n 
H 2 28  VAL 28  28  28  VAL VAL D . n 
H 2 29  HIS 29  29  29  HIS HIS D . n 
H 2 30  MET 30  30  30  MET MET D . n 
H 2 31  PRO 31  31  31  PRO PRO D . n 
H 2 32  MET 32  32  32  MET MET D . n 
H 2 33  THR 33  33  33  THR THR D . n 
H 2 34  CYS 34  34  34  CYS CYS D . n 
H 2 35  PHE 35  35  35  PHE PHE D . n 
H 2 36  TYR 36  36  36  TYR TYR D . n 
H 2 37  GLU 37  37  37  GLU GLU D . n 
H 2 38  LEU 38  38  38  LEU LEU D . n 
H 2 39  PRO 39  39  39  PRO PRO D . n 
H 2 40  GLU 40  40  40  GLU GLU D . n 
H 2 41  ALA 41  41  41  ALA ALA D . n 
H 2 42  GLY 42  42  42  GLY GLY D . n 
H 2 43  GLN 43  43  43  GLN GLN D . n 
H 2 44  GLU 44  44  44  GLU GLU D . n 
H 2 45  ALA 45  45  45  ALA ALA D . n 
H 2 46  ILE 46  46  46  ILE ILE D . n 
H 2 47  VAL 47  47  47  VAL VAL D . n 
H 2 48  PHE 48  48  48  PHE PHE D . n 
H 2 49  THR 49  49  49  THR THR D . n 
H 2 50  HIS 50  50  50  HIS HIS D . n 
H 2 51  PHE 51  51  51  PHE PHE D . n 
H 2 52  VAL 52  52  52  VAL VAL D . n 
H 2 53  VAL 53  53  53  VAL VAL D . n 
H 2 54  ARG 54  54  54  ARG ARG D . n 
H 2 55  GLU 55  55  55  GLU GLU D . n 
H 2 56  ASP 56  56  56  ASP ASP D . n 
H 2 57  ALA 57  57  57  ALA ALA D . n 
H 2 58  GLN 58  58  58  GLN GLN D . n 
H 2 59  LEU 59  59  59  LEU LEU D . n 
H 2 60  LEU 60  60  60  LEU LEU D . n 
H 2 61  TYR 61  61  61  TYR TYR D . n 
H 2 62  GLY 62  62  62  GLY GLY D . n 
H 2 63  PHE 63  63  63  PHE PHE D . n 
H 2 64  ASN 64  64  64  ASN ASN D . n 
H 2 65  ASN 65  65  65  ASN ASN D . n 
H 2 66  LYS 66  66  66  LYS LYS D . n 
H 2 67  GLN 67  67  67  GLN GLN D . n 
H 2 68  GLU 68  68  68  GLU GLU D . n 
H 2 69  ARG 69  69  69  ARG ARG D . n 
H 2 70  THR 70  70  70  THR THR D . n 
H 2 71  LEU 71  71  71  LEU LEU D . n 
H 2 72  PHE 72  72  72  PHE PHE D . n 
H 2 73  LYS 73  73  73  LYS LYS D . n 
H 2 74  GLU 74  74  74  GLU GLU D . n 
H 2 75  LEU 75  75  75  LEU LEU D . n 
H 2 76  ILE 76  76  76  ILE ILE D . n 
H 2 77  LYS 77  77  77  LYS LYS D . n 
H 2 78  THR 78  78  78  THR THR D . n 
H 2 79  ASN 79  79  79  ASN ASN D . n 
H 2 80  GLY 80  80  80  GLY GLY D . n 
H 2 81  VAL 81  81  81  VAL VAL D . n 
H 2 82  GLY 82  82  82  GLY GLY D . n 
H 2 83  PRO 83  83  83  PRO PRO D . n 
H 2 84  LYS 84  84  84  LYS LYS D . n 
H 2 85  LEU 85  85  85  LEU LEU D . n 
H 2 86  ALA 86  86  86  ALA ALA D . n 
H 2 87  LEU 87  87  87  LEU LEU D . n 
H 2 88  ALA 88  88  88  ALA ALA D . n 
H 2 89  ILE 89  89  89  ILE ILE D . n 
H 2 90  LEU 90  90  90  LEU LEU D . n 
H 2 91  SER 91  91  91  SER SER D . n 
H 2 92  GLY 92  92  92  GLY GLY D . n 
H 2 93  MET 93  93  93  MET MET D . n 
H 2 94  SER 94  94  94  SER SER D . n 
H 2 95  ALA 95  95  95  ALA ALA D . n 
H 2 96  GLN 96  96  96  GLN GLN D . n 
H 2 97  GLN 97  97  97  GLN GLN D . n 
H 2 98  PHE 98  98  98  PHE PHE D . n 
H 2 99  VAL 99  99  99  VAL VAL D . n 
H 2 100 ASN 100 100 100 ASN ASN D . n 
H 2 101 ALA 101 101 101 ALA ALA D . n 
H 2 102 VAL 102 102 102 VAL VAL D . n 
H 2 103 GLU 103 103 103 GLU GLU D . n 
H 2 104 ARG 104 104 104 ARG ARG D . n 
H 2 105 GLU 105 105 105 GLU GLU D . n 
H 2 106 GLU 106 106 106 GLU GLU D . n 
H 2 107 VAL 107 107 107 VAL VAL D . n 
H 2 108 GLY 108 108 108 GLY GLY D . n 
H 2 109 ALA 109 109 109 ALA ALA D . n 
H 2 110 LEU 110 110 110 LEU LEU D . n 
H 2 111 VAL 111 111 111 VAL VAL D . n 
H 2 112 LYS 112 112 112 LYS LYS D . n 
H 2 113 LEU 113 113 113 LEU LEU D . n 
H 2 114 PRO 114 114 114 PRO PRO D . n 
H 2 115 GLY 115 115 115 GLY GLY D . n 
H 2 116 ILE 116 116 116 ILE ILE D . n 
H 2 117 GLY 117 117 117 GLY GLY D . n 
H 2 118 LYS 118 118 118 LYS LYS D . n 
H 2 119 LYS 119 119 119 LYS LYS D . n 
H 2 120 THR 120 120 120 THR THR D . n 
H 2 121 ALA 121 121 121 ALA ALA D . n 
H 2 122 GLU 122 122 122 GLU GLU D . n 
H 2 123 ARG 123 123 123 ARG ARG D . n 
H 2 124 LEU 124 124 124 LEU LEU D . n 
H 2 125 ILE 125 125 125 ILE ILE D . n 
H 2 126 VAL 126 126 126 VAL VAL D . n 
H 2 127 GLU 127 127 127 GLU GLU D . n 
H 2 128 MET 128 128 128 MET MET D . n 
H 2 129 LYS 129 129 129 LYS LYS D . n 
H 2 130 ASP 130 130 130 ASP ASP D . n 
H 2 131 ARG 131 131 131 ARG ARG D . n 
H 2 132 PHE 132 132 132 PHE PHE D . n 
H 2 133 LYS 133 133 133 LYS LYS D . n 
H 2 134 GLY 134 134 134 GLY GLY D . n 
H 2 135 LEU 135 135 135 LEU LEU D . n 
H 2 136 HIS 136 136 136 HIS HIS D . n 
H 2 137 GLY 137 137 137 GLY GLY D . n 
H 2 138 ASP 138 138 138 ASP ASP D . n 
H 2 139 LEU 139 139 139 LEU LEU D . n 
H 2 140 PHE 140 140 140 PHE PHE D . n 
H 2 141 THR 141 141 141 THR THR D . n 
H 2 142 PRO 142 142 142 PRO PRO D . n 
H 2 143 ALA 143 143 ?   ?   ?   D . n 
H 2 144 ALA 144 144 ?   ?   ?   D . n 
H 2 145 ASP 145 145 ?   ?   ?   D . n 
H 2 146 LEU 146 146 ?   ?   ?   D . n 
H 2 147 VAL 147 147 ?   ?   ?   D . n 
H 2 148 LEU 148 148 ?   ?   ?   D . n 
H 2 149 THR 149 149 ?   ?   ?   D . n 
H 2 150 SER 150 150 ?   ?   ?   D . n 
H 2 151 PRO 151 151 ?   ?   ?   D . n 
H 2 152 ALA 152 152 ?   ?   ?   D . n 
H 2 153 SER 153 153 ?   ?   ?   D . n 
H 2 154 PRO 154 154 ?   ?   ?   D . n 
H 2 155 ALA 155 155 ?   ?   ?   D . n 
H 2 156 THR 156 156 156 THR THR D . n 
H 2 157 ASP 157 157 157 ASP ASP D . n 
H 2 158 ASP 158 158 158 ASP ASP D . n 
H 2 159 ALA 159 159 159 ALA ALA D . n 
H 2 160 GLU 160 160 160 GLU GLU D . n 
H 2 161 GLN 161 161 161 GLN GLN D . n 
H 2 162 GLU 162 162 162 GLU GLU D . n 
H 2 163 ALA 163 163 163 ALA ALA D . n 
H 2 164 VAL 164 164 164 VAL VAL D . n 
H 2 165 ALA 165 165 165 ALA ALA D . n 
H 2 166 ALA 166 166 166 ALA ALA D . n 
H 2 167 LEU 167 167 167 LEU LEU D . n 
H 2 168 VAL 168 168 168 VAL VAL D . n 
H 2 169 ALA 169 169 169 ALA ALA D . n 
H 2 170 LEU 170 170 170 LEU LEU D . n 
H 2 171 GLY 171 171 171 GLY GLY D . n 
H 2 172 TYR 172 172 172 TYR TYR D . n 
H 2 173 LYS 173 173 173 LYS LYS D . n 
H 2 174 PRO 174 174 174 PRO PRO D . n 
H 2 175 GLN 175 175 175 GLN GLN D . n 
H 2 176 GLU 176 176 176 GLU GLU D . n 
H 2 177 ALA 177 177 177 ALA ALA D . n 
H 2 178 SER 178 178 178 SER SER D . n 
H 2 179 ARG 179 179 179 ARG ARG D . n 
H 2 180 MET 180 180 180 MET MET D . n 
H 2 181 VAL 181 181 181 VAL VAL D . n 
H 2 182 SER 182 182 182 SER SER D . n 
H 2 183 LYS 183 183 183 LYS LYS D . n 
H 2 184 ILE 184 184 184 ILE ILE D . n 
H 2 185 ALA 185 185 185 ALA ALA D . n 
H 2 186 ARG 186 186 186 ARG ARG D . n 
H 2 187 PRO 187 187 187 PRO PRO D . n 
H 2 188 ASP 188 188 188 ASP ASP D . n 
H 2 189 ALA 189 189 189 ALA ALA D . n 
H 2 190 SER 190 190 190 SER SER D . n 
H 2 191 SER 191 191 191 SER SER D . n 
H 2 192 GLU 192 192 192 GLU GLU D . n 
H 2 193 THR 193 193 193 THR THR D . n 
H 2 194 LEU 194 194 194 LEU LEU D . n 
H 2 195 ILE 195 195 195 ILE ILE D . n 
H 2 196 ARG 196 196 196 ARG ARG D . n 
H 2 197 GLU 197 197 197 GLU GLU D . n 
H 2 198 ALA 198 198 198 ALA ALA D . n 
H 2 199 LEU 199 199 199 LEU LEU D . n 
H 2 200 ARG 200 200 200 ARG ARG D . n 
H 2 201 ALA 201 201 201 ALA ALA D . n 
H 2 202 ALA 202 202 202 ALA ALA D . n 
H 2 203 LEU 203 203 203 LEU LEU D . n 
# 
_pdbx_struct_assembly.id                   1 
_pdbx_struct_assembly.details              author_defined_assembly 
_pdbx_struct_assembly.method_details       ? 
_pdbx_struct_assembly.oligomeric_details   octameric 
_pdbx_struct_assembly.oligomeric_count     8 
# 
_pdbx_struct_assembly_gen.assembly_id       1 
_pdbx_struct_assembly_gen.oper_expression   1 
_pdbx_struct_assembly_gen.asym_id_list      A,B,C,D,E,F,G,H 
# 
_pdbx_struct_oper_list.id                   1 
_pdbx_struct_oper_list.type                 'identity operation' 
_pdbx_struct_oper_list.name                 1_555 
_pdbx_struct_oper_list.symmetry_operation   x,y,z 
_pdbx_struct_oper_list.matrix[1][1]         1.0000000000 
_pdbx_struct_oper_list.matrix[1][2]         0.0000000000 
_pdbx_struct_oper_list.matrix[1][3]         0.0000000000 
_pdbx_struct_oper_list.vector[1]            0.0000000000 
_pdbx_struct_oper_list.matrix[2][1]         0.0000000000 
_pdbx_struct_oper_list.matrix[2][2]         1.0000000000 
_pdbx_struct_oper_list.matrix[2][3]         0.0000000000 
_pdbx_struct_oper_list.vector[2]            0.0000000000 
_pdbx_struct_oper_list.matrix[3][1]         0.0000000000 
_pdbx_struct_oper_list.matrix[3][2]         0.0000000000 
_pdbx_struct_oper_list.matrix[3][3]         1.0000000000 
_pdbx_struct_oper_list.vector[3]            0.0000000000 
# 
loop_
_pdbx_audit_revision_history.ordinal 
_pdbx_audit_revision_history.data_content_type 
_pdbx_audit_revision_history.major_revision 
_pdbx_audit_revision_history.minor_revision 
_pdbx_audit_revision_history.revision_date 
1 'Structure model' 1 0 1999-11-24 
2 'Structure model' 1 1 2008-05-22 
3 'Structure model' 1 2 2011-07-13 
4 'Structure model' 1 3 2017-11-22 
5 'Structure model' 1 4 2023-08-09 
# 
_pdbx_audit_revision_details.ordinal             1 
_pdbx_audit_revision_details.revision_ordinal    1 
_pdbx_audit_revision_details.data_content_type   'Structure model' 
_pdbx_audit_revision_details.provider            repository 
_pdbx_audit_revision_details.type                'Initial release' 
_pdbx_audit_revision_details.description         ? 
_pdbx_audit_revision_details.details             ? 
# 
loop_
_pdbx_audit_revision_group.ordinal 
_pdbx_audit_revision_group.revision_ordinal 
_pdbx_audit_revision_group.data_content_type 
_pdbx_audit_revision_group.group 
1 2 'Structure model' 'Version format compliance' 
2 3 'Structure model' 'Version format compliance' 
3 4 'Structure model' 'Refinement description'    
4 5 'Structure model' 'Data collection'           
5 5 'Structure model' 'Database references'       
6 5 'Structure model' 'Refinement description'    
# 
loop_
_pdbx_audit_revision_category.ordinal 
_pdbx_audit_revision_category.revision_ordinal 
_pdbx_audit_revision_category.data_content_type 
_pdbx_audit_revision_category.category 
1 4 'Structure model' software                      
2 5 'Structure model' chem_comp_atom                
3 5 'Structure model' chem_comp_bond                
4 5 'Structure model' database_2                    
5 5 'Structure model' pdbx_initial_refinement_model 
# 
loop_
_pdbx_audit_revision_item.ordinal 
_pdbx_audit_revision_item.revision_ordinal 
_pdbx_audit_revision_item.data_content_type 
_pdbx_audit_revision_item.item 
1 4 'Structure model' '_software.name'                      
2 5 'Structure model' '_database_2.pdbx_DOI'                
3 5 'Structure model' '_database_2.pdbx_database_accession' 
# 
loop_
_software.name 
_software.classification 
_software.version 
_software.citation_id 
_software.pdbx_ordinal 
CCP4     'model building' .           ? 1 
MLPHARE  phasing          .           ? 2 
O        'model building' .           ? 3 
DENZO    'data reduction' .           ? 4 
CCP4     'data scaling'   '(AGROVATA' ? 5 
ROTAVATA 'data scaling'   .           ? 6 
CCP4     phasing          .           ? 7 
TFFC     phasing          .           ? 8 
# 
loop_
_pdbx_unobs_or_zero_occ_residues.id 
_pdbx_unobs_or_zero_occ_residues.PDB_model_num 
_pdbx_unobs_or_zero_occ_residues.polymer_flag 
_pdbx_unobs_or_zero_occ_residues.occupancy_flag 
_pdbx_unobs_or_zero_occ_residues.auth_asym_id 
_pdbx_unobs_or_zero_occ_residues.auth_comp_id 
_pdbx_unobs_or_zero_occ_residues.auth_seq_id 
_pdbx_unobs_or_zero_occ_residues.PDB_ins_code 
_pdbx_unobs_or_zero_occ_residues.label_asym_id 
_pdbx_unobs_or_zero_occ_residues.label_comp_id 
_pdbx_unobs_or_zero_occ_residues.label_seq_id 
1  1 Y 1 A ALA 143 ? E ALA 143 
2  1 Y 1 A ALA 144 ? E ALA 144 
3  1 Y 1 A ASP 145 ? E ASP 145 
4  1 Y 1 A LEU 146 ? E LEU 146 
5  1 Y 1 A VAL 147 ? E VAL 147 
6  1 Y 1 A LEU 148 ? E LEU 148 
7  1 Y 1 A THR 149 ? E THR 149 
8  1 Y 1 A SER 150 ? E SER 150 
9  1 Y 1 A PRO 151 ? E PRO 151 
10 1 Y 1 A ALA 152 ? E ALA 152 
11 1 Y 1 A SER 153 ? E SER 153 
12 1 Y 1 A PRO 154 ? E PRO 154 
13 1 Y 1 A ALA 155 ? E ALA 155 
14 1 Y 1 B ALA 143 ? F ALA 143 
15 1 Y 1 B ALA 144 ? F ALA 144 
16 1 Y 1 B ASP 145 ? F ASP 145 
17 1 Y 1 B LEU 146 ? F LEU 146 
18 1 Y 1 B VAL 147 ? F VAL 147 
19 1 Y 1 B LEU 148 ? F LEU 148 
20 1 Y 1 B THR 149 ? F THR 149 
21 1 Y 1 B SER 150 ? F SER 150 
22 1 Y 1 B PRO 151 ? F PRO 151 
23 1 Y 1 B ALA 152 ? F ALA 152 
24 1 Y 1 B SER 153 ? F SER 153 
25 1 Y 1 B PRO 154 ? F PRO 154 
26 1 Y 1 B ALA 155 ? F ALA 155 
27 1 Y 1 C ALA 143 ? G ALA 143 
28 1 Y 1 C ALA 144 ? G ALA 144 
29 1 Y 1 C ASP 145 ? G ASP 145 
30 1 Y 1 C LEU 146 ? G LEU 146 
31 1 Y 1 C VAL 147 ? G VAL 147 
32 1 Y 1 C LEU 148 ? G LEU 148 
33 1 Y 1 C THR 149 ? G THR 149 
34 1 Y 1 C SER 150 ? G SER 150 
35 1 Y 1 C PRO 151 ? G PRO 151 
36 1 Y 1 C ALA 152 ? G ALA 152 
37 1 Y 1 C SER 153 ? G SER 153 
38 1 Y 1 C PRO 154 ? G PRO 154 
39 1 Y 1 C ALA 155 ? G ALA 155 
40 1 Y 1 D ALA 143 ? H ALA 143 
41 1 Y 1 D ALA 144 ? H ALA 144 
42 1 Y 1 D ASP 145 ? H ASP 145 
43 1 Y 1 D LEU 146 ? H LEU 146 
44 1 Y 1 D VAL 147 ? H VAL 147 
45 1 Y 1 D LEU 148 ? H LEU 148 
46 1 Y 1 D THR 149 ? H THR 149 
47 1 Y 1 D SER 150 ? H SER 150 
48 1 Y 1 D PRO 151 ? H PRO 151 
49 1 Y 1 D ALA 152 ? H ALA 152 
50 1 Y 1 D SER 153 ? H SER 153 
51 1 Y 1 D PRO 154 ? H PRO 154 
52 1 Y 1 D ALA 155 ? H ALA 155 
# 
loop_
_chem_comp_atom.comp_id 
_chem_comp_atom.atom_id 
_chem_comp_atom.type_symbol 
_chem_comp_atom.pdbx_aromatic_flag 
_chem_comp_atom.pdbx_stereo_config 
_chem_comp_atom.pdbx_ordinal 
ALA N      N N N 1   
ALA CA     C N S 2   
ALA C      C N N 3   
ALA O      O N N 4   
ALA CB     C N N 5   
ALA OXT    O N N 6   
ALA H      H N N 7   
ALA H2     H N N 8   
ALA HA     H N N 9   
ALA HB1    H N N 10  
ALA HB2    H N N 11  
ALA HB3    H N N 12  
ALA HXT    H N N 13  
ARG N      N N N 14  
ARG CA     C N S 15  
ARG C      C N N 16  
ARG O      O N N 17  
ARG CB     C N N 18  
ARG CG     C N N 19  
ARG CD     C N N 20  
ARG NE     N N N 21  
ARG CZ     C N N 22  
ARG NH1    N N N 23  
ARG NH2    N N N 24  
ARG OXT    O N N 25  
ARG H      H N N 26  
ARG H2     H N N 27  
ARG HA     H N N 28  
ARG HB2    H N N 29  
ARG HB3    H N N 30  
ARG HG2    H N N 31  
ARG HG3    H N N 32  
ARG HD2    H N N 33  
ARG HD3    H N N 34  
ARG HE     H N N 35  
ARG HH11   H N N 36  
ARG HH12   H N N 37  
ARG HH21   H N N 38  
ARG HH22   H N N 39  
ARG HXT    H N N 40  
ASN N      N N N 41  
ASN CA     C N S 42  
ASN C      C N N 43  
ASN O      O N N 44  
ASN CB     C N N 45  
ASN CG     C N N 46  
ASN OD1    O N N 47  
ASN ND2    N N N 48  
ASN OXT    O N N 49  
ASN H      H N N 50  
ASN H2     H N N 51  
ASN HA     H N N 52  
ASN HB2    H N N 53  
ASN HB3    H N N 54  
ASN HD21   H N N 55  
ASN HD22   H N N 56  
ASN HXT    H N N 57  
ASP N      N N N 58  
ASP CA     C N S 59  
ASP C      C N N 60  
ASP O      O N N 61  
ASP CB     C N N 62  
ASP CG     C N N 63  
ASP OD1    O N N 64  
ASP OD2    O N N 65  
ASP OXT    O N N 66  
ASP H      H N N 67  
ASP H2     H N N 68  
ASP HA     H N N 69  
ASP HB2    H N N 70  
ASP HB3    H N N 71  
ASP HD2    H N N 72  
ASP HXT    H N N 73  
CYS N      N N N 74  
CYS CA     C N R 75  
CYS C      C N N 76  
CYS O      O N N 77  
CYS CB     C N N 78  
CYS SG     S N N 79  
CYS OXT    O N N 80  
CYS H      H N N 81  
CYS H2     H N N 82  
CYS HA     H N N 83  
CYS HB2    H N N 84  
CYS HB3    H N N 85  
CYS HG     H N N 86  
CYS HXT    H N N 87  
DA  OP3    O N N 88  
DA  P      P N N 89  
DA  OP1    O N N 90  
DA  OP2    O N N 91  
DA  "O5'"  O N N 92  
DA  "C5'"  C N N 93  
DA  "C4'"  C N R 94  
DA  "O4'"  O N N 95  
DA  "C3'"  C N S 96  
DA  "O3'"  O N N 97  
DA  "C2'"  C N N 98  
DA  "C1'"  C N R 99  
DA  N9     N Y N 100 
DA  C8     C Y N 101 
DA  N7     N Y N 102 
DA  C5     C Y N 103 
DA  C6     C Y N 104 
DA  N6     N N N 105 
DA  N1     N Y N 106 
DA  C2     C Y N 107 
DA  N3     N Y N 108 
DA  C4     C Y N 109 
DA  HOP3   H N N 110 
DA  HOP2   H N N 111 
DA  "H5'"  H N N 112 
DA  "H5''" H N N 113 
DA  "H4'"  H N N 114 
DA  "H3'"  H N N 115 
DA  "HO3'" H N N 116 
DA  "H2'"  H N N 117 
DA  "H2''" H N N 118 
DA  "H1'"  H N N 119 
DA  H8     H N N 120 
DA  H61    H N N 121 
DA  H62    H N N 122 
DA  H2     H N N 123 
DC  OP3    O N N 124 
DC  P      P N N 125 
DC  OP1    O N N 126 
DC  OP2    O N N 127 
DC  "O5'"  O N N 128 
DC  "C5'"  C N N 129 
DC  "C4'"  C N R 130 
DC  "O4'"  O N N 131 
DC  "C3'"  C N S 132 
DC  "O3'"  O N N 133 
DC  "C2'"  C N N 134 
DC  "C1'"  C N R 135 
DC  N1     N N N 136 
DC  C2     C N N 137 
DC  O2     O N N 138 
DC  N3     N N N 139 
DC  C4     C N N 140 
DC  N4     N N N 141 
DC  C5     C N N 142 
DC  C6     C N N 143 
DC  HOP3   H N N 144 
DC  HOP2   H N N 145 
DC  "H5'"  H N N 146 
DC  "H5''" H N N 147 
DC  "H4'"  H N N 148 
DC  "H3'"  H N N 149 
DC  "HO3'" H N N 150 
DC  "H2'"  H N N 151 
DC  "H2''" H N N 152 
DC  "H1'"  H N N 153 
DC  H41    H N N 154 
DC  H42    H N N 155 
DC  H5     H N N 156 
DC  H6     H N N 157 
DG  OP3    O N N 158 
DG  P      P N N 159 
DG  OP1    O N N 160 
DG  OP2    O N N 161 
DG  "O5'"  O N N 162 
DG  "C5'"  C N N 163 
DG  "C4'"  C N R 164 
DG  "O4'"  O N N 165 
DG  "C3'"  C N S 166 
DG  "O3'"  O N N 167 
DG  "C2'"  C N N 168 
DG  "C1'"  C N R 169 
DG  N9     N Y N 170 
DG  C8     C Y N 171 
DG  N7     N Y N 172 
DG  C5     C Y N 173 
DG  C6     C N N 174 
DG  O6     O N N 175 
DG  N1     N N N 176 
DG  C2     C N N 177 
DG  N2     N N N 178 
DG  N3     N N N 179 
DG  C4     C Y N 180 
DG  HOP3   H N N 181 
DG  HOP2   H N N 182 
DG  "H5'"  H N N 183 
DG  "H5''" H N N 184 
DG  "H4'"  H N N 185 
DG  "H3'"  H N N 186 
DG  "HO3'" H N N 187 
DG  "H2'"  H N N 188 
DG  "H2''" H N N 189 
DG  "H1'"  H N N 190 
DG  H8     H N N 191 
DG  H1     H N N 192 
DG  H21    H N N 193 
DG  H22    H N N 194 
DT  OP3    O N N 195 
DT  P      P N N 196 
DT  OP1    O N N 197 
DT  OP2    O N N 198 
DT  "O5'"  O N N 199 
DT  "C5'"  C N N 200 
DT  "C4'"  C N R 201 
DT  "O4'"  O N N 202 
DT  "C3'"  C N S 203 
DT  "O3'"  O N N 204 
DT  "C2'"  C N N 205 
DT  "C1'"  C N R 206 
DT  N1     N N N 207 
DT  C2     C N N 208 
DT  O2     O N N 209 
DT  N3     N N N 210 
DT  C4     C N N 211 
DT  O4     O N N 212 
DT  C5     C N N 213 
DT  C7     C N N 214 
DT  C6     C N N 215 
DT  HOP3   H N N 216 
DT  HOP2   H N N 217 
DT  "H5'"  H N N 218 
DT  "H5''" H N N 219 
DT  "H4'"  H N N 220 
DT  "H3'"  H N N 221 
DT  "HO3'" H N N 222 
DT  "H2'"  H N N 223 
DT  "H2''" H N N 224 
DT  "H1'"  H N N 225 
DT  H3     H N N 226 
DT  H71    H N N 227 
DT  H72    H N N 228 
DT  H73    H N N 229 
DT  H6     H N N 230 
GLN N      N N N 231 
GLN CA     C N S 232 
GLN C      C N N 233 
GLN O      O N N 234 
GLN CB     C N N 235 
GLN CG     C N N 236 
GLN CD     C N N 237 
GLN OE1    O N N 238 
GLN NE2    N N N 239 
GLN OXT    O N N 240 
GLN H      H N N 241 
GLN H2     H N N 242 
GLN HA     H N N 243 
GLN HB2    H N N 244 
GLN HB3    H N N 245 
GLN HG2    H N N 246 
GLN HG3    H N N 247 
GLN HE21   H N N 248 
GLN HE22   H N N 249 
GLN HXT    H N N 250 
GLU N      N N N 251 
GLU CA     C N S 252 
GLU C      C N N 253 
GLU O      O N N 254 
GLU CB     C N N 255 
GLU CG     C N N 256 
GLU CD     C N N 257 
GLU OE1    O N N 258 
GLU OE2    O N N 259 
GLU OXT    O N N 260 
GLU H      H N N 261 
GLU H2     H N N 262 
GLU HA     H N N 263 
GLU HB2    H N N 264 
GLU HB3    H N N 265 
GLU HG2    H N N 266 
GLU HG3    H N N 267 
GLU HE2    H N N 268 
GLU HXT    H N N 269 
GLY N      N N N 270 
GLY CA     C N N 271 
GLY C      C N N 272 
GLY O      O N N 273 
GLY OXT    O N N 274 
GLY H      H N N 275 
GLY H2     H N N 276 
GLY HA2    H N N 277 
GLY HA3    H N N 278 
GLY HXT    H N N 279 
HIS N      N N N 280 
HIS CA     C N S 281 
HIS C      C N N 282 
HIS O      O N N 283 
HIS CB     C N N 284 
HIS CG     C Y N 285 
HIS ND1    N Y N 286 
HIS CD2    C Y N 287 
HIS CE1    C Y N 288 
HIS NE2    N Y N 289 
HIS OXT    O N N 290 
HIS H      H N N 291 
HIS H2     H N N 292 
HIS HA     H N N 293 
HIS HB2    H N N 294 
HIS HB3    H N N 295 
HIS HD1    H N N 296 
HIS HD2    H N N 297 
HIS HE1    H N N 298 
HIS HE2    H N N 299 
HIS HXT    H N N 300 
ILE N      N N N 301 
ILE CA     C N S 302 
ILE C      C N N 303 
ILE O      O N N 304 
ILE CB     C N S 305 
ILE CG1    C N N 306 
ILE CG2    C N N 307 
ILE CD1    C N N 308 
ILE OXT    O N N 309 
ILE H      H N N 310 
ILE H2     H N N 311 
ILE HA     H N N 312 
ILE HB     H N N 313 
ILE HG12   H N N 314 
ILE HG13   H N N 315 
ILE HG21   H N N 316 
ILE HG22   H N N 317 
ILE HG23   H N N 318 
ILE HD11   H N N 319 
ILE HD12   H N N 320 
ILE HD13   H N N 321 
ILE HXT    H N N 322 
LEU N      N N N 323 
LEU CA     C N S 324 
LEU C      C N N 325 
LEU O      O N N 326 
LEU CB     C N N 327 
LEU CG     C N N 328 
LEU CD1    C N N 329 
LEU CD2    C N N 330 
LEU OXT    O N N 331 
LEU H      H N N 332 
LEU H2     H N N 333 
LEU HA     H N N 334 
LEU HB2    H N N 335 
LEU HB3    H N N 336 
LEU HG     H N N 337 
LEU HD11   H N N 338 
LEU HD12   H N N 339 
LEU HD13   H N N 340 
LEU HD21   H N N 341 
LEU HD22   H N N 342 
LEU HD23   H N N 343 
LEU HXT    H N N 344 
LYS N      N N N 345 
LYS CA     C N S 346 
LYS C      C N N 347 
LYS O      O N N 348 
LYS CB     C N N 349 
LYS CG     C N N 350 
LYS CD     C N N 351 
LYS CE     C N N 352 
LYS NZ     N N N 353 
LYS OXT    O N N 354 
LYS H      H N N 355 
LYS H2     H N N 356 
LYS HA     H N N 357 
LYS HB2    H N N 358 
LYS HB3    H N N 359 
LYS HG2    H N N 360 
LYS HG3    H N N 361 
LYS HD2    H N N 362 
LYS HD3    H N N 363 
LYS HE2    H N N 364 
LYS HE3    H N N 365 
LYS HZ1    H N N 366 
LYS HZ2    H N N 367 
LYS HZ3    H N N 368 
LYS HXT    H N N 369 
MET N      N N N 370 
MET CA     C N S 371 
MET C      C N N 372 
MET O      O N N 373 
MET CB     C N N 374 
MET CG     C N N 375 
MET SD     S N N 376 
MET CE     C N N 377 
MET OXT    O N N 378 
MET H      H N N 379 
MET H2     H N N 380 
MET HA     H N N 381 
MET HB2    H N N 382 
MET HB3    H N N 383 
MET HG2    H N N 384 
MET HG3    H N N 385 
MET HE1    H N N 386 
MET HE2    H N N 387 
MET HE3    H N N 388 
MET HXT    H N N 389 
PHE N      N N N 390 
PHE CA     C N S 391 
PHE C      C N N 392 
PHE O      O N N 393 
PHE CB     C N N 394 
PHE CG     C Y N 395 
PHE CD1    C Y N 396 
PHE CD2    C Y N 397 
PHE CE1    C Y N 398 
PHE CE2    C Y N 399 
PHE CZ     C Y N 400 
PHE OXT    O N N 401 
PHE H      H N N 402 
PHE H2     H N N 403 
PHE HA     H N N 404 
PHE HB2    H N N 405 
PHE HB3    H N N 406 
PHE HD1    H N N 407 
PHE HD2    H N N 408 
PHE HE1    H N N 409 
PHE HE2    H N N 410 
PHE HZ     H N N 411 
PHE HXT    H N N 412 
PRO N      N N N 413 
PRO CA     C N S 414 
PRO C      C N N 415 
PRO O      O N N 416 
PRO CB     C N N 417 
PRO CG     C N N 418 
PRO CD     C N N 419 
PRO OXT    O N N 420 
PRO H      H N N 421 
PRO HA     H N N 422 
PRO HB2    H N N 423 
PRO HB3    H N N 424 
PRO HG2    H N N 425 
PRO HG3    H N N 426 
PRO HD2    H N N 427 
PRO HD3    H N N 428 
PRO HXT    H N N 429 
SER N      N N N 430 
SER CA     C N S 431 
SER C      C N N 432 
SER O      O N N 433 
SER CB     C N N 434 
SER OG     O N N 435 
SER OXT    O N N 436 
SER H      H N N 437 
SER H2     H N N 438 
SER HA     H N N 439 
SER HB2    H N N 440 
SER HB3    H N N 441 
SER HG     H N N 442 
SER HXT    H N N 443 
THR N      N N N 444 
THR CA     C N S 445 
THR C      C N N 446 
THR O      O N N 447 
THR CB     C N R 448 
THR OG1    O N N 449 
THR CG2    C N N 450 
THR OXT    O N N 451 
THR H      H N N 452 
THR H2     H N N 453 
THR HA     H N N 454 
THR HB     H N N 455 
THR HG1    H N N 456 
THR HG21   H N N 457 
THR HG22   H N N 458 
THR HG23   H N N 459 
THR HXT    H N N 460 
TYR N      N N N 461 
TYR CA     C N S 462 
TYR C      C N N 463 
TYR O      O N N 464 
TYR CB     C N N 465 
TYR CG     C Y N 466 
TYR CD1    C Y N 467 
TYR CD2    C Y N 468 
TYR CE1    C Y N 469 
TYR CE2    C Y N 470 
TYR CZ     C Y N 471 
TYR OH     O N N 472 
TYR OXT    O N N 473 
TYR H      H N N 474 
TYR H2     H N N 475 
TYR HA     H N N 476 
TYR HB2    H N N 477 
TYR HB3    H N N 478 
TYR HD1    H N N 479 
TYR HD2    H N N 480 
TYR HE1    H N N 481 
TYR HE2    H N N 482 
TYR HH     H N N 483 
TYR HXT    H N N 484 
VAL N      N N N 485 
VAL CA     C N S 486 
VAL C      C N N 487 
VAL O      O N N 488 
VAL CB     C N N 489 
VAL CG1    C N N 490 
VAL CG2    C N N 491 
VAL OXT    O N N 492 
VAL H      H N N 493 
VAL H2     H N N 494 
VAL HA     H N N 495 
VAL HB     H N N 496 
VAL HG11   H N N 497 
VAL HG12   H N N 498 
VAL HG13   H N N 499 
VAL HG21   H N N 500 
VAL HG22   H N N 501 
VAL HG23   H N N 502 
VAL HXT    H N N 503 
# 
loop_
_chem_comp_bond.comp_id 
_chem_comp_bond.atom_id_1 
_chem_comp_bond.atom_id_2 
_chem_comp_bond.value_order 
_chem_comp_bond.pdbx_aromatic_flag 
_chem_comp_bond.pdbx_stereo_config 
_chem_comp_bond.pdbx_ordinal 
ALA N     CA     sing N N 1   
ALA N     H      sing N N 2   
ALA N     H2     sing N N 3   
ALA CA    C      sing N N 4   
ALA CA    CB     sing N N 5   
ALA CA    HA     sing N N 6   
ALA C     O      doub N N 7   
ALA C     OXT    sing N N 8   
ALA CB    HB1    sing N N 9   
ALA CB    HB2    sing N N 10  
ALA CB    HB3    sing N N 11  
ALA OXT   HXT    sing N N 12  
ARG N     CA     sing N N 13  
ARG N     H      sing N N 14  
ARG N     H2     sing N N 15  
ARG CA    C      sing N N 16  
ARG CA    CB     sing N N 17  
ARG CA    HA     sing N N 18  
ARG C     O      doub N N 19  
ARG C     OXT    sing N N 20  
ARG CB    CG     sing N N 21  
ARG CB    HB2    sing N N 22  
ARG CB    HB3    sing N N 23  
ARG CG    CD     sing N N 24  
ARG CG    HG2    sing N N 25  
ARG CG    HG3    sing N N 26  
ARG CD    NE     sing N N 27  
ARG CD    HD2    sing N N 28  
ARG CD    HD3    sing N N 29  
ARG NE    CZ     sing N N 30  
ARG NE    HE     sing N N 31  
ARG CZ    NH1    sing N N 32  
ARG CZ    NH2    doub N N 33  
ARG NH1   HH11   sing N N 34  
ARG NH1   HH12   sing N N 35  
ARG NH2   HH21   sing N N 36  
ARG NH2   HH22   sing N N 37  
ARG OXT   HXT    sing N N 38  
ASN N     CA     sing N N 39  
ASN N     H      sing N N 40  
ASN N     H2     sing N N 41  
ASN CA    C      sing N N 42  
ASN CA    CB     sing N N 43  
ASN CA    HA     sing N N 44  
ASN C     O      doub N N 45  
ASN C     OXT    sing N N 46  
ASN CB    CG     sing N N 47  
ASN CB    HB2    sing N N 48  
ASN CB    HB3    sing N N 49  
ASN CG    OD1    doub N N 50  
ASN CG    ND2    sing N N 51  
ASN ND2   HD21   sing N N 52  
ASN ND2   HD22   sing N N 53  
ASN OXT   HXT    sing N N 54  
ASP N     CA     sing N N 55  
ASP N     H      sing N N 56  
ASP N     H2     sing N N 57  
ASP CA    C      sing N N 58  
ASP CA    CB     sing N N 59  
ASP CA    HA     sing N N 60  
ASP C     O      doub N N 61  
ASP C     OXT    sing N N 62  
ASP CB    CG     sing N N 63  
ASP CB    HB2    sing N N 64  
ASP CB    HB3    sing N N 65  
ASP CG    OD1    doub N N 66  
ASP CG    OD2    sing N N 67  
ASP OD2   HD2    sing N N 68  
ASP OXT   HXT    sing N N 69  
CYS N     CA     sing N N 70  
CYS N     H      sing N N 71  
CYS N     H2     sing N N 72  
CYS CA    C      sing N N 73  
CYS CA    CB     sing N N 74  
CYS CA    HA     sing N N 75  
CYS C     O      doub N N 76  
CYS C     OXT    sing N N 77  
CYS CB    SG     sing N N 78  
CYS CB    HB2    sing N N 79  
CYS CB    HB3    sing N N 80  
CYS SG    HG     sing N N 81  
CYS OXT   HXT    sing N N 82  
DA  OP3   P      sing N N 83  
DA  OP3   HOP3   sing N N 84  
DA  P     OP1    doub N N 85  
DA  P     OP2    sing N N 86  
DA  P     "O5'"  sing N N 87  
DA  OP2   HOP2   sing N N 88  
DA  "O5'" "C5'"  sing N N 89  
DA  "C5'" "C4'"  sing N N 90  
DA  "C5'" "H5'"  sing N N 91  
DA  "C5'" "H5''" sing N N 92  
DA  "C4'" "O4'"  sing N N 93  
DA  "C4'" "C3'"  sing N N 94  
DA  "C4'" "H4'"  sing N N 95  
DA  "O4'" "C1'"  sing N N 96  
DA  "C3'" "O3'"  sing N N 97  
DA  "C3'" "C2'"  sing N N 98  
DA  "C3'" "H3'"  sing N N 99  
DA  "O3'" "HO3'" sing N N 100 
DA  "C2'" "C1'"  sing N N 101 
DA  "C2'" "H2'"  sing N N 102 
DA  "C2'" "H2''" sing N N 103 
DA  "C1'" N9     sing N N 104 
DA  "C1'" "H1'"  sing N N 105 
DA  N9    C8     sing Y N 106 
DA  N9    C4     sing Y N 107 
DA  C8    N7     doub Y N 108 
DA  C8    H8     sing N N 109 
DA  N7    C5     sing Y N 110 
DA  C5    C6     sing Y N 111 
DA  C5    C4     doub Y N 112 
DA  C6    N6     sing N N 113 
DA  C6    N1     doub Y N 114 
DA  N6    H61    sing N N 115 
DA  N6    H62    sing N N 116 
DA  N1    C2     sing Y N 117 
DA  C2    N3     doub Y N 118 
DA  C2    H2     sing N N 119 
DA  N3    C4     sing Y N 120 
DC  OP3   P      sing N N 121 
DC  OP3   HOP3   sing N N 122 
DC  P     OP1    doub N N 123 
DC  P     OP2    sing N N 124 
DC  P     "O5'"  sing N N 125 
DC  OP2   HOP2   sing N N 126 
DC  "O5'" "C5'"  sing N N 127 
DC  "C5'" "C4'"  sing N N 128 
DC  "C5'" "H5'"  sing N N 129 
DC  "C5'" "H5''" sing N N 130 
DC  "C4'" "O4'"  sing N N 131 
DC  "C4'" "C3'"  sing N N 132 
DC  "C4'" "H4'"  sing N N 133 
DC  "O4'" "C1'"  sing N N 134 
DC  "C3'" "O3'"  sing N N 135 
DC  "C3'" "C2'"  sing N N 136 
DC  "C3'" "H3'"  sing N N 137 
DC  "O3'" "HO3'" sing N N 138 
DC  "C2'" "C1'"  sing N N 139 
DC  "C2'" "H2'"  sing N N 140 
DC  "C2'" "H2''" sing N N 141 
DC  "C1'" N1     sing N N 142 
DC  "C1'" "H1'"  sing N N 143 
DC  N1    C2     sing N N 144 
DC  N1    C6     sing N N 145 
DC  C2    O2     doub N N 146 
DC  C2    N3     sing N N 147 
DC  N3    C4     doub N N 148 
DC  C4    N4     sing N N 149 
DC  C4    C5     sing N N 150 
DC  N4    H41    sing N N 151 
DC  N4    H42    sing N N 152 
DC  C5    C6     doub N N 153 
DC  C5    H5     sing N N 154 
DC  C6    H6     sing N N 155 
DG  OP3   P      sing N N 156 
DG  OP3   HOP3   sing N N 157 
DG  P     OP1    doub N N 158 
DG  P     OP2    sing N N 159 
DG  P     "O5'"  sing N N 160 
DG  OP2   HOP2   sing N N 161 
DG  "O5'" "C5'"  sing N N 162 
DG  "C5'" "C4'"  sing N N 163 
DG  "C5'" "H5'"  sing N N 164 
DG  "C5'" "H5''" sing N N 165 
DG  "C4'" "O4'"  sing N N 166 
DG  "C4'" "C3'"  sing N N 167 
DG  "C4'" "H4'"  sing N N 168 
DG  "O4'" "C1'"  sing N N 169 
DG  "C3'" "O3'"  sing N N 170 
DG  "C3'" "C2'"  sing N N 171 
DG  "C3'" "H3'"  sing N N 172 
DG  "O3'" "HO3'" sing N N 173 
DG  "C2'" "C1'"  sing N N 174 
DG  "C2'" "H2'"  sing N N 175 
DG  "C2'" "H2''" sing N N 176 
DG  "C1'" N9     sing N N 177 
DG  "C1'" "H1'"  sing N N 178 
DG  N9    C8     sing Y N 179 
DG  N9    C4     sing Y N 180 
DG  C8    N7     doub Y N 181 
DG  C8    H8     sing N N 182 
DG  N7    C5     sing Y N 183 
DG  C5    C6     sing N N 184 
DG  C5    C4     doub Y N 185 
DG  C6    O6     doub N N 186 
DG  C6    N1     sing N N 187 
DG  N1    C2     sing N N 188 
DG  N1    H1     sing N N 189 
DG  C2    N2     sing N N 190 
DG  C2    N3     doub N N 191 
DG  N2    H21    sing N N 192 
DG  N2    H22    sing N N 193 
DG  N3    C4     sing N N 194 
DT  OP3   P      sing N N 195 
DT  OP3   HOP3   sing N N 196 
DT  P     OP1    doub N N 197 
DT  P     OP2    sing N N 198 
DT  P     "O5'"  sing N N 199 
DT  OP2   HOP2   sing N N 200 
DT  "O5'" "C5'"  sing N N 201 
DT  "C5'" "C4'"  sing N N 202 
DT  "C5'" "H5'"  sing N N 203 
DT  "C5'" "H5''" sing N N 204 
DT  "C4'" "O4'"  sing N N 205 
DT  "C4'" "C3'"  sing N N 206 
DT  "C4'" "H4'"  sing N N 207 
DT  "O4'" "C1'"  sing N N 208 
DT  "C3'" "O3'"  sing N N 209 
DT  "C3'" "C2'"  sing N N 210 
DT  "C3'" "H3'"  sing N N 211 
DT  "O3'" "HO3'" sing N N 212 
DT  "C2'" "C1'"  sing N N 213 
DT  "C2'" "H2'"  sing N N 214 
DT  "C2'" "H2''" sing N N 215 
DT  "C1'" N1     sing N N 216 
DT  "C1'" "H1'"  sing N N 217 
DT  N1    C2     sing N N 218 
DT  N1    C6     sing N N 219 
DT  C2    O2     doub N N 220 
DT  C2    N3     sing N N 221 
DT  N3    C4     sing N N 222 
DT  N3    H3     sing N N 223 
DT  C4    O4     doub N N 224 
DT  C4    C5     sing N N 225 
DT  C5    C7     sing N N 226 
DT  C5    C6     doub N N 227 
DT  C7    H71    sing N N 228 
DT  C7    H72    sing N N 229 
DT  C7    H73    sing N N 230 
DT  C6    H6     sing N N 231 
GLN N     CA     sing N N 232 
GLN N     H      sing N N 233 
GLN N     H2     sing N N 234 
GLN CA    C      sing N N 235 
GLN CA    CB     sing N N 236 
GLN CA    HA     sing N N 237 
GLN C     O      doub N N 238 
GLN C     OXT    sing N N 239 
GLN CB    CG     sing N N 240 
GLN CB    HB2    sing N N 241 
GLN CB    HB3    sing N N 242 
GLN CG    CD     sing N N 243 
GLN CG    HG2    sing N N 244 
GLN CG    HG3    sing N N 245 
GLN CD    OE1    doub N N 246 
GLN CD    NE2    sing N N 247 
GLN NE2   HE21   sing N N 248 
GLN NE2   HE22   sing N N 249 
GLN OXT   HXT    sing N N 250 
GLU N     CA     sing N N 251 
GLU N     H      sing N N 252 
GLU N     H2     sing N N 253 
GLU CA    C      sing N N 254 
GLU CA    CB     sing N N 255 
GLU CA    HA     sing N N 256 
GLU C     O      doub N N 257 
GLU C     OXT    sing N N 258 
GLU CB    CG     sing N N 259 
GLU CB    HB2    sing N N 260 
GLU CB    HB3    sing N N 261 
GLU CG    CD     sing N N 262 
GLU CG    HG2    sing N N 263 
GLU CG    HG3    sing N N 264 
GLU CD    OE1    doub N N 265 
GLU CD    OE2    sing N N 266 
GLU OE2   HE2    sing N N 267 
GLU OXT   HXT    sing N N 268 
GLY N     CA     sing N N 269 
GLY N     H      sing N N 270 
GLY N     H2     sing N N 271 
GLY CA    C      sing N N 272 
GLY CA    HA2    sing N N 273 
GLY CA    HA3    sing N N 274 
GLY C     O      doub N N 275 
GLY C     OXT    sing N N 276 
GLY OXT   HXT    sing N N 277 
HIS N     CA     sing N N 278 
HIS N     H      sing N N 279 
HIS N     H2     sing N N 280 
HIS CA    C      sing N N 281 
HIS CA    CB     sing N N 282 
HIS CA    HA     sing N N 283 
HIS C     O      doub N N 284 
HIS C     OXT    sing N N 285 
HIS CB    CG     sing N N 286 
HIS CB    HB2    sing N N 287 
HIS CB    HB3    sing N N 288 
HIS CG    ND1    sing Y N 289 
HIS CG    CD2    doub Y N 290 
HIS ND1   CE1    doub Y N 291 
HIS ND1   HD1    sing N N 292 
HIS CD2   NE2    sing Y N 293 
HIS CD2   HD2    sing N N 294 
HIS CE1   NE2    sing Y N 295 
HIS CE1   HE1    sing N N 296 
HIS NE2   HE2    sing N N 297 
HIS OXT   HXT    sing N N 298 
ILE N     CA     sing N N 299 
ILE N     H      sing N N 300 
ILE N     H2     sing N N 301 
ILE CA    C      sing N N 302 
ILE CA    CB     sing N N 303 
ILE CA    HA     sing N N 304 
ILE C     O      doub N N 305 
ILE C     OXT    sing N N 306 
ILE CB    CG1    sing N N 307 
ILE CB    CG2    sing N N 308 
ILE CB    HB     sing N N 309 
ILE CG1   CD1    sing N N 310 
ILE CG1   HG12   sing N N 311 
ILE CG1   HG13   sing N N 312 
ILE CG2   HG21   sing N N 313 
ILE CG2   HG22   sing N N 314 
ILE CG2   HG23   sing N N 315 
ILE CD1   HD11   sing N N 316 
ILE CD1   HD12   sing N N 317 
ILE CD1   HD13   sing N N 318 
ILE OXT   HXT    sing N N 319 
LEU N     CA     sing N N 320 
LEU N     H      sing N N 321 
LEU N     H2     sing N N 322 
LEU CA    C      sing N N 323 
LEU CA    CB     sing N N 324 
LEU CA    HA     sing N N 325 
LEU C     O      doub N N 326 
LEU C     OXT    sing N N 327 
LEU CB    CG     sing N N 328 
LEU CB    HB2    sing N N 329 
LEU CB    HB3    sing N N 330 
LEU CG    CD1    sing N N 331 
LEU CG    CD2    sing N N 332 
LEU CG    HG     sing N N 333 
LEU CD1   HD11   sing N N 334 
LEU CD1   HD12   sing N N 335 
LEU CD1   HD13   sing N N 336 
LEU CD2   HD21   sing N N 337 
LEU CD2   HD22   sing N N 338 
LEU CD2   HD23   sing N N 339 
LEU OXT   HXT    sing N N 340 
LYS N     CA     sing N N 341 
LYS N     H      sing N N 342 
LYS N     H2     sing N N 343 
LYS CA    C      sing N N 344 
LYS CA    CB     sing N N 345 
LYS CA    HA     sing N N 346 
LYS C     O      doub N N 347 
LYS C     OXT    sing N N 348 
LYS CB    CG     sing N N 349 
LYS CB    HB2    sing N N 350 
LYS CB    HB3    sing N N 351 
LYS CG    CD     sing N N 352 
LYS CG    HG2    sing N N 353 
LYS CG    HG3    sing N N 354 
LYS CD    CE     sing N N 355 
LYS CD    HD2    sing N N 356 
LYS CD    HD3    sing N N 357 
LYS CE    NZ     sing N N 358 
LYS CE    HE2    sing N N 359 
LYS CE    HE3    sing N N 360 
LYS NZ    HZ1    sing N N 361 
LYS NZ    HZ2    sing N N 362 
LYS NZ    HZ3    sing N N 363 
LYS OXT   HXT    sing N N 364 
MET N     CA     sing N N 365 
MET N     H      sing N N 366 
MET N     H2     sing N N 367 
MET CA    C      sing N N 368 
MET CA    CB     sing N N 369 
MET CA    HA     sing N N 370 
MET C     O      doub N N 371 
MET C     OXT    sing N N 372 
MET CB    CG     sing N N 373 
MET CB    HB2    sing N N 374 
MET CB    HB3    sing N N 375 
MET CG    SD     sing N N 376 
MET CG    HG2    sing N N 377 
MET CG    HG3    sing N N 378 
MET SD    CE     sing N N 379 
MET CE    HE1    sing N N 380 
MET CE    HE2    sing N N 381 
MET CE    HE3    sing N N 382 
MET OXT   HXT    sing N N 383 
PHE N     CA     sing N N 384 
PHE N     H      sing N N 385 
PHE N     H2     sing N N 386 
PHE CA    C      sing N N 387 
PHE CA    CB     sing N N 388 
PHE CA    HA     sing N N 389 
PHE C     O      doub N N 390 
PHE C     OXT    sing N N 391 
PHE CB    CG     sing N N 392 
PHE CB    HB2    sing N N 393 
PHE CB    HB3    sing N N 394 
PHE CG    CD1    doub Y N 395 
PHE CG    CD2    sing Y N 396 
PHE CD1   CE1    sing Y N 397 
PHE CD1   HD1    sing N N 398 
PHE CD2   CE2    doub Y N 399 
PHE CD2   HD2    sing N N 400 
PHE CE1   CZ     doub Y N 401 
PHE CE1   HE1    sing N N 402 
PHE CE2   CZ     sing Y N 403 
PHE CE2   HE2    sing N N 404 
PHE CZ    HZ     sing N N 405 
PHE OXT   HXT    sing N N 406 
PRO N     CA     sing N N 407 
PRO N     CD     sing N N 408 
PRO N     H      sing N N 409 
PRO CA    C      sing N N 410 
PRO CA    CB     sing N N 411 
PRO CA    HA     sing N N 412 
PRO C     O      doub N N 413 
PRO C     OXT    sing N N 414 
PRO CB    CG     sing N N 415 
PRO CB    HB2    sing N N 416 
PRO CB    HB3    sing N N 417 
PRO CG    CD     sing N N 418 
PRO CG    HG2    sing N N 419 
PRO CG    HG3    sing N N 420 
PRO CD    HD2    sing N N 421 
PRO CD    HD3    sing N N 422 
PRO OXT   HXT    sing N N 423 
SER N     CA     sing N N 424 
SER N     H      sing N N 425 
SER N     H2     sing N N 426 
SER CA    C      sing N N 427 
SER CA    CB     sing N N 428 
SER CA    HA     sing N N 429 
SER C     O      doub N N 430 
SER C     OXT    sing N N 431 
SER CB    OG     sing N N 432 
SER CB    HB2    sing N N 433 
SER CB    HB3    sing N N 434 
SER OG    HG     sing N N 435 
SER OXT   HXT    sing N N 436 
THR N     CA     sing N N 437 
THR N     H      sing N N 438 
THR N     H2     sing N N 439 
THR CA    C      sing N N 440 
THR CA    CB     sing N N 441 
THR CA    HA     sing N N 442 
THR C     O      doub N N 443 
THR C     OXT    sing N N 444 
THR CB    OG1    sing N N 445 
THR CB    CG2    sing N N 446 
THR CB    HB     sing N N 447 
THR OG1   HG1    sing N N 448 
THR CG2   HG21   sing N N 449 
THR CG2   HG22   sing N N 450 
THR CG2   HG23   sing N N 451 
THR OXT   HXT    sing N N 452 
TYR N     CA     sing N N 453 
TYR N     H      sing N N 454 
TYR N     H2     sing N N 455 
TYR CA    C      sing N N 456 
TYR CA    CB     sing N N 457 
TYR CA    HA     sing N N 458 
TYR C     O      doub N N 459 
TYR C     OXT    sing N N 460 
TYR CB    CG     sing N N 461 
TYR CB    HB2    sing N N 462 
TYR CB    HB3    sing N N 463 
TYR CG    CD1    doub Y N 464 
TYR CG    CD2    sing Y N 465 
TYR CD1   CE1    sing Y N 466 
TYR CD1   HD1    sing N N 467 
TYR CD2   CE2    doub Y N 468 
TYR CD2   HD2    sing N N 469 
TYR CE1   CZ     doub Y N 470 
TYR CE1   HE1    sing N N 471 
TYR CE2   CZ     sing Y N 472 
TYR CE2   HE2    sing N N 473 
TYR CZ    OH     sing N N 474 
TYR OH    HH     sing N N 475 
TYR OXT   HXT    sing N N 476 
VAL N     CA     sing N N 477 
VAL N     H      sing N N 478 
VAL N     H2     sing N N 479 
VAL CA    C      sing N N 480 
VAL CA    CB     sing N N 481 
VAL CA    HA     sing N N 482 
VAL C     O      doub N N 483 
VAL C     OXT    sing N N 484 
VAL CB    CG1    sing N N 485 
VAL CB    CG2    sing N N 486 
VAL CB    HB     sing N N 487 
VAL CG1   HG11   sing N N 488 
VAL CG1   HG12   sing N N 489 
VAL CG1   HG13   sing N N 490 
VAL CG2   HG21   sing N N 491 
VAL CG2   HG22   sing N N 492 
VAL CG2   HG23   sing N N 493 
VAL OXT   HXT    sing N N 494 
# 
loop_
_pdbx_coordinate_model.asym_id 
_pdbx_coordinate_model.type 
A 'P ATOMS ONLY'  
B 'P ATOMS ONLY'  
C 'P ATOMS ONLY'  
D 'P ATOMS ONLY'  
E 'CA ATOMS ONLY' 
F 'CA ATOMS ONLY' 
G 'CA ATOMS ONLY' 
H 'CA ATOMS ONLY' 
# 
_pdbx_initial_refinement_model.id               1 
_pdbx_initial_refinement_model.entity_id_list   ? 
_pdbx_initial_refinement_model.type             'experimental model' 
_pdbx_initial_refinement_model.source_name      PDB 
_pdbx_initial_refinement_model.accession_code   1CUK 
_pdbx_initial_refinement_model.details          ? 
# 
